data_2VYN
#
_entry.id   2VYN
#
_cell.length_a   68.445
_cell.length_b   103.562
_cell.length_c   177.832
_cell.angle_alpha   90.00
_cell.angle_beta   90.00
_cell.angle_gamma   90.00
#
_symmetry.space_group_name_H-M   'P 21 21 21'
#
loop_
_entity.id
_entity.type
_entity.pdbx_description
1 polymer 'GLYCERALDEHYDE-3-PHOSPHATE DEHYDROGENASE'
2 polymer 'GLYCERALDEHYDE-3-PHOSPHATE DEHYDROGENASE'
3 non-polymer 'FORMIC ACID'
4 non-polymer NICOTINAMIDE-ADENINE-DINUCLEOTIDE
5 water water
#
loop_
_entity_poly.entity_id
_entity_poly.type
_entity_poly.pdbx_seq_one_letter_code
_entity_poly.pdbx_strand_id
1 'polypeptide(L)'
;MTIKVGINGFGRIGRIVFRAAQKRSDIEIVAINDLLDADYMAYMLKYDSTHGRFDGTVEVKDGHLIVNGKKIRVTAERDP
ANLKWDEVGVDVVAEATGLFLTDETARKHITAGAKKVVMTGPSKDNTPMFVKGANFDKYAGQDIVSNAS(CSD)TTNCLA
PLAKVINDNFGIIEGLMTTVHATTATQKTVDGPSHKDWRGGRGASQNIIPSSTGAAKAVGKVLPELNGKLTGMAFRVPTP
NVSVVDLTVRLEKAATYEQIKAAVKAAAEGEMKGVLGYTEDDVVSTDFNGEV(CSD)TSVFDAKAGIALNDNFVKLVSWY
DNETGYSNKVLDLIAHISK
;
A,B,C
2 'polypeptide(L)'
;MVKVGINGFGRIGRLVLRVCMEKGVRVVAVNDPFIDPEYMVYMFKYDSTHGRYKGTVEHKNGRLVVDNLEINVFQ(CSX)
KEPKEIPWSSVGNPYVVEATGVYLSIEAASGHISSGARRVIVTAPSPDAPMLVMGVNEKDYNPGSMTVVSNAS(CSD)TT
NCLAPLAKVIHERFGIVEGLMTTVHAYTATQKTVDGPSKKDWRGGRGAHQNIIPSSTGAAKAVGKVIPELNGKLTGMAFR
VPTPNVSVVDLTCRLAQPASYTAIKEAVKAAAKGPMAGILAYTEDQVVSTDFNGDSHSSIFDAKAGIALNDNFVKLVSWY
DNEYGYSHRVVDLLRYMFSREK
;
D
#
# COMPACT_ATOMS: atom_id res chain seq x y z
N THR A 2 -37.85 7.66 21.61
CA THR A 2 -36.66 7.65 20.71
C THR A 2 -36.59 6.29 20.05
N ILE A 3 -35.99 6.20 18.87
CA ILE A 3 -35.90 4.92 18.15
C ILE A 3 -34.77 4.08 18.75
N LYS A 4 -35.14 2.91 19.26
CA LYS A 4 -34.18 2.00 19.88
C LYS A 4 -33.63 1.00 18.88
N VAL A 5 -32.31 1.04 18.67
CA VAL A 5 -31.67 0.20 17.65
C VAL A 5 -30.76 -0.88 18.26
N GLY A 6 -30.91 -2.10 17.76
CA GLY A 6 -29.94 -3.17 17.95
C GLY A 6 -29.11 -3.34 16.69
N ILE A 7 -27.79 -3.46 16.86
CA ILE A 7 -26.88 -3.70 15.76
C ILE A 7 -26.48 -5.16 15.77
N ASN A 8 -26.78 -5.87 14.68
CA ASN A 8 -26.27 -7.23 14.52
C ASN A 8 -25.08 -7.26 13.56
N GLY A 9 -23.89 -7.57 14.09
CA GLY A 9 -22.67 -7.47 13.32
C GLY A 9 -22.01 -6.13 13.56
N PHE A 10 -21.02 -6.14 14.45
CA PHE A 10 -20.30 -4.96 14.85
C PHE A 10 -19.02 -4.84 13.99
N GLY A 11 -19.22 -4.88 12.68
CA GLY A 11 -18.13 -4.84 11.69
C GLY A 11 -17.89 -3.42 11.23
N ARG A 12 -17.35 -3.25 10.03
CA ARG A 12 -17.16 -1.90 9.51
C ARG A 12 -18.45 -1.09 9.52
N ILE A 13 -19.52 -1.65 8.96
CA ILE A 13 -20.80 -0.94 8.93
C ILE A 13 -21.40 -0.82 10.33
N GLY A 14 -21.45 -1.93 11.06
CA GLY A 14 -21.97 -1.92 12.43
C GLY A 14 -21.35 -0.83 13.30
N ARG A 15 -20.03 -0.75 13.29
CA ARG A 15 -19.34 0.19 14.15
C ARG A 15 -19.46 1.63 13.67
N ILE A 16 -19.53 1.83 12.35
CA ILE A 16 -19.67 3.18 11.80
C ILE A 16 -21.14 3.67 11.90
N VAL A 17 -22.09 2.76 11.76
CA VAL A 17 -23.49 3.03 12.12
C VAL A 17 -23.54 3.48 13.60
N PHE A 18 -22.86 2.74 14.48
CA PHE A 18 -22.81 3.10 15.89
C PHE A 18 -22.31 4.53 16.14
N ARG A 19 -21.13 4.85 15.61
CA ARG A 19 -20.58 6.20 15.70
C ARG A 19 -21.56 7.26 15.19
N ALA A 20 -22.15 7.01 14.03
CA ALA A 20 -23.06 7.97 13.43
C ALA A 20 -24.33 8.15 14.26
N ALA A 21 -24.73 7.10 14.99
CA ALA A 21 -25.92 7.19 15.84
C ALA A 21 -25.70 8.12 17.04
N GLN A 22 -24.44 8.27 17.48
CA GLN A 22 -24.12 9.08 18.67
C GLN A 22 -24.42 10.55 18.46
N LYS A 23 -24.44 10.99 17.20
CA LYS A 23 -24.68 12.38 16.84
C LYS A 23 -26.14 12.63 16.44
N ARG A 24 -27.01 11.65 16.65
CA ARG A 24 -28.45 11.81 16.43
C ARG A 24 -29.21 11.68 17.75
N SER A 25 -30.29 12.44 17.88
CA SER A 25 -31.10 12.41 19.11
C SER A 25 -32.35 11.56 18.93
N ASP A 26 -32.70 11.27 17.69
CA ASP A 26 -33.87 10.45 17.37
C ASP A 26 -33.58 8.95 17.48
N ILE A 27 -32.30 8.59 17.51
CA ILE A 27 -31.87 7.20 17.50
C ILE A 27 -30.83 6.91 18.57
N GLU A 28 -31.06 5.86 19.36
CA GLU A 28 -30.07 5.39 20.31
C GLU A 28 -29.86 3.89 20.14
N ILE A 29 -28.58 3.49 20.17
CA ILE A 29 -28.22 2.08 20.12
C ILE A 29 -28.31 1.51 21.53
N VAL A 30 -29.15 0.51 21.71
CA VAL A 30 -29.35 -0.08 23.04
C VAL A 30 -28.67 -1.44 23.21
N ALA A 31 -28.29 -2.06 22.09
CA ALA A 31 -27.69 -3.38 22.13
C ALA A 31 -26.88 -3.69 20.87
N ILE A 32 -25.85 -4.49 21.07
CA ILE A 32 -24.96 -4.89 19.99
C ILE A 32 -24.72 -6.38 20.09
N ASN A 33 -24.85 -7.07 18.95
CA ASN A 33 -24.54 -8.49 18.84
C ASN A 33 -23.46 -8.74 17.80
N ASP A 34 -22.54 -9.64 18.13
CA ASP A 34 -21.48 -10.08 17.24
C ASP A 34 -21.02 -11.40 17.85
N LEU A 35 -19.79 -11.80 17.60
CA LEU A 35 -19.29 -13.08 18.12
C LEU A 35 -18.11 -12.84 19.05
N LEU A 36 -18.18 -11.74 19.81
CA LEU A 36 -17.02 -11.17 20.54
C LEU A 36 -17.35 -10.72 21.97
N ASP A 37 -16.35 -10.81 22.86
CA ASP A 37 -16.46 -10.31 24.23
C ASP A 37 -16.69 -8.80 24.22
N ALA A 38 -17.36 -8.32 25.26
CA ALA A 38 -17.57 -6.89 25.45
C ALA A 38 -16.26 -6.08 25.46
N ASP A 39 -15.19 -6.60 26.07
CA ASP A 39 -13.96 -5.82 26.16
C ASP A 39 -13.30 -5.63 24.80
N TYR A 40 -13.44 -6.63 23.93
CA TYR A 40 -12.94 -6.54 22.57
C TYR A 40 -13.80 -5.58 21.73
N MET A 41 -15.10 -5.61 21.97
CA MET A 41 -16.00 -4.66 21.30
C MET A 41 -15.64 -3.22 21.64
N ALA A 42 -15.31 -2.99 22.91
CA ALA A 42 -14.89 -1.67 23.39
C ALA A 42 -13.65 -1.19 22.65
N TYR A 43 -12.66 -2.08 22.55
CA TYR A 43 -11.44 -1.81 21.80
C TYR A 43 -11.72 -1.50 20.31
N MET A 44 -12.55 -2.32 19.69
CA MET A 44 -12.88 -2.12 18.28
C MET A 44 -13.57 -0.79 18.04
N LEU A 45 -14.46 -0.39 18.97
CA LEU A 45 -15.09 0.94 18.93
C LEU A 45 -14.11 2.11 19.16
N LYS A 46 -13.26 1.98 20.17
CA LYS A 46 -12.36 3.04 20.62
C LYS A 46 -11.38 3.45 19.54
N TYR A 47 -10.81 2.47 18.84
CA TYR A 47 -9.75 2.71 17.88
C TYR A 47 -10.18 2.27 16.50
N ASP A 48 -9.89 3.11 15.52
CA ASP A 48 -10.26 2.82 14.14
C ASP A 48 -9.18 3.32 13.18
N SER A 49 -8.61 2.40 12.41
CA SER A 49 -7.54 2.75 11.46
C SER A 49 -7.93 3.80 10.41
N THR A 50 -9.20 3.81 10.04
CA THR A 50 -9.68 4.66 8.96
C THR A 50 -10.24 5.98 9.48
N HIS A 51 -10.97 5.90 10.60
CA HIS A 51 -11.75 7.05 11.10
C HIS A 51 -11.25 7.59 12.43
N GLY A 52 -10.15 7.05 12.94
CA GLY A 52 -9.54 7.55 14.17
C GLY A 52 -10.28 7.17 15.45
N ARG A 53 -9.79 7.71 16.56
CA ARG A 53 -10.29 7.36 17.87
C ARG A 53 -11.73 7.81 18.04
N PHE A 54 -12.51 7.02 18.77
CA PHE A 54 -13.87 7.34 19.07
C PHE A 54 -13.94 8.65 19.88
N ASP A 55 -14.80 9.55 19.45
CA ASP A 55 -15.04 10.81 20.12
C ASP A 55 -15.94 10.61 21.34
N GLY A 56 -15.33 10.36 22.50
CA GLY A 56 -16.09 10.14 23.71
C GLY A 56 -15.56 9.02 24.59
N THR A 57 -16.41 8.54 25.48
CA THR A 57 -15.97 7.63 26.52
C THR A 57 -16.50 6.23 26.28
N VAL A 58 -15.61 5.25 26.38
CA VAL A 58 -16.04 3.86 26.35
C VAL A 58 -15.34 3.05 27.44
N GLU A 59 -16.15 2.32 28.19
CA GLU A 59 -15.67 1.44 29.24
C GLU A 59 -16.50 0.17 29.23
N VAL A 60 -15.96 -0.90 29.79
CA VAL A 60 -16.71 -2.11 30.01
C VAL A 60 -17.10 -2.17 31.48
N LYS A 61 -18.36 -2.48 31.74
CA LYS A 61 -18.87 -2.65 33.10
C LYS A 61 -19.80 -3.85 33.10
N ASP A 62 -19.53 -4.81 33.98
CA ASP A 62 -20.38 -6.00 34.14
C ASP A 62 -20.76 -6.68 32.81
N GLY A 63 -19.78 -6.82 31.92
CA GLY A 63 -19.96 -7.51 30.64
C GLY A 63 -20.75 -6.73 29.61
N HIS A 64 -21.03 -5.46 29.90
CA HIS A 64 -21.68 -4.57 28.93
C HIS A 64 -20.87 -3.29 28.70
N LEU A 65 -21.18 -2.60 27.62
CA LEU A 65 -20.49 -1.38 27.26
C LEU A 65 -21.15 -0.20 27.92
N ILE A 66 -20.33 0.73 28.39
CA ILE A 66 -20.81 2.06 28.77
C ILE A 66 -20.17 3.02 27.80
N VAL A 67 -20.98 3.57 26.90
CA VAL A 67 -20.52 4.49 25.86
C VAL A 67 -21.19 5.85 26.03
N ASN A 68 -20.37 6.88 26.22
CA ASN A 68 -20.84 8.23 26.57
C ASN A 68 -21.88 8.19 27.70
N GLY A 69 -21.59 7.39 28.72
CA GLY A 69 -22.44 7.28 29.89
C GLY A 69 -23.53 6.22 29.84
N LYS A 70 -23.95 5.82 28.64
CA LYS A 70 -25.09 4.90 28.48
C LYS A 70 -24.69 3.42 28.33
N LYS A 71 -25.43 2.56 29.00
CA LYS A 71 -25.20 1.11 28.96
C LYS A 71 -25.73 0.48 27.67
N ILE A 72 -24.84 -0.20 26.93
CA ILE A 72 -25.26 -0.96 25.75
C ILE A 72 -25.12 -2.45 26.03
N ARG A 73 -26.21 -3.21 25.88
CA ARG A 73 -26.13 -4.66 26.07
C ARG A 73 -25.27 -5.27 24.97
N VAL A 74 -24.40 -6.17 25.37
CA VAL A 74 -23.55 -6.92 24.46
C VAL A 74 -23.98 -8.37 24.53
N THR A 75 -24.21 -8.96 23.37
CA THR A 75 -24.42 -10.40 23.30
C THR A 75 -23.52 -11.00 22.23
N ALA A 76 -23.38 -12.32 22.27
CA ALA A 76 -22.62 -13.05 21.27
C ALA A 76 -23.38 -14.27 20.74
N GLU A 77 -24.56 -14.03 20.19
CA GLU A 77 -25.37 -15.10 19.60
C GLU A 77 -25.14 -15.20 18.10
N ARG A 78 -24.83 -16.42 17.64
CA ARG A 78 -24.61 -16.69 16.23
C ARG A 78 -25.93 -16.76 15.47
N ASP A 79 -27.00 -17.10 16.18
CA ASP A 79 -28.33 -17.27 15.58
C ASP A 79 -29.19 -16.08 16.01
N PRO A 80 -29.62 -15.24 15.05
CA PRO A 80 -30.41 -14.05 15.35
C PRO A 80 -31.67 -14.34 16.15
N ALA A 81 -32.28 -15.50 15.93
CA ALA A 81 -33.51 -15.88 16.63
C ALA A 81 -33.32 -15.95 18.14
N ASN A 82 -32.07 -16.10 18.58
CA ASN A 82 -31.76 -16.21 20.00
C ASN A 82 -31.46 -14.88 20.67
N LEU A 83 -31.73 -13.78 19.97
CA LEU A 83 -31.21 -12.48 20.37
C LEU A 83 -31.95 -11.73 21.49
N LYS A 84 -33.17 -12.15 21.81
CA LYS A 84 -33.93 -11.50 22.89
C LYS A 84 -33.87 -9.97 22.78
N TRP A 85 -34.11 -9.46 21.57
CA TRP A 85 -34.15 -8.04 21.33
C TRP A 85 -35.24 -7.37 22.16
N ASP A 86 -36.31 -8.12 22.43
CA ASP A 86 -37.44 -7.61 23.23
C ASP A 86 -37.02 -7.22 24.65
N GLU A 87 -36.06 -7.97 25.21
CA GLU A 87 -35.56 -7.70 26.56
C GLU A 87 -34.94 -6.31 26.71
N VAL A 88 -34.41 -5.77 25.61
CA VAL A 88 -33.93 -4.40 25.61
C VAL A 88 -34.85 -3.44 24.84
N GLY A 89 -36.06 -3.91 24.52
CA GLY A 89 -37.08 -3.10 23.85
C GLY A 89 -36.67 -2.53 22.49
N VAL A 90 -35.94 -3.32 21.70
CA VAL A 90 -35.45 -2.84 20.40
C VAL A 90 -36.57 -2.59 19.39
N ASP A 91 -36.52 -1.43 18.75
CA ASP A 91 -37.45 -1.10 17.68
C ASP A 91 -36.96 -1.69 16.36
N VAL A 92 -35.76 -1.27 15.94
CA VAL A 92 -35.25 -1.68 14.65
C VAL A 92 -33.85 -2.27 14.78
N VAL A 93 -33.64 -3.38 14.08
CA VAL A 93 -32.34 -4.01 14.01
C VAL A 93 -31.63 -3.57 12.74
N ALA A 94 -30.40 -3.09 12.90
CA ALA A 94 -29.51 -2.93 11.77
C ALA A 94 -28.81 -4.26 11.58
N GLU A 95 -29.18 -4.94 10.51
CA GLU A 95 -28.65 -6.26 10.21
C GLU A 95 -27.41 -6.12 9.32
N ALA A 96 -26.24 -6.10 9.97
CA ALA A 96 -24.97 -5.76 9.32
C ALA A 96 -23.91 -6.87 9.35
N THR A 97 -24.34 -8.12 9.44
CA THR A 97 -23.40 -9.25 9.41
C THR A 97 -23.00 -9.67 7.99
N GLY A 98 -23.89 -9.36 7.03
CA GLY A 98 -23.75 -9.84 5.65
C GLY A 98 -24.32 -11.22 5.41
N LEU A 99 -24.87 -11.83 6.47
CA LEU A 99 -25.27 -13.23 6.45
C LEU A 99 -26.77 -13.45 6.34
N PHE A 100 -27.56 -12.39 6.57
CA PHE A 100 -29.00 -12.54 6.71
C PHE A 100 -29.73 -11.53 5.83
N LEU A 101 -29.66 -11.76 4.52
CA LEU A 101 -30.14 -10.80 3.53
C LEU A 101 -31.34 -11.28 2.75
N THR A 102 -32.07 -12.23 3.34
CA THR A 102 -33.39 -12.58 2.81
C THR A 102 -34.41 -12.30 3.89
N ASP A 103 -35.68 -12.20 3.49
CA ASP A 103 -36.76 -12.07 4.46
C ASP A 103 -36.67 -13.15 5.53
N GLU A 104 -36.48 -14.40 5.08
CA GLU A 104 -36.50 -15.57 5.94
C GLU A 104 -35.42 -15.52 7.03
N THR A 105 -34.20 -15.15 6.64
CA THR A 105 -33.10 -15.06 7.60
C THR A 105 -33.25 -13.83 8.49
N ALA A 106 -33.52 -12.68 7.88
CA ALA A 106 -33.64 -11.42 8.63
C ALA A 106 -34.82 -11.40 9.60
N ARG A 107 -35.87 -12.17 9.29
CA ARG A 107 -37.10 -12.22 10.10
C ARG A 107 -36.84 -12.88 11.45
N LYS A 108 -35.75 -13.62 11.56
CA LYS A 108 -35.33 -14.19 12.87
C LYS A 108 -35.21 -13.11 13.96
N HIS A 109 -34.99 -11.87 13.54
CA HIS A 109 -34.85 -10.74 14.45
C HIS A 109 -36.19 -10.32 15.03
N ILE A 110 -37.24 -10.46 14.21
CA ILE A 110 -38.60 -10.17 14.61
C ILE A 110 -39.10 -11.30 15.54
N THR A 111 -38.80 -12.55 15.17
CA THR A 111 -38.96 -13.70 16.06
C THR A 111 -38.31 -13.45 17.43
N ALA A 112 -37.13 -12.84 17.40
CA ALA A 112 -36.36 -12.53 18.60
C ALA A 112 -36.86 -11.26 19.32
N GLY A 113 -37.87 -10.58 18.76
CA GLY A 113 -38.55 -9.50 19.47
C GLY A 113 -38.41 -8.09 18.92
N ALA A 114 -37.62 -7.91 17.88
CA ALA A 114 -37.53 -6.61 17.24
C ALA A 114 -38.81 -6.34 16.43
N LYS A 115 -39.09 -5.06 16.15
N LYS A 115 -39.09 -5.07 16.15
CA LYS A 115 -40.27 -4.68 15.37
CA LYS A 115 -40.27 -4.68 15.37
C LYS A 115 -39.99 -4.67 13.86
C LYS A 115 -39.99 -4.69 13.87
N LYS A 116 -38.84 -4.13 13.47
CA LYS A 116 -38.44 -4.06 12.06
C LYS A 116 -36.93 -4.30 11.87
N VAL A 117 -36.53 -4.63 10.64
CA VAL A 117 -35.13 -4.90 10.29
C VAL A 117 -34.71 -4.12 9.05
N VAL A 118 -33.58 -3.43 9.15
CA VAL A 118 -32.91 -2.80 7.99
C VAL A 118 -31.62 -3.58 7.68
N MET A 119 -31.62 -4.26 6.52
CA MET A 119 -30.44 -4.96 6.05
C MET A 119 -29.49 -3.92 5.52
N THR A 120 -28.24 -3.96 6.00
CA THR A 120 -27.23 -3.00 5.55
C THR A 120 -26.52 -3.50 4.29
N GLY A 121 -27.28 -4.14 3.40
CA GLY A 121 -26.78 -4.59 2.10
C GLY A 121 -27.95 -4.89 1.16
N PRO A 122 -27.65 -5.14 -0.13
CA PRO A 122 -28.70 -5.53 -1.08
C PRO A 122 -29.36 -6.83 -0.64
N SER A 123 -30.69 -6.87 -0.71
CA SER A 123 -31.42 -8.08 -0.37
C SER A 123 -31.23 -9.13 -1.46
N LYS A 124 -31.15 -10.38 -1.04
CA LYS A 124 -30.88 -11.47 -1.96
C LYS A 124 -32.20 -12.07 -2.44
N ASP A 125 -33.31 -11.57 -1.90
CA ASP A 125 -34.64 -11.95 -2.37
C ASP A 125 -35.39 -10.71 -2.84
N ASN A 126 -36.70 -10.70 -2.70
N ASN A 126 -36.70 -10.71 -2.69
CA ASN A 126 -37.52 -9.57 -3.16
CA ASN A 126 -37.56 -9.61 -3.14
C ASN A 126 -37.79 -8.52 -2.08
C ASN A 126 -37.81 -8.54 -2.08
N THR A 127 -37.13 -8.68 -0.94
CA THR A 127 -37.15 -7.68 0.14
C THR A 127 -36.90 -6.30 -0.47
N PRO A 128 -37.81 -5.35 -0.23
CA PRO A 128 -37.71 -4.05 -0.88
C PRO A 128 -36.46 -3.27 -0.47
N MET A 129 -35.87 -2.59 -1.45
CA MET A 129 -34.69 -1.75 -1.23
C MET A 129 -35.07 -0.29 -1.28
N PHE A 130 -34.40 0.51 -0.44
CA PHE A 130 -34.69 1.93 -0.33
C PHE A 130 -33.40 2.74 -0.27
N VAL A 131 -33.34 3.74 -1.13
CA VAL A 131 -32.19 4.60 -1.31
C VAL A 131 -32.67 6.03 -1.17
N LYS A 132 -32.13 6.75 -0.18
CA LYS A 132 -32.49 8.12 0.11
C LYS A 132 -32.18 9.00 -1.09
N GLY A 133 -33.15 9.84 -1.44
CA GLY A 133 -33.03 10.70 -2.62
C GLY A 133 -33.62 10.03 -3.85
N ALA A 134 -33.96 8.75 -3.74
CA ALA A 134 -34.55 8.02 -4.87
C ALA A 134 -35.98 7.59 -4.58
N ASN A 135 -36.17 6.81 -3.52
CA ASN A 135 -37.49 6.21 -3.24
C ASN A 135 -37.86 5.97 -1.78
N PHE A 136 -37.24 6.66 -0.84
CA PHE A 136 -37.63 6.53 0.58
C PHE A 136 -39.15 6.70 0.74
N ASP A 137 -39.71 7.68 0.04
CA ASP A 137 -41.15 8.01 0.11
C ASP A 137 -42.04 6.91 -0.45
N LYS A 138 -41.44 5.88 -1.04
CA LYS A 138 -42.19 4.73 -1.51
C LYS A 138 -42.32 3.65 -0.43
N TYR A 139 -41.63 3.83 0.70
CA TYR A 139 -41.77 2.91 1.83
C TYR A 139 -43.24 2.80 2.25
N ALA A 140 -43.70 1.55 2.39
CA ALA A 140 -45.12 1.22 2.60
C ALA A 140 -45.40 0.37 3.85
N GLY A 141 -44.72 0.69 4.95
CA GLY A 141 -44.98 0.05 6.23
C GLY A 141 -44.43 -1.35 6.42
N GLN A 142 -43.67 -1.82 5.43
CA GLN A 142 -42.99 -3.14 5.46
C GLN A 142 -42.08 -3.30 6.67
N ASP A 143 -42.06 -4.49 7.26
CA ASP A 143 -41.30 -4.72 8.50
C ASP A 143 -39.81 -5.06 8.27
N ILE A 144 -39.47 -5.49 7.06
CA ILE A 144 -38.08 -5.81 6.71
C ILE A 144 -37.73 -5.12 5.40
N VAL A 145 -36.65 -4.36 5.41
CA VAL A 145 -36.21 -3.60 4.22
C VAL A 145 -34.69 -3.67 4.07
N SER A 146 -34.21 -3.28 2.88
CA SER A 146 -32.79 -3.20 2.60
C SER A 146 -32.41 -1.76 2.22
N ASN A 147 -31.23 -1.33 2.63
CA ASN A 147 -30.76 0.02 2.27
C ASN A 147 -29.95 0.01 0.98
N ALA A 148 -30.08 -1.05 0.19
CA ALA A 148 -29.29 -1.28 -1.04
C ALA A 148 -27.79 -1.41 -0.74
N SER A 149 -26.95 -1.16 -1.75
CA SER A 149 -25.50 -1.18 -1.56
C SER A 149 -24.98 0.24 -1.45
N THR A 151 -22.74 1.46 -3.45
CA THR A 151 -22.62 1.93 -4.84
C THR A 151 -23.95 2.43 -5.42
N THR A 152 -25.04 1.70 -5.19
CA THR A 152 -26.37 2.16 -5.58
C THR A 152 -26.73 3.48 -4.90
N ASN A 153 -26.34 3.63 -3.64
CA ASN A 153 -26.57 4.88 -2.92
C ASN A 153 -25.82 6.05 -3.55
N CYS A 154 -24.70 5.76 -4.19
CA CYS A 154 -23.96 6.78 -4.92
C CYS A 154 -24.58 6.98 -6.28
N LEU A 155 -24.85 5.87 -6.98
CA LEU A 155 -25.31 5.96 -8.36
C LEU A 155 -26.74 6.51 -8.50
N ALA A 156 -27.69 5.96 -7.75
CA ALA A 156 -29.11 6.31 -7.91
C ALA A 156 -29.42 7.82 -7.86
N PRO A 157 -28.99 8.52 -6.79
CA PRO A 157 -29.22 9.97 -6.71
C PRO A 157 -28.71 10.72 -7.94
N LEU A 158 -27.49 10.41 -8.36
CA LEU A 158 -26.90 11.03 -9.54
C LEU A 158 -27.72 10.68 -10.78
N ALA A 159 -27.99 9.40 -10.98
CA ALA A 159 -28.76 8.93 -12.13
C ALA A 159 -30.14 9.60 -12.24
N LYS A 160 -30.83 9.73 -11.11
CA LYS A 160 -32.13 10.42 -11.06
C LYS A 160 -32.04 11.88 -11.52
N VAL A 161 -31.07 12.62 -11.00
CA VAL A 161 -30.85 13.98 -11.45
C VAL A 161 -30.57 14.01 -12.97
N ILE A 162 -29.63 13.20 -13.43
CA ILE A 162 -29.33 13.18 -14.87
C ILE A 162 -30.57 12.81 -15.70
N ASN A 163 -31.25 11.73 -15.33
CA ASN A 163 -32.45 11.29 -16.05
C ASN A 163 -33.62 12.27 -16.03
N ASP A 164 -33.93 12.84 -14.85
CA ASP A 164 -35.01 13.82 -14.71
C ASP A 164 -34.80 15.03 -15.60
N ASN A 165 -33.54 15.44 -15.74
CA ASN A 165 -33.22 16.61 -16.54
C ASN A 165 -33.03 16.35 -18.04
N PHE A 166 -32.37 15.26 -18.40
CA PHE A 166 -31.91 15.06 -19.77
C PHE A 166 -32.32 13.74 -20.41
N GLY A 167 -32.79 12.80 -19.60
CA GLY A 167 -33.19 11.48 -20.07
C GLY A 167 -32.01 10.59 -20.41
N ILE A 168 -31.70 9.67 -19.51
CA ILE A 168 -30.68 8.66 -19.79
C ILE A 168 -31.27 7.64 -20.77
N ILE A 169 -30.69 7.56 -21.96
CA ILE A 169 -31.06 6.54 -22.93
C ILE A 169 -30.48 5.20 -22.44
N GLU A 170 -29.20 5.23 -22.12
CA GLU A 170 -28.50 4.03 -21.66
C GLU A 170 -27.24 4.48 -20.96
N GLY A 171 -26.77 3.67 -20.04
CA GLY A 171 -25.58 4.00 -19.29
C GLY A 171 -24.82 2.77 -18.85
N LEU A 172 -23.50 2.89 -18.84
CA LEU A 172 -22.65 1.85 -18.29
C LEU A 172 -21.82 2.49 -17.19
N MET A 173 -21.69 1.79 -16.07
CA MET A 173 -20.99 2.32 -14.91
C MET A 173 -19.82 1.44 -14.47
N THR A 174 -18.75 2.08 -14.01
CA THR A 174 -17.69 1.42 -13.27
C THR A 174 -17.57 2.07 -11.90
N THR A 175 -17.38 1.28 -10.85
CA THR A 175 -16.96 1.84 -9.58
C THR A 175 -15.53 1.40 -9.25
N VAL A 176 -14.66 2.39 -9.06
CA VAL A 176 -13.32 2.11 -8.56
C VAL A 176 -13.47 2.17 -7.04
N HIS A 177 -13.33 1.01 -6.42
CA HIS A 177 -13.84 0.80 -5.08
C HIS A 177 -12.72 0.39 -4.13
N ALA A 178 -12.73 1.00 -2.93
CA ALA A 178 -11.83 0.63 -1.84
C ALA A 178 -11.90 -0.86 -1.50
N THR A 179 -10.80 -1.38 -0.95
CA THR A 179 -10.74 -2.69 -0.33
C THR A 179 -11.77 -2.81 0.80
N THR A 180 -12.42 -3.97 0.92
CA THR A 180 -13.31 -4.23 2.05
C THR A 180 -12.91 -5.48 2.82
N ALA A 181 -13.66 -5.79 3.87
CA ALA A 181 -13.45 -6.96 4.73
C ALA A 181 -13.59 -8.33 4.03
N THR A 182 -14.29 -8.37 2.91
CA THR A 182 -14.42 -9.62 2.15
C THR A 182 -13.15 -10.03 1.40
N GLN A 183 -12.22 -9.10 1.25
CA GLN A 183 -10.97 -9.37 0.54
C GLN A 183 -9.90 -10.00 1.43
N LYS A 184 -8.76 -10.34 0.82
CA LYS A 184 -7.69 -11.06 1.48
C LYS A 184 -6.39 -10.27 1.43
N THR A 185 -5.59 -10.36 2.50
CA THR A 185 -4.31 -9.68 2.57
C THR A 185 -3.32 -10.27 1.55
N VAL A 186 -3.23 -11.60 1.50
CA VAL A 186 -2.38 -12.28 0.52
C VAL A 186 -3.27 -13.23 -0.28
N ASP A 187 -2.87 -13.58 -1.50
CA ASP A 187 -3.65 -14.54 -2.32
C ASP A 187 -4.20 -15.67 -1.47
N GLY A 188 -5.53 -15.70 -1.32
CA GLY A 188 -6.21 -16.74 -0.53
C GLY A 188 -7.54 -17.17 -1.15
N PRO A 189 -8.21 -18.15 -0.50
CA PRO A 189 -9.44 -18.75 -1.03
C PRO A 189 -10.68 -17.87 -0.97
N SER A 190 -11.32 -17.74 -2.12
CA SER A 190 -12.50 -16.94 -2.30
C SER A 190 -13.30 -17.65 -3.38
N HIS A 191 -13.85 -18.81 -3.03
CA HIS A 191 -14.35 -19.73 -4.06
C HIS A 191 -15.52 -19.20 -4.90
N LYS A 192 -16.29 -18.26 -4.34
CA LYS A 192 -17.40 -17.63 -5.09
C LYS A 192 -16.92 -16.51 -6.02
N ASP A 193 -15.69 -16.04 -5.78
CA ASP A 193 -15.16 -14.89 -6.50
C ASP A 193 -13.65 -15.01 -6.53
N TRP A 194 -13.13 -15.76 -7.51
CA TRP A 194 -11.71 -16.10 -7.57
C TRP A 194 -10.81 -14.88 -7.53
N ARG A 195 -11.12 -13.87 -8.34
CA ARG A 195 -10.37 -12.60 -8.33
C ARG A 195 -10.34 -11.94 -6.94
N GLY A 196 -11.47 -11.99 -6.24
CA GLY A 196 -11.62 -11.43 -4.90
C GLY A 196 -10.75 -12.04 -3.81
N GLY A 197 -10.13 -13.18 -4.10
CA GLY A 197 -9.19 -13.82 -3.19
C GLY A 197 -7.76 -13.33 -3.27
N ARG A 198 -7.43 -12.60 -4.34
CA ARG A 198 -6.07 -12.14 -4.60
C ARG A 198 -5.67 -10.97 -3.67
N GLY A 199 -4.40 -10.92 -3.29
CA GLY A 199 -3.90 -9.89 -2.36
C GLY A 199 -4.50 -8.52 -2.65
N ALA A 200 -5.31 -8.02 -1.73
CA ALA A 200 -6.08 -6.78 -1.91
C ALA A 200 -5.19 -5.57 -2.15
N SER A 201 -4.04 -5.55 -1.48
CA SER A 201 -3.17 -4.39 -1.52
C SER A 201 -2.20 -4.42 -2.69
N GLN A 202 -2.12 -5.56 -3.37
CA GLN A 202 -1.20 -5.73 -4.49
C GLN A 202 -1.81 -5.45 -5.86
N ASN A 203 -3.14 -5.47 -5.92
CA ASN A 203 -3.85 -5.64 -7.18
C ASN A 203 -4.93 -4.63 -7.46
N ILE A 204 -5.14 -4.35 -8.74
CA ILE A 204 -6.42 -3.87 -9.25
C ILE A 204 -7.22 -5.14 -9.54
N ILE A 205 -8.40 -5.27 -8.97
CA ILE A 205 -9.16 -6.51 -9.02
C ILE A 205 -10.55 -6.26 -9.61
N PRO A 206 -10.78 -6.74 -10.86
CA PRO A 206 -12.13 -6.67 -11.43
C PRO A 206 -13.13 -7.41 -10.55
N SER A 207 -14.29 -6.80 -10.38
CA SER A 207 -15.31 -7.34 -9.51
C SER A 207 -16.68 -7.09 -10.14
N SER A 208 -17.64 -7.94 -9.78
CA SER A 208 -19.00 -7.81 -10.28
C SER A 208 -19.82 -6.96 -9.32
N THR A 209 -20.75 -6.17 -9.87
CA THR A 209 -21.70 -5.39 -9.06
C THR A 209 -23.10 -5.46 -9.65
N GLY A 210 -24.10 -5.56 -8.77
CA GLY A 210 -25.48 -5.47 -9.19
C GLY A 210 -26.04 -4.08 -9.00
N ALA A 211 -25.16 -3.12 -8.67
CA ALA A 211 -25.56 -1.77 -8.29
C ALA A 211 -26.26 -0.98 -9.39
N ALA A 212 -25.79 -1.11 -10.63
CA ALA A 212 -26.38 -0.40 -11.76
C ALA A 212 -27.76 -0.95 -12.13
N LYS A 213 -27.87 -2.28 -12.12
CA LYS A 213 -29.17 -2.93 -12.26
C LYS A 213 -30.12 -2.49 -11.14
N ALA A 214 -29.63 -2.50 -9.90
CA ALA A 214 -30.41 -2.13 -8.73
C ALA A 214 -31.00 -0.72 -8.81
N VAL A 215 -30.29 0.20 -9.45
CA VAL A 215 -30.83 1.54 -9.68
C VAL A 215 -32.22 1.42 -10.33
N GLY A 216 -32.37 0.44 -11.21
CA GLY A 216 -33.65 0.13 -11.84
C GLY A 216 -34.76 -0.27 -10.88
N LYS A 217 -34.38 -0.83 -9.73
CA LYS A 217 -35.34 -1.25 -8.71
C LYS A 217 -35.83 -0.08 -7.86
N VAL A 218 -34.93 0.85 -7.52
CA VAL A 218 -35.33 2.05 -6.77
C VAL A 218 -35.86 3.18 -7.66
N LEU A 219 -35.45 3.19 -8.92
CA LEU A 219 -35.96 4.13 -9.91
C LEU A 219 -36.43 3.33 -11.11
N PRO A 220 -37.68 2.81 -11.06
CA PRO A 220 -38.24 1.94 -12.10
C PRO A 220 -38.14 2.47 -13.53
N GLU A 221 -38.19 3.79 -13.71
CA GLU A 221 -38.00 4.41 -15.01
C GLU A 221 -36.63 4.11 -15.64
N LEU A 222 -35.66 3.71 -14.81
CA LEU A 222 -34.32 3.37 -15.30
C LEU A 222 -34.07 1.88 -15.45
N ASN A 223 -35.11 1.07 -15.19
CA ASN A 223 -35.03 -0.37 -15.31
C ASN A 223 -34.51 -0.79 -16.70
N GLY A 224 -33.48 -1.62 -16.71
CA GLY A 224 -32.87 -2.12 -17.95
C GLY A 224 -31.99 -1.16 -18.71
N LYS A 225 -31.81 0.05 -18.18
CA LYS A 225 -31.06 1.10 -18.87
C LYS A 225 -29.61 1.24 -18.42
N LEU A 226 -29.26 0.57 -17.33
CA LEU A 226 -27.93 0.72 -16.73
C LEU A 226 -27.38 -0.62 -16.28
N THR A 227 -26.11 -0.85 -16.59
CA THR A 227 -25.38 -1.93 -15.95
C THR A 227 -23.93 -1.49 -15.71
N GLY A 228 -23.15 -2.38 -15.13
CA GLY A 228 -21.78 -2.00 -14.80
C GLY A 228 -20.99 -3.05 -14.06
N MET A 229 -19.86 -2.62 -13.51
CA MET A 229 -18.94 -3.49 -12.79
C MET A 229 -18.05 -2.64 -11.88
N ALA A 230 -17.05 -3.30 -11.27
CA ALA A 230 -16.18 -2.66 -10.31
C ALA A 230 -14.71 -3.05 -10.51
N PHE A 231 -13.82 -2.15 -10.12
CA PHE A 231 -12.44 -2.50 -9.81
C PHE A 231 -12.19 -2.23 -8.31
N ARG A 232 -11.75 -3.26 -7.60
CA ARG A 232 -11.29 -3.12 -6.23
C ARG A 232 -9.81 -2.72 -6.25
N VAL A 233 -9.46 -1.66 -5.51
CA VAL A 233 -8.07 -1.15 -5.52
C VAL A 233 -7.50 -0.99 -4.08
N PRO A 234 -6.16 -0.92 -3.93
CA PRO A 234 -5.51 -0.86 -2.61
C PRO A 234 -5.70 0.45 -1.82
N THR A 235 -6.95 0.84 -1.62
CA THR A 235 -7.27 1.88 -0.64
C THR A 235 -8.20 1.28 0.41
N PRO A 236 -8.12 1.76 1.67
CA PRO A 236 -8.91 1.19 2.77
C PRO A 236 -10.34 1.72 2.87
N ASN A 237 -10.62 2.86 2.23
CA ASN A 237 -11.97 3.42 2.28
C ASN A 237 -12.10 4.53 1.26
N VAL A 238 -13.35 4.79 0.86
CA VAL A 238 -13.75 5.77 -0.16
C VAL A 238 -13.63 5.17 -1.56
N SER A 239 -14.73 5.32 -2.30
CA SER A 239 -14.90 4.74 -3.61
C SER A 239 -15.44 5.80 -4.55
N VAL A 240 -15.43 5.51 -5.84
CA VAL A 240 -15.89 6.48 -6.82
C VAL A 240 -16.67 5.82 -7.97
N VAL A 241 -17.79 6.43 -8.32
CA VAL A 241 -18.58 6.04 -9.47
C VAL A 241 -18.14 6.79 -10.73
N ASP A 242 -18.02 6.02 -11.80
CA ASP A 242 -17.63 6.49 -13.11
C ASP A 242 -18.78 6.11 -14.03
N LEU A 243 -19.63 7.09 -14.35
CA LEU A 243 -20.89 6.81 -15.07
C LEU A 243 -20.88 7.35 -16.50
N THR A 244 -20.99 6.45 -17.46
CA THR A 244 -21.01 6.82 -18.88
C THR A 244 -22.43 6.71 -19.44
N VAL A 245 -23.04 7.85 -19.70
CA VAL A 245 -24.45 7.88 -20.11
C VAL A 245 -24.66 8.49 -21.48
N ARG A 246 -25.67 7.98 -22.18
CA ARG A 246 -26.14 8.58 -23.42
C ARG A 246 -27.39 9.36 -23.07
N LEU A 247 -27.41 10.64 -23.44
CA LEU A 247 -28.51 11.53 -23.08
C LEU A 247 -29.47 11.76 -24.23
N GLU A 248 -30.77 11.65 -23.93
CA GLU A 248 -31.84 11.98 -24.86
C GLU A 248 -31.75 13.45 -25.25
N LYS A 249 -31.86 14.33 -24.26
N LYS A 249 -31.87 14.33 -24.25
CA LYS A 249 -31.80 15.77 -24.48
CA LYS A 249 -31.81 15.77 -24.47
C LYS A 249 -30.37 16.27 -24.40
C LYS A 249 -30.37 16.27 -24.40
N ALA A 250 -29.98 17.05 -25.40
CA ALA A 250 -28.64 17.65 -25.47
C ALA A 250 -28.41 18.56 -24.29
N ALA A 251 -27.29 18.35 -23.60
CA ALA A 251 -26.93 19.14 -22.44
C ALA A 251 -25.45 19.43 -22.38
N THR A 252 -25.10 20.70 -22.32
CA THR A 252 -23.70 21.06 -22.18
C THR A 252 -23.22 20.62 -20.80
N TYR A 253 -21.91 20.50 -20.63
CA TYR A 253 -21.38 20.09 -19.34
C TYR A 253 -21.72 21.12 -18.26
N GLU A 254 -21.78 22.40 -18.65
CA GLU A 254 -22.22 23.47 -17.73
C GLU A 254 -23.65 23.28 -17.27
N GLN A 255 -24.51 22.81 -18.17
CA GLN A 255 -25.89 22.48 -17.83
C GLN A 255 -26.01 21.24 -16.93
N ILE A 256 -25.17 20.24 -17.16
CA ILE A 256 -25.12 19.08 -16.27
C ILE A 256 -24.67 19.52 -14.85
N LYS A 257 -23.59 20.30 -14.79
CA LYS A 257 -23.08 20.88 -13.55
C LYS A 257 -24.19 21.63 -12.78
N ALA A 258 -24.94 22.47 -13.50
CA ALA A 258 -25.98 23.30 -12.89
C ALA A 258 -27.14 22.46 -12.34
N ALA A 259 -27.53 21.43 -13.08
CA ALA A 259 -28.58 20.53 -12.63
C ALA A 259 -28.17 19.78 -11.34
N VAL A 260 -26.93 19.29 -11.29
CA VAL A 260 -26.45 18.53 -10.13
C VAL A 260 -26.33 19.45 -8.91
N LYS A 261 -25.75 20.64 -9.11
CA LYS A 261 -25.62 21.64 -8.07
C LYS A 261 -26.98 22.04 -7.48
N ALA A 262 -27.98 22.21 -8.35
CA ALA A 262 -29.32 22.60 -7.92
C ALA A 262 -29.99 21.53 -7.07
N ALA A 263 -29.87 20.27 -7.48
CA ALA A 263 -30.39 19.14 -6.68
C ALA A 263 -29.65 18.99 -5.35
N ALA A 264 -28.35 19.27 -5.36
CA ALA A 264 -27.53 19.19 -4.15
C ALA A 264 -27.97 20.25 -3.13
N GLU A 265 -28.31 21.44 -3.59
CA GLU A 265 -28.78 22.51 -2.72
C GLU A 265 -30.29 22.42 -2.54
N GLY A 266 -30.91 21.51 -3.28
CA GLY A 266 -32.37 21.42 -3.33
C GLY A 266 -32.91 20.17 -2.72
N GLU A 267 -33.74 19.46 -3.48
CA GLU A 267 -34.44 18.27 -3.00
C GLU A 267 -33.54 17.11 -2.55
N MET A 268 -32.26 17.14 -2.94
CA MET A 268 -31.32 16.09 -2.53
C MET A 268 -30.21 16.58 -1.62
N LYS A 269 -30.45 17.66 -0.90
CA LYS A 269 -29.48 18.17 0.06
C LYS A 269 -29.16 17.10 1.10
N GLY A 270 -27.87 16.87 1.36
CA GLY A 270 -27.42 15.85 2.32
C GLY A 270 -27.26 14.44 1.74
N VAL A 271 -27.75 14.25 0.53
CA VAL A 271 -27.60 12.99 -0.18
C VAL A 271 -26.57 13.20 -1.27
N LEU A 272 -26.89 14.11 -2.19
CA LEU A 272 -26.06 14.43 -3.32
C LEU A 272 -25.30 15.69 -2.96
N GLY A 273 -23.98 15.64 -3.13
CA GLY A 273 -23.10 16.78 -2.95
C GLY A 273 -22.51 17.22 -4.27
N TYR A 274 -21.81 18.35 -4.26
CA TYR A 274 -21.28 18.91 -5.49
C TYR A 274 -19.97 19.59 -5.21
N THR A 275 -18.95 19.27 -6.00
CA THR A 275 -17.67 19.94 -5.88
C THR A 275 -17.04 20.31 -7.22
N GLU A 276 -16.25 21.37 -7.20
CA GLU A 276 -15.45 21.78 -8.33
C GLU A 276 -13.97 21.84 -7.92
N ASP A 277 -13.66 21.31 -6.73
CA ASP A 277 -12.28 21.33 -6.23
C ASP A 277 -11.45 20.16 -6.79
N ASP A 278 -10.13 20.28 -6.68
CA ASP A 278 -9.19 19.26 -7.16
C ASP A 278 -9.03 18.10 -6.18
N VAL A 279 -10.15 17.44 -5.91
CA VAL A 279 -10.25 16.43 -4.86
C VAL A 279 -9.66 15.07 -5.24
N VAL A 280 -9.26 14.32 -4.22
CA VAL A 280 -8.90 12.91 -4.33
C VAL A 280 -9.67 12.13 -3.25
N SER A 281 -9.49 10.81 -3.20
CA SER A 281 -10.39 9.97 -2.40
C SER A 281 -10.34 10.29 -0.90
N THR A 282 -9.16 10.55 -0.35
CA THR A 282 -9.05 10.84 1.10
C THR A 282 -9.81 12.10 1.53
N ASP A 283 -10.10 12.99 0.58
CA ASP A 283 -10.89 14.21 0.83
C ASP A 283 -12.35 13.91 1.20
N PHE A 284 -12.79 12.69 0.95
CA PHE A 284 -14.14 12.26 1.32
C PHE A 284 -14.17 11.21 2.43
N ASN A 285 -13.02 10.95 3.04
CA ASN A 285 -13.00 10.09 4.23
C ASN A 285 -13.75 10.77 5.37
N GLY A 286 -14.91 10.21 5.72
CA GLY A 286 -15.79 10.84 6.69
C GLY A 286 -16.99 11.55 6.08
N GLU A 287 -17.07 11.56 4.76
CA GLU A 287 -18.19 12.18 4.06
C GLU A 287 -19.52 11.50 4.34
N VAL A 288 -20.53 12.33 4.64
CA VAL A 288 -21.88 11.88 5.00
C VAL A 288 -22.79 11.79 3.76
N THR A 290 -23.98 10.71 0.28
CA THR A 290 -23.81 9.41 -0.37
C THR A 290 -23.33 9.47 -1.82
N SER A 291 -23.26 10.67 -2.39
CA SER A 291 -22.89 10.84 -3.78
C SER A 291 -22.34 12.25 -3.93
N VAL A 292 -21.03 12.40 -4.03
CA VAL A 292 -20.46 13.74 -4.21
C VAL A 292 -19.94 13.95 -5.65
N PHE A 293 -20.71 14.70 -6.43
CA PHE A 293 -20.37 14.98 -7.82
C PHE A 293 -19.07 15.76 -7.98
N ASP A 294 -18.16 15.18 -8.75
CA ASP A 294 -16.85 15.75 -9.03
C ASP A 294 -16.88 16.48 -10.40
N ALA A 295 -17.16 17.78 -10.38
CA ALA A 295 -17.35 18.55 -11.61
C ALA A 295 -16.15 18.54 -12.57
N LYS A 296 -14.95 18.73 -12.05
CA LYS A 296 -13.77 18.85 -12.91
C LYS A 296 -13.23 17.52 -13.44
N ALA A 297 -13.63 16.41 -12.82
CA ALA A 297 -13.12 15.09 -13.16
C ALA A 297 -13.89 14.47 -14.32
N GLY A 298 -15.16 14.84 -14.45
CA GLY A 298 -16.01 14.33 -15.53
C GLY A 298 -15.59 14.86 -16.89
N ILE A 299 -16.07 14.21 -17.95
CA ILE A 299 -15.71 14.60 -19.30
C ILE A 299 -16.80 14.21 -20.29
N ALA A 300 -17.19 15.15 -21.15
CA ALA A 300 -18.16 14.89 -22.20
C ALA A 300 -17.44 14.70 -23.52
N LEU A 301 -17.89 13.77 -24.35
CA LEU A 301 -17.41 13.73 -25.73
C LEU A 301 -18.21 14.75 -26.54
N ASN A 302 -19.51 14.74 -26.31
CA ASN A 302 -20.41 15.72 -26.91
C ASN A 302 -21.57 15.98 -25.96
N ASP A 303 -22.60 16.67 -26.46
CA ASP A 303 -23.75 17.05 -25.65
C ASP A 303 -24.69 15.87 -25.34
N ASN A 304 -24.45 14.72 -25.96
CA ASN A 304 -25.27 13.53 -25.70
C ASN A 304 -24.52 12.31 -25.16
N PHE A 305 -23.23 12.47 -24.86
CA PHE A 305 -22.37 11.34 -24.45
C PHE A 305 -21.32 11.85 -23.48
N VAL A 306 -21.44 11.42 -22.23
CA VAL A 306 -20.73 12.06 -21.13
C VAL A 306 -20.35 11.08 -20.03
N LYS A 307 -19.21 11.35 -19.38
CA LYS A 307 -18.70 10.51 -18.31
C LYS A 307 -18.74 11.34 -17.03
N LEU A 308 -19.53 10.89 -16.07
CA LEU A 308 -19.73 11.62 -14.83
C LEU A 308 -19.02 10.94 -13.67
N VAL A 309 -18.40 11.72 -12.81
CA VAL A 309 -17.78 11.12 -11.63
C VAL A 309 -18.34 11.59 -10.29
N SER A 310 -18.61 10.62 -9.41
CA SER A 310 -19.20 10.89 -8.09
C SER A 310 -18.54 10.04 -7.00
N TRP A 311 -18.05 10.73 -5.98
CA TRP A 311 -17.39 10.07 -4.86
C TRP A 311 -18.37 9.64 -3.80
N TYR A 312 -17.98 8.62 -3.05
CA TYR A 312 -18.67 8.22 -1.83
C TYR A 312 -17.75 7.53 -0.82
N ASP A 313 -17.90 7.92 0.46
CA ASP A 313 -17.36 7.13 1.56
C ASP A 313 -18.25 5.90 1.73
N ASN A 314 -17.77 4.75 1.26
CA ASN A 314 -18.57 3.54 1.28
C ASN A 314 -18.98 3.12 2.70
N GLU A 315 -18.17 3.50 3.69
CA GLU A 315 -18.48 3.21 5.08
C GLU A 315 -19.41 4.26 5.71
N THR A 316 -18.97 5.53 5.70
CA THR A 316 -19.68 6.60 6.42
C THR A 316 -20.99 7.04 5.76
N GLY A 317 -20.95 7.26 4.44
CA GLY A 317 -22.11 7.71 3.70
C GLY A 317 -23.22 6.70 3.85
N TYR A 318 -22.89 5.44 3.59
CA TYR A 318 -23.84 4.34 3.70
C TYR A 318 -24.38 4.16 5.12
N SER A 319 -23.50 4.25 6.11
CA SER A 319 -23.89 4.13 7.51
C SER A 319 -24.88 5.20 7.96
N ASN A 320 -24.63 6.45 7.58
CA ASN A 320 -25.60 7.54 7.84
C ASN A 320 -26.96 7.29 7.22
N LYS A 321 -26.96 6.74 6.01
CA LYS A 321 -28.22 6.49 5.31
C LYS A 321 -29.00 5.31 5.88
N VAL A 322 -28.31 4.38 6.54
CA VAL A 322 -28.95 3.25 7.20
C VAL A 322 -29.78 3.83 8.33
N LEU A 323 -29.17 4.75 9.08
CA LEU A 323 -29.86 5.43 10.16
C LEU A 323 -31.02 6.25 9.62
N ASP A 324 -30.76 7.03 8.55
CA ASP A 324 -31.84 7.75 7.86
C ASP A 324 -33.00 6.82 7.50
N LEU A 325 -32.69 5.64 6.96
CA LEU A 325 -33.74 4.68 6.65
C LEU A 325 -34.43 4.18 7.91
N ILE A 326 -33.67 3.97 9.00
CA ILE A 326 -34.28 3.54 10.27
C ILE A 326 -35.27 4.59 10.77
N ALA A 327 -34.85 5.85 10.77
CA ALA A 327 -35.73 6.96 11.17
C ALA A 327 -36.94 7.08 10.25
N HIS A 328 -36.75 6.90 8.95
CA HIS A 328 -37.84 7.01 8.01
C HIS A 328 -38.94 5.98 8.23
N ILE A 329 -38.56 4.71 8.41
CA ILE A 329 -39.53 3.63 8.54
C ILE A 329 -40.23 3.63 9.91
N SER A 330 -39.72 4.45 10.83
CA SER A 330 -40.27 4.57 12.17
C SER A 330 -41.22 5.77 12.30
N LYS A 331 -41.39 6.52 11.21
CA LYS A 331 -42.25 7.71 11.20
C LYS A 331 -43.71 7.36 11.46
N THR B 2 1.53 38.44 21.55
CA THR B 2 1.44 37.42 20.44
C THR B 2 2.71 37.38 19.60
N ILE B 3 3.31 36.20 19.48
CA ILE B 3 4.51 35.99 18.66
C ILE B 3 4.10 35.82 17.19
N LYS B 4 4.61 36.67 16.32
CA LYS B 4 4.32 36.61 14.90
C LYS B 4 5.32 35.68 14.23
N VAL B 5 4.82 34.67 13.51
CA VAL B 5 5.75 33.75 12.84
C VAL B 5 5.55 33.64 11.33
N GLY B 6 6.68 33.50 10.63
CA GLY B 6 6.67 33.17 9.22
C GLY B 6 7.11 31.73 9.04
N ILE B 7 6.49 31.03 8.10
CA ILE B 7 6.91 29.67 7.79
C ILE B 7 7.63 29.73 6.47
N ASN B 8 8.82 29.13 6.44
CA ASN B 8 9.48 28.95 5.18
C ASN B 8 9.50 27.48 4.82
N GLY B 9 8.76 27.13 3.77
CA GLY B 9 8.58 25.73 3.38
C GLY B 9 7.23 25.28 3.88
N PHE B 10 6.24 25.36 3.00
CA PHE B 10 4.87 24.99 3.34
C PHE B 10 4.68 23.54 2.90
N GLY B 11 5.57 22.67 3.36
CA GLY B 11 5.51 21.25 3.06
C GLY B 11 4.73 20.54 4.14
N ARG B 12 5.10 19.30 4.44
CA ARG B 12 4.37 18.51 5.45
C ARG B 12 4.46 19.18 6.81
N ILE B 13 5.67 19.54 7.22
CA ILE B 13 5.88 20.18 8.50
C ILE B 13 5.32 21.60 8.50
N GLY B 14 5.64 22.37 7.45
CA GLY B 14 5.12 23.73 7.35
C GLY B 14 3.61 23.81 7.44
N ARG B 15 2.92 22.85 6.82
CA ARG B 15 1.46 22.85 6.79
C ARG B 15 0.84 22.30 8.06
N ILE B 16 1.52 21.35 8.72
CA ILE B 16 1.02 20.81 9.97
C ILE B 16 1.34 21.76 11.13
N VAL B 17 2.48 22.44 11.04
CA VAL B 17 2.79 23.54 11.96
C VAL B 17 1.69 24.59 11.85
N PHE B 18 1.39 25.02 10.62
CA PHE B 18 0.35 26.01 10.40
C PHE B 18 -0.98 25.64 11.08
N ARG B 19 -1.40 24.37 10.91
CA ARG B 19 -2.64 23.88 11.52
C ARG B 19 -2.56 23.82 13.05
N ALA B 20 -1.42 23.39 13.59
CA ALA B 20 -1.19 23.35 15.04
C ALA B 20 -1.22 24.74 15.69
N ALA B 21 -0.83 25.76 14.92
CA ALA B 21 -0.76 27.14 15.42
C ALA B 21 -2.13 27.79 15.57
N GLN B 22 -3.11 27.33 14.79
CA GLN B 22 -4.46 27.92 14.82
C GLN B 22 -5.11 27.76 16.17
N LYS B 23 -4.66 26.76 16.91
CA LYS B 23 -5.23 26.38 18.19
C LYS B 23 -4.52 27.08 19.35
N ARG B 24 -3.42 27.76 19.04
CA ARG B 24 -2.65 28.46 20.05
C ARG B 24 -3.08 29.94 20.14
N SER B 25 -2.98 30.51 21.34
CA SER B 25 -3.26 31.93 21.55
C SER B 25 -1.99 32.76 21.51
N ASP B 26 -0.86 32.11 21.75
CA ASP B 26 0.41 32.80 21.88
C ASP B 26 1.12 33.03 20.54
N ILE B 27 0.64 32.37 19.48
CA ILE B 27 1.30 32.39 18.18
C ILE B 27 0.32 32.66 17.04
N GLU B 28 0.74 33.52 16.11
CA GLU B 28 0.01 33.81 14.89
C GLU B 28 0.93 33.61 13.71
N ILE B 29 0.48 32.87 12.71
CA ILE B 29 1.20 32.76 11.44
C ILE B 29 0.81 33.96 10.62
N VAL B 30 1.78 34.79 10.24
CA VAL B 30 1.45 36.01 9.52
C VAL B 30 1.93 35.99 8.08
N ALA B 31 2.85 35.06 7.78
CA ALA B 31 3.44 34.95 6.45
C ALA B 31 3.90 33.53 6.14
N ILE B 32 3.67 33.13 4.90
CA ILE B 32 4.17 31.86 4.38
C ILE B 32 4.97 32.08 3.09
N ASN B 33 6.09 31.39 2.99
CA ASN B 33 6.86 31.31 1.75
C ASN B 33 7.05 29.86 1.32
N ASP B 34 6.84 29.62 0.03
CA ASP B 34 7.17 28.33 -0.62
C ASP B 34 7.53 28.67 -2.06
N LEU B 35 7.27 27.77 -3.00
CA LEU B 35 7.51 28.07 -4.42
C LEU B 35 6.23 27.95 -5.22
N LEU B 36 5.13 28.42 -4.65
CA LEU B 36 3.78 28.14 -5.16
C LEU B 36 2.91 29.40 -5.20
N ASP B 37 1.88 29.41 -6.06
CA ASP B 37 0.88 30.50 -6.06
C ASP B 37 -0.02 30.35 -4.83
N ALA B 38 -0.59 31.46 -4.37
CA ALA B 38 -1.49 31.48 -3.23
C ALA B 38 -2.67 30.52 -3.35
N ASP B 39 -3.23 30.41 -4.55
CA ASP B 39 -4.37 29.55 -4.76
C ASP B 39 -3.98 28.08 -4.54
N TYR B 40 -2.79 27.72 -5.02
CA TYR B 40 -2.27 26.38 -4.81
C TYR B 40 -2.00 26.14 -3.33
N MET B 41 -1.37 27.12 -2.70
N MET B 41 -1.37 27.12 -2.68
CA MET B 41 -1.11 27.10 -1.25
CA MET B 41 -1.13 27.08 -1.24
C MET B 41 -2.41 26.86 -0.47
C MET B 41 -2.42 26.85 -0.46
N ALA B 42 -3.47 27.56 -0.86
CA ALA B 42 -4.81 27.42 -0.27
C ALA B 42 -5.32 25.98 -0.39
N TYR B 43 -5.20 25.41 -1.57
CA TYR B 43 -5.61 24.04 -1.85
C TYR B 43 -4.87 23.03 -0.97
N MET B 44 -3.56 23.26 -0.78
CA MET B 44 -2.72 22.34 -0.02
C MET B 44 -3.02 22.41 1.47
N LEU B 45 -3.40 23.58 1.94
CA LEU B 45 -3.90 23.76 3.30
C LEU B 45 -5.26 23.09 3.48
N LYS B 46 -6.18 23.36 2.55
CA LYS B 46 -7.58 22.93 2.63
C LYS B 46 -7.75 21.41 2.72
N TYR B 47 -6.91 20.68 1.99
CA TYR B 47 -7.08 19.25 1.87
C TYR B 47 -5.80 18.53 2.26
N ASP B 48 -5.96 17.49 3.07
CA ASP B 48 -4.84 16.72 3.53
C ASP B 48 -5.18 15.24 3.56
N SER B 49 -4.41 14.43 2.84
CA SER B 49 -4.61 13.00 2.75
C SER B 49 -4.50 12.30 4.10
N THR B 50 -3.61 12.83 4.95
CA THR B 50 -3.31 12.21 6.22
C THR B 50 -4.19 12.74 7.35
N HIS B 51 -4.42 14.06 7.37
CA HIS B 51 -5.06 14.71 8.50
C HIS B 51 -6.44 15.29 8.23
N GLY B 52 -6.99 15.00 7.06
CA GLY B 52 -8.32 15.46 6.68
C GLY B 52 -8.37 16.91 6.25
N ARG B 53 -9.56 17.39 5.93
CA ARG B 53 -9.76 18.74 5.43
C ARG B 53 -9.53 19.75 6.55
N PHE B 54 -9.09 20.94 6.17
CA PHE B 54 -8.83 21.99 7.14
C PHE B 54 -10.12 22.39 7.87
N ASP B 55 -9.99 22.49 9.19
CA ASP B 55 -11.10 22.84 10.08
CA ASP B 55 -11.10 22.83 10.08
C ASP B 55 -11.28 24.36 10.17
N GLY B 56 -11.94 24.94 9.19
CA GLY B 56 -12.10 26.38 9.12
C GLY B 56 -12.10 26.88 7.70
N THR B 57 -11.99 28.20 7.54
CA THR B 57 -12.17 28.81 6.23
C THR B 57 -10.84 29.29 5.65
N VAL B 58 -10.64 28.95 4.37
CA VAL B 58 -9.52 29.49 3.62
C VAL B 58 -9.95 30.05 2.25
N GLU B 59 -9.46 31.25 1.98
CA GLU B 59 -9.80 32.04 0.81
C GLU B 59 -8.54 32.72 0.28
N VAL B 60 -8.57 33.10 -0.99
CA VAL B 60 -7.47 33.84 -1.61
C VAL B 60 -8.00 35.21 -2.07
N LYS B 61 -7.31 36.26 -1.64
CA LYS B 61 -7.64 37.62 -2.06
C LYS B 61 -6.36 38.42 -2.23
N ASP B 62 -6.30 39.14 -3.35
CA ASP B 62 -5.15 39.99 -3.69
C ASP B 62 -3.81 39.25 -3.53
N GLY B 63 -3.79 38.00 -4.01
CA GLY B 63 -2.57 37.18 -4.03
C GLY B 63 -2.07 36.73 -2.67
N HIS B 64 -2.94 36.80 -1.66
CA HIS B 64 -2.59 36.37 -0.30
C HIS B 64 -3.70 35.51 0.31
N LEU B 65 -3.38 34.84 1.42
CA LEU B 65 -4.33 33.94 2.06
C LEU B 65 -5.18 34.62 3.12
N ILE B 66 -6.44 34.19 3.20
CA ILE B 66 -7.32 34.62 4.27
C ILE B 66 -7.83 33.37 4.99
N VAL B 67 -7.26 33.12 6.17
CA VAL B 67 -7.56 31.92 6.94
C VAL B 67 -8.34 32.29 8.21
N ASN B 68 -9.62 31.90 8.22
CA ASN B 68 -10.56 32.27 9.28
C ASN B 68 -10.61 33.79 9.52
N GLY B 69 -10.62 34.55 8.43
CA GLY B 69 -10.69 36.01 8.48
C GLY B 69 -9.37 36.71 8.77
N LYS B 70 -8.28 35.95 8.84
CA LYS B 70 -6.95 36.49 9.08
C LYS B 70 -6.09 36.48 7.81
N LYS B 71 -5.58 37.65 7.45
CA LYS B 71 -4.76 37.85 6.25
C LYS B 71 -3.36 37.30 6.47
N ILE B 72 -2.89 36.50 5.52
CA ILE B 72 -1.55 35.89 5.57
C ILE B 72 -0.77 36.23 4.30
N ARG B 73 0.41 36.80 4.46
CA ARG B 73 1.27 37.11 3.31
C ARG B 73 1.81 35.82 2.64
N VAL B 74 1.62 35.77 1.32
CA VAL B 74 2.15 34.69 0.50
C VAL B 74 3.26 35.25 -0.38
N THR B 75 4.42 34.60 -0.36
CA THR B 75 5.54 34.92 -1.24
C THR B 75 6.07 33.63 -1.88
N ALA B 76 6.82 33.75 -2.97
CA ALA B 76 7.43 32.60 -3.61
C ALA B 76 8.90 32.82 -3.93
N GLU B 77 9.69 33.12 -2.90
CA GLU B 77 11.13 33.37 -3.06
C GLU B 77 11.97 32.15 -2.71
N ARG B 78 12.77 31.69 -3.67
CA ARG B 78 13.71 30.58 -3.47
C ARG B 78 14.80 30.93 -2.47
N ASP B 79 15.14 32.21 -2.40
CA ASP B 79 16.25 32.69 -1.59
C ASP B 79 15.72 33.40 -0.36
N PRO B 80 15.98 32.83 0.84
CA PRO B 80 15.52 33.39 2.11
C PRO B 80 15.92 34.86 2.32
N ALA B 81 17.03 35.27 1.71
CA ALA B 81 17.51 36.65 1.82
C ALA B 81 16.51 37.69 1.30
N ASN B 82 15.63 37.28 0.38
CA ASN B 82 14.68 38.19 -0.27
C ASN B 82 13.32 38.29 0.43
N LEU B 83 13.19 37.66 1.59
CA LEU B 83 11.87 37.42 2.17
C LEU B 83 11.22 38.62 2.86
N LYS B 84 12.03 39.64 3.17
CA LYS B 84 11.53 40.87 3.79
C LYS B 84 10.56 40.56 4.94
N TRP B 85 11.02 39.74 5.89
CA TRP B 85 10.18 39.31 6.98
C TRP B 85 9.70 40.47 7.86
N ASP B 86 10.53 41.50 7.99
CA ASP B 86 10.19 42.67 8.81
C ASP B 86 9.06 43.54 8.24
N GLU B 87 8.78 43.37 6.95
CA GLU B 87 7.64 44.02 6.33
C GLU B 87 6.28 43.45 6.78
N VAL B 88 6.29 42.27 7.39
CA VAL B 88 5.09 41.67 8.00
C VAL B 88 5.16 41.52 9.53
N GLY B 89 6.25 42.00 10.12
CA GLY B 89 6.40 42.00 11.57
C GLY B 89 6.68 40.64 12.18
N VAL B 90 7.32 39.76 11.40
CA VAL B 90 7.65 38.39 11.84
C VAL B 90 8.74 38.40 12.91
N ASP B 91 8.42 37.81 14.07
CA ASP B 91 9.39 37.61 15.14
C ASP B 91 10.26 36.37 14.88
N VAL B 92 9.61 35.24 14.59
CA VAL B 92 10.31 33.96 14.42
C VAL B 92 9.93 33.27 13.11
N VAL B 93 10.92 32.77 12.39
CA VAL B 93 10.68 31.94 11.22
C VAL B 93 10.85 30.45 11.54
N ALA B 94 9.80 29.69 11.24
CA ALA B 94 9.90 28.23 11.18
C ALA B 94 10.54 27.87 9.84
N GLU B 95 11.79 27.41 9.88
CA GLU B 95 12.53 27.05 8.67
C GLU B 95 12.34 25.56 8.31
N ALA B 96 11.42 25.31 7.37
CA ALA B 96 10.87 23.98 7.09
C ALA B 96 11.03 23.48 5.64
N THR B 97 12.01 24.01 4.93
CA THR B 97 12.30 23.56 3.57
C THR B 97 13.21 22.33 3.55
N GLY B 98 13.96 22.11 4.63
CA GLY B 98 15.00 21.07 4.65
C GLY B 98 16.32 21.51 4.02
N LEU B 99 16.36 22.73 3.49
CA LEU B 99 17.50 23.20 2.68
C LEU B 99 18.50 24.04 3.47
N PHE B 100 18.02 24.63 4.56
CA PHE B 100 18.74 25.71 5.24
C PHE B 100 19.04 25.38 6.69
N LEU B 101 19.91 24.39 6.88
CA LEU B 101 20.08 23.77 8.19
C LEU B 101 21.48 24.00 8.77
N THR B 102 22.07 25.11 8.37
CA THR B 102 23.34 25.61 8.94
C THR B 102 23.08 27.06 9.33
N ASP B 103 23.92 27.60 10.22
CA ASP B 103 23.79 29.00 10.63
C ASP B 103 23.85 29.95 9.44
N GLU B 104 24.79 29.70 8.54
CA GLU B 104 25.01 30.55 7.37
CA GLU B 104 25.01 30.55 7.37
C GLU B 104 23.76 30.65 6.50
N THR B 105 23.09 29.52 6.31
CA THR B 105 21.89 29.49 5.47
C THR B 105 20.65 30.00 6.21
N ALA B 106 20.47 29.54 7.43
CA ALA B 106 19.34 29.99 8.24
C ALA B 106 19.39 31.49 8.54
N ARG B 107 20.61 32.02 8.70
CA ARG B 107 20.82 33.44 9.09
C ARG B 107 20.24 34.43 8.08
N LYS B 108 20.21 34.03 6.82
CA LYS B 108 19.57 34.83 5.77
C LYS B 108 18.18 35.32 6.17
N HIS B 109 17.47 34.54 7.01
CA HIS B 109 16.15 34.96 7.49
C HIS B 109 16.27 36.21 8.37
N ILE B 110 17.31 36.23 9.20
CA ILE B 110 17.59 37.35 10.11
C ILE B 110 18.02 38.58 9.31
N THR B 111 18.93 38.36 8.36
CA THR B 111 19.26 39.33 7.33
C THR B 111 17.98 39.90 6.71
N ALA B 112 17.02 39.04 6.38
CA ALA B 112 15.77 39.48 5.75
C ALA B 112 14.82 40.11 6.75
N GLY B 113 15.28 40.29 7.99
CA GLY B 113 14.51 41.09 8.95
C GLY B 113 13.85 40.34 10.07
N ALA B 114 13.94 39.01 10.04
CA ALA B 114 13.43 38.17 11.13
C ALA B 114 14.35 38.28 12.33
N LYS B 115 13.76 38.09 13.53
CA LYS B 115 14.53 38.14 14.78
C LYS B 115 15.23 36.82 15.11
N LYS B 116 14.47 35.71 15.04
CA LYS B 116 14.99 34.39 15.38
C LYS B 116 14.50 33.33 14.39
N VAL B 117 15.18 32.18 14.37
CA VAL B 117 14.87 31.09 13.44
C VAL B 117 14.80 29.75 14.17
N VAL B 118 13.74 28.98 13.91
CA VAL B 118 13.69 27.60 14.35
C VAL B 118 13.82 26.69 13.14
N MET B 119 14.91 25.93 13.08
CA MET B 119 15.03 24.91 12.05
C MET B 119 14.12 23.74 12.39
N THR B 120 13.33 23.31 11.41
CA THR B 120 12.46 22.14 11.61
C THR B 120 13.17 20.83 11.26
N GLY B 121 14.47 20.75 11.55
CA GLY B 121 15.26 19.55 11.26
C GLY B 121 16.53 19.64 12.08
N PRO B 122 17.25 18.52 12.23
CA PRO B 122 18.52 18.58 12.95
C PRO B 122 19.52 19.48 12.21
N SER B 123 20.27 20.26 12.97
CA SER B 123 21.28 21.13 12.39
C SER B 123 22.40 20.33 11.74
N LYS B 124 22.86 20.81 10.60
CA LYS B 124 24.01 20.23 9.92
C LYS B 124 25.35 20.80 10.43
N ASP B 125 25.30 21.91 11.18
CA ASP B 125 26.48 22.44 11.87
C ASP B 125 26.30 22.38 13.40
N ASN B 126 26.93 23.31 14.12
CA ASN B 126 26.85 23.33 15.58
C ASN B 126 25.71 24.17 16.13
N THR B 127 24.78 24.56 15.27
CA THR B 127 23.54 25.23 15.69
C THR B 127 22.92 24.38 16.81
N PRO B 128 22.68 25.00 17.99
CA PRO B 128 22.18 24.24 19.14
C PRO B 128 20.81 23.61 18.84
N MET B 129 20.62 22.38 19.33
CA MET B 129 19.36 21.67 19.14
C MET B 129 18.63 21.61 20.47
N PHE B 130 17.30 21.66 20.40
CA PHE B 130 16.47 21.63 21.59
C PHE B 130 15.31 20.67 21.42
N VAL B 131 15.12 19.84 22.44
CA VAL B 131 14.04 18.86 22.43
C VAL B 131 13.26 19.02 23.73
N LYS B 132 11.97 19.33 23.59
CA LYS B 132 11.11 19.52 24.76
C LYS B 132 11.08 18.26 25.60
N GLY B 133 11.22 18.47 26.91
CA GLY B 133 11.30 17.37 27.87
C GLY B 133 12.74 17.01 28.15
N ALA B 134 13.64 17.43 27.27
CA ALA B 134 15.06 17.15 27.44
C ALA B 134 15.85 18.39 27.86
N ASN B 135 15.80 19.47 27.09
CA ASN B 135 16.72 20.60 27.30
C ASN B 135 16.22 21.98 26.85
N PHE B 136 14.90 22.20 26.82
CA PHE B 136 14.38 23.54 26.56
C PHE B 136 14.95 24.58 27.55
N ASP B 137 15.14 24.13 28.80
N ASP B 137 15.14 24.16 28.81
CA ASP B 137 15.66 24.99 29.88
CA ASP B 137 15.63 25.07 29.84
C ASP B 137 17.12 25.38 29.71
C ASP B 137 17.13 25.39 29.71
N LYS B 138 17.79 24.74 28.75
CA LYS B 138 19.21 25.00 28.46
C LYS B 138 19.40 26.13 27.44
N TYR B 139 18.30 26.52 26.80
CA TYR B 139 18.31 27.61 25.83
C TYR B 139 18.83 28.92 26.43
N ALA B 140 19.72 29.59 25.69
CA ALA B 140 20.42 30.76 26.21
C ALA B 140 20.24 32.02 25.37
N GLY B 141 19.11 32.14 24.67
CA GLY B 141 18.81 33.36 23.92
C GLY B 141 19.41 33.40 22.54
N GLN B 142 19.96 32.26 22.09
CA GLN B 142 20.50 32.12 20.73
C GLN B 142 19.45 32.50 19.68
N ASP B 143 19.87 33.14 18.61
CA ASP B 143 18.93 33.65 17.62
C ASP B 143 18.56 32.60 16.57
N ILE B 144 19.35 31.55 16.48
CA ILE B 144 19.08 30.45 15.56
C ILE B 144 19.20 29.12 16.29
N VAL B 145 18.14 28.33 16.22
CA VAL B 145 18.06 27.05 16.91
C VAL B 145 17.38 25.98 16.03
N SER B 146 17.56 24.73 16.46
CA SER B 146 16.97 23.59 15.79
C SER B 146 16.15 22.82 16.82
N ASN B 147 15.00 22.36 16.36
CA ASN B 147 14.16 21.47 17.14
C ASN B 147 14.53 19.99 16.97
N ALA B 148 15.72 19.74 16.43
CA ALA B 148 16.22 18.38 16.13
C ALA B 148 15.32 17.63 15.15
N SER B 149 15.33 16.30 15.22
CA SER B 149 14.47 15.46 14.38
C SER B 149 13.27 14.90 15.13
N THR B 151 12.54 11.83 15.32
CA THR B 151 13.00 10.63 16.03
C THR B 151 13.69 10.95 17.35
N THR B 152 14.58 11.95 17.34
CA THR B 152 15.19 12.41 18.59
C THR B 152 14.14 12.89 19.60
N ASN B 153 13.13 13.60 19.11
CA ASN B 153 11.99 14.02 19.94
C ASN B 153 11.21 12.86 20.56
N CYS B 154 11.26 11.69 19.92
CA CYS B 154 10.63 10.51 20.49
C CYS B 154 11.58 9.84 21.47
N LEU B 155 12.85 9.71 21.08
CA LEU B 155 13.83 8.95 21.86
C LEU B 155 14.30 9.69 23.11
N ALA B 156 14.63 10.96 22.98
CA ALA B 156 15.24 11.70 24.09
C ALA B 156 14.41 11.71 25.38
N PRO B 157 13.10 12.07 25.30
CA PRO B 157 12.30 12.10 26.52
C PRO B 157 12.16 10.72 27.17
N LEU B 158 12.01 9.68 26.36
CA LEU B 158 11.99 8.33 26.92
C LEU B 158 13.36 7.96 27.52
N ALA B 159 14.44 8.23 26.76
CA ALA B 159 15.77 7.86 27.24
C ALA B 159 16.12 8.54 28.56
N LYS B 160 15.72 9.79 28.71
CA LYS B 160 15.93 10.52 29.97
C LYS B 160 15.28 9.83 31.18
N VAL B 161 14.02 9.43 31.04
CA VAL B 161 13.30 8.78 32.14
C VAL B 161 14.00 7.49 32.51
N ILE B 162 14.34 6.70 31.49
CA ILE B 162 15.03 5.45 31.70
C ILE B 162 16.40 5.68 32.37
N ASN B 163 17.14 6.67 31.88
CA ASN B 163 18.45 6.97 32.43
C ASN B 163 18.36 7.47 33.88
N ASP B 164 17.50 8.45 34.13
CA ASP B 164 17.35 9.03 35.49
C ASP B 164 17.00 7.99 36.55
N ASN B 165 16.19 7.00 36.18
CA ASN B 165 15.71 5.98 37.09
C ASN B 165 16.61 4.76 37.20
N PHE B 166 17.17 4.31 36.09
CA PHE B 166 17.85 3.01 36.07
C PHE B 166 19.26 3.07 35.52
N GLY B 167 19.58 4.18 34.86
CA GLY B 167 20.90 4.40 34.28
C GLY B 167 21.13 3.58 33.05
N ILE B 168 21.21 4.24 31.89
CA ILE B 168 21.49 3.56 30.62
C ILE B 168 23.00 3.35 30.49
N ILE B 169 23.43 2.10 30.40
CA ILE B 169 24.84 1.81 30.16
C ILE B 169 25.15 2.05 28.68
N GLU B 170 24.30 1.48 27.83
CA GLU B 170 24.41 1.61 26.39
C GLU B 170 23.07 1.20 25.78
N GLY B 171 22.81 1.66 24.56
CA GLY B 171 21.54 1.41 23.91
C GLY B 171 21.66 1.42 22.41
N LEU B 172 20.90 0.55 21.76
CA LEU B 172 20.78 0.58 20.30
C LEU B 172 19.33 0.75 19.90
N MET B 173 19.11 1.66 18.95
CA MET B 173 17.76 2.05 18.54
C MET B 173 17.45 1.69 17.09
N THR B 174 16.26 1.16 16.85
CA THR B 174 15.68 1.15 15.51
C THR B 174 14.41 1.98 15.50
N THR B 175 14.24 2.82 14.49
CA THR B 175 12.93 3.42 14.27
C THR B 175 12.30 2.82 13.01
N VAL B 176 11.09 2.27 13.16
CA VAL B 176 10.31 1.80 12.02
C VAL B 176 9.49 3.02 11.61
N HIS B 177 9.88 3.61 10.48
CA HIS B 177 9.48 4.97 10.14
C HIS B 177 8.57 5.05 8.91
N ALA B 178 7.52 5.86 9.00
CA ALA B 178 6.62 6.12 7.87
C ALA B 178 7.35 6.69 6.66
N THR B 179 6.77 6.51 5.49
CA THR B 179 7.27 7.12 4.26
C THR B 179 7.22 8.64 4.41
N THR B 180 8.21 9.35 3.86
CA THR B 180 8.23 10.83 3.84
C THR B 180 8.49 11.36 2.43
N ALA B 181 8.48 12.69 2.30
CA ALA B 181 8.59 13.40 1.01
C ALA B 181 9.92 13.17 0.24
N THR B 182 10.98 12.80 0.97
CA THR B 182 12.28 12.60 0.34
C THR B 182 12.30 11.33 -0.50
N GLN B 183 11.31 10.46 -0.28
CA GLN B 183 11.26 9.13 -0.92
C GLN B 183 10.60 9.16 -2.30
N LYS B 184 10.56 8.01 -2.96
CA LYS B 184 10.04 7.92 -4.33
C LYS B 184 8.88 6.93 -4.44
N THR B 185 7.97 7.22 -5.37
CA THR B 185 6.80 6.38 -5.59
C THR B 185 7.19 5.09 -6.31
N VAL B 186 8.14 5.19 -7.23
CA VAL B 186 8.71 4.02 -7.91
C VAL B 186 10.24 4.16 -7.89
N ASP B 187 10.96 3.06 -8.09
CA ASP B 187 12.43 3.07 -8.17
C ASP B 187 12.92 4.26 -8.99
N GLY B 188 13.63 5.17 -8.32
CA GLY B 188 14.09 6.42 -8.93
C GLY B 188 15.39 6.90 -8.31
N PRO B 189 15.96 7.99 -8.88
CA PRO B 189 17.28 8.52 -8.51
C PRO B 189 17.36 9.17 -7.14
N SER B 190 18.33 8.71 -6.35
CA SER B 190 18.62 9.23 -5.04
C SER B 190 20.10 8.94 -4.80
N HIS B 191 20.98 9.59 -5.57
CA HIS B 191 22.43 9.30 -5.55
C HIS B 191 23.06 9.51 -4.18
N LYS B 192 22.36 10.27 -3.34
CA LYS B 192 22.71 10.51 -1.94
C LYS B 192 22.46 9.30 -1.06
N ASP B 193 21.38 8.58 -1.36
CA ASP B 193 20.81 7.55 -0.51
C ASP B 193 20.13 6.54 -1.45
N TRP B 194 20.90 5.56 -1.90
CA TRP B 194 20.44 4.65 -2.96
C TRP B 194 19.18 3.87 -2.54
N ARG B 195 19.19 3.35 -1.30
CA ARG B 195 18.02 2.65 -0.75
C ARG B 195 16.78 3.55 -0.80
N GLY B 196 16.96 4.83 -0.45
CA GLY B 196 15.87 5.82 -0.45
C GLY B 196 15.19 6.12 -1.77
N GLY B 197 15.85 5.78 -2.89
CA GLY B 197 15.19 5.93 -4.20
C GLY B 197 14.26 4.78 -4.57
N ARG B 198 14.29 3.71 -3.79
CA ARG B 198 13.52 2.51 -4.15
C ARG B 198 12.06 2.77 -3.77
N GLY B 199 11.15 2.24 -4.60
CA GLY B 199 9.73 2.54 -4.49
C GLY B 199 9.25 2.43 -3.05
N ALA B 200 8.81 3.56 -2.50
CA ALA B 200 8.43 3.65 -1.09
C ALA B 200 7.35 2.68 -0.65
N SER B 201 6.34 2.48 -1.51
CA SER B 201 5.21 1.63 -1.17
C SER B 201 5.47 0.14 -1.34
N GLN B 202 6.58 -0.24 -1.97
CA GLN B 202 6.86 -1.65 -2.23
C GLN B 202 7.79 -2.32 -1.22
N ASN B 203 8.47 -1.50 -0.43
CA ASN B 203 9.66 -1.92 0.29
C ASN B 203 9.70 -1.58 1.78
N ILE B 204 10.41 -2.43 2.51
CA ILE B 204 11.06 -2.03 3.77
C ILE B 204 12.44 -1.52 3.35
N ILE B 205 12.76 -0.29 3.75
CA ILE B 205 13.98 0.39 3.29
C ILE B 205 14.90 0.81 4.46
N PRO B 206 16.03 0.09 4.65
CA PRO B 206 17.00 0.54 5.65
C PRO B 206 17.43 1.98 5.41
N SER B 207 17.69 2.69 6.49
CA SER B 207 18.04 4.07 6.42
C SER B 207 18.94 4.38 7.59
N SER B 208 19.94 5.20 7.35
CA SER B 208 20.82 5.63 8.42
C SER B 208 20.21 6.85 9.09
N THR B 209 20.50 7.03 10.38
CA THR B 209 19.98 8.18 11.12
C THR B 209 20.94 8.55 12.25
N GLY B 210 21.04 9.84 12.52
CA GLY B 210 21.85 10.33 13.63
C GLY B 210 21.01 10.64 14.85
N ALA B 211 19.75 10.21 14.85
CA ALA B 211 18.80 10.57 15.91
C ALA B 211 19.19 10.05 17.29
N ALA B 212 19.68 8.82 17.33
CA ALA B 212 20.13 8.24 18.59
C ALA B 212 21.36 8.96 19.12
N LYS B 213 22.34 9.19 18.25
CA LYS B 213 23.54 9.99 18.60
C LYS B 213 23.17 11.37 19.11
N ALA B 214 22.22 12.02 18.41
CA ALA B 214 21.80 13.38 18.73
C ALA B 214 21.20 13.53 20.12
N VAL B 215 20.75 12.42 20.70
CA VAL B 215 20.19 12.41 22.05
C VAL B 215 21.30 12.84 23.03
N GLY B 216 22.52 12.40 22.73
CA GLY B 216 23.72 12.83 23.47
C GLY B 216 24.00 14.32 23.41
N LYS B 217 23.41 15.02 22.44
CA LYS B 217 23.56 16.46 22.36
C LYS B 217 22.57 17.18 23.26
N VAL B 218 21.35 16.66 23.35
CA VAL B 218 20.30 17.30 24.15
C VAL B 218 20.28 16.75 25.57
N LEU B 219 20.95 15.61 25.76
CA LEU B 219 21.16 15.01 27.09
C LEU B 219 22.60 14.53 27.14
N PRO B 220 23.55 15.42 27.48
CA PRO B 220 24.98 15.11 27.42
C PRO B 220 25.42 13.94 28.32
N GLU B 221 24.65 13.67 29.38
CA GLU B 221 24.88 12.48 30.21
C GLU B 221 24.78 11.18 29.41
N LEU B 222 24.15 11.27 28.24
CA LEU B 222 23.94 10.14 27.36
C LEU B 222 24.84 10.15 26.11
N ASN B 223 25.70 11.15 26.01
CA ASN B 223 26.68 11.23 24.92
C ASN B 223 27.51 9.95 24.79
N GLY B 224 27.64 9.45 23.56
CA GLY B 224 28.37 8.22 23.28
C GLY B 224 27.71 6.90 23.66
N LYS B 225 26.53 6.98 24.28
CA LYS B 225 25.85 5.81 24.84
C LYS B 225 24.75 5.21 23.96
N LEU B 226 24.30 5.97 22.97
CA LEU B 226 23.27 5.47 22.04
C LEU B 226 23.65 5.67 20.58
N THR B 227 23.26 4.71 19.74
CA THR B 227 23.19 4.94 18.31
C THR B 227 22.08 4.06 17.72
N GLY B 228 21.90 4.08 16.41
CA GLY B 228 20.78 3.38 15.82
C GLY B 228 20.65 3.53 14.32
N MET B 229 19.51 3.07 13.82
CA MET B 229 19.18 3.14 12.41
C MET B 229 17.68 3.14 12.21
N ALA B 230 17.25 3.15 10.95
CA ALA B 230 15.83 3.19 10.63
C ALA B 230 15.47 2.17 9.58
N PHE B 231 14.19 1.83 9.56
CA PHE B 231 13.61 1.13 8.43
C PHE B 231 12.44 1.97 7.97
N ARG B 232 12.44 2.37 6.70
CA ARG B 232 11.28 3.07 6.16
C ARG B 232 10.29 2.04 5.62
N VAL B 233 9.01 2.24 5.91
CA VAL B 233 7.95 1.28 5.53
C VAL B 233 6.78 2.00 4.87
N PRO B 234 5.95 1.25 4.11
CA PRO B 234 4.86 1.87 3.36
C PRO B 234 3.67 2.33 4.20
N THR B 235 3.90 3.26 5.12
CA THR B 235 2.81 3.98 5.77
C THR B 235 2.99 5.47 5.53
N PRO B 236 1.89 6.23 5.49
CA PRO B 236 2.00 7.65 5.14
C PRO B 236 2.45 8.53 6.31
N ASN B 237 2.19 8.06 7.53
CA ASN B 237 2.48 8.83 8.73
C ASN B 237 2.47 7.94 9.95
N VAL B 238 3.16 8.42 10.99
CA VAL B 238 3.32 7.76 12.29
C VAL B 238 4.49 6.81 12.24
N SER B 239 5.34 6.89 13.26
CA SER B 239 6.54 6.08 13.31
C SER B 239 6.67 5.49 14.71
N VAL B 240 7.67 4.63 14.92
CA VAL B 240 7.84 4.04 16.24
C VAL B 240 9.32 3.77 16.56
N VAL B 241 9.69 4.08 17.79
CA VAL B 241 11.01 3.81 18.31
C VAL B 241 11.02 2.46 19.02
N ASP B 242 12.04 1.68 18.69
CA ASP B 242 12.31 0.39 19.29
C ASP B 242 13.71 0.50 19.91
N LEU B 243 13.74 0.71 21.22
CA LEU B 243 14.96 1.01 21.95
C LEU B 243 15.42 -0.17 22.77
N THR B 244 16.57 -0.71 22.42
CA THR B 244 17.14 -1.81 23.17
C THR B 244 18.25 -1.28 24.08
N VAL B 245 18.02 -1.34 25.39
CA VAL B 245 18.91 -0.74 26.37
C VAL B 245 19.38 -1.72 27.44
N ARG B 246 20.64 -1.56 27.84
CA ARG B 246 21.21 -2.22 29.00
C ARG B 246 21.18 -1.27 30.19
N LEU B 247 20.69 -1.76 31.33
CA LEU B 247 20.48 -0.94 32.53
C LEU B 247 21.52 -1.22 33.61
N GLU B 248 21.97 -0.15 34.25
CA GLU B 248 22.89 -0.23 35.36
C GLU B 248 22.17 -0.83 36.58
N LYS B 249 21.02 -0.25 36.93
CA LYS B 249 20.21 -0.71 38.05
C LYS B 249 19.14 -1.67 37.55
N ALA B 250 19.09 -2.87 38.13
CA ALA B 250 18.10 -3.88 37.77
C ALA B 250 16.70 -3.35 37.97
N ALA B 251 15.83 -3.62 37.00
CA ALA B 251 14.45 -3.12 37.04
C ALA B 251 13.50 -4.07 36.34
N THR B 252 12.39 -4.40 37.00
CA THR B 252 11.36 -5.19 36.34
C THR B 252 10.66 -4.36 35.27
N TYR B 253 10.03 -5.03 34.33
CA TYR B 253 9.30 -4.33 33.30
C TYR B 253 8.18 -3.48 33.92
N GLU B 254 7.54 -4.00 34.98
CA GLU B 254 6.51 -3.25 35.71
C GLU B 254 7.04 -1.98 36.37
N GLN B 255 8.28 -2.02 36.88
CA GLN B 255 8.92 -0.84 37.46
C GLN B 255 9.28 0.19 36.37
N ILE B 256 9.72 -0.29 35.22
CA ILE B 256 9.89 0.60 34.07
C ILE B 256 8.56 1.30 33.73
N LYS B 257 7.47 0.52 33.65
CA LYS B 257 6.17 1.07 33.27
C LYS B 257 5.76 2.16 34.25
N ALA B 258 5.91 1.86 35.54
CA ALA B 258 5.59 2.80 36.61
C ALA B 258 6.38 4.10 36.48
N ALA B 259 7.68 4.00 36.17
CA ALA B 259 8.54 5.17 36.04
C ALA B 259 8.12 6.06 34.86
N VAL B 260 7.85 5.42 33.72
CA VAL B 260 7.42 6.15 32.52
C VAL B 260 6.06 6.80 32.74
N LYS B 261 5.13 6.05 33.35
CA LYS B 261 3.80 6.59 33.66
C LYS B 261 3.87 7.81 34.58
N ALA B 262 4.70 7.73 35.63
CA ALA B 262 4.83 8.84 36.58
C ALA B 262 5.34 10.10 35.88
N ALA B 263 6.29 9.92 34.97
CA ALA B 263 6.82 11.02 34.19
C ALA B 263 5.78 11.57 33.20
N ALA B 264 5.02 10.67 32.56
CA ALA B 264 3.98 11.07 31.62
C ALA B 264 2.90 11.90 32.32
N GLU B 265 2.63 11.55 33.58
CA GLU B 265 1.63 12.27 34.38
C GLU B 265 2.24 13.46 35.11
N GLY B 266 3.57 13.49 35.18
CA GLY B 266 4.27 14.53 35.92
C GLY B 266 5.08 15.50 35.10
N GLU B 267 6.39 15.31 35.15
N GLU B 267 6.40 15.39 35.16
CA GLU B 267 7.40 16.20 34.58
CA GLU B 267 7.29 16.38 34.53
C GLU B 267 7.38 16.28 33.05
C GLU B 267 7.26 16.34 32.99
N MET B 268 7.04 15.16 32.41
CA MET B 268 7.00 15.03 30.95
C MET B 268 5.62 15.20 30.35
N LYS B 269 4.66 15.70 31.14
CA LYS B 269 3.28 15.76 30.66
C LYS B 269 3.19 16.60 29.37
N GLY B 270 2.43 16.10 28.40
CA GLY B 270 2.29 16.76 27.11
C GLY B 270 3.42 16.46 26.16
N VAL B 271 4.50 15.91 26.69
CA VAL B 271 5.63 15.48 25.87
C VAL B 271 5.62 13.96 25.74
N LEU B 272 5.73 13.27 26.88
CA LEU B 272 5.77 11.82 26.93
C LEU B 272 4.39 11.32 27.32
N GLY B 273 3.88 10.39 26.53
CA GLY B 273 2.61 9.77 26.83
C GLY B 273 2.86 8.35 27.27
N TYR B 274 1.82 7.73 27.78
CA TYR B 274 1.88 6.38 28.28
C TYR B 274 0.57 5.67 27.92
N THR B 275 0.67 4.48 27.34
CA THR B 275 -0.53 3.67 27.08
C THR B 275 -0.30 2.21 27.43
N GLU B 276 -1.41 1.54 27.76
CA GLU B 276 -1.43 0.09 27.93
C GLU B 276 -2.43 -0.57 26.97
N ASP B 277 -2.92 0.19 26.00
CA ASP B 277 -3.89 -0.35 25.05
C ASP B 277 -3.21 -1.07 23.91
N ASP B 278 -3.98 -1.85 23.15
CA ASP B 278 -3.42 -2.67 22.07
C ASP B 278 -3.36 -1.85 20.78
N VAL B 279 -2.51 -0.84 20.79
CA VAL B 279 -2.49 0.20 19.77
C VAL B 279 -1.68 -0.18 18.54
N VAL B 280 -2.02 0.44 17.41
CA VAL B 280 -1.22 0.32 16.19
C VAL B 280 -0.95 1.74 15.68
N SER B 281 -0.18 1.86 14.60
CA SER B 281 0.29 3.19 14.16
C SER B 281 -0.81 4.22 13.96
N THR B 282 -1.89 3.86 13.27
CA THR B 282 -2.97 4.83 12.95
C THR B 282 -3.64 5.40 14.18
N ASP B 283 -3.45 4.73 15.33
CA ASP B 283 -3.99 5.19 16.60
C ASP B 283 -3.27 6.43 17.11
N PHE B 284 -2.16 6.76 16.48
CA PHE B 284 -1.41 7.96 16.86
C PHE B 284 -1.37 9.03 15.77
N ASN B 285 -2.17 8.85 14.73
CA ASN B 285 -2.29 9.88 13.70
C ASN B 285 -3.00 11.08 14.30
N GLY B 286 -2.31 12.21 14.38
CA GLY B 286 -2.84 13.40 15.06
C GLY B 286 -2.35 13.55 16.50
N GLU B 287 -1.49 12.64 16.93
CA GLU B 287 -0.91 12.66 18.27
C GLU B 287 0.05 13.83 18.46
N VAL B 288 -0.17 14.58 19.54
CA VAL B 288 0.60 15.77 19.91
C VAL B 288 1.82 15.43 20.78
N THR B 290 5.18 13.82 21.71
CA THR B 290 6.28 13.40 20.84
C THR B 290 6.81 11.98 21.10
N SER B 291 6.35 11.36 22.19
CA SER B 291 6.79 10.01 22.57
C SER B 291 5.63 9.39 23.34
N VAL B 292 5.03 8.32 22.82
CA VAL B 292 3.99 7.62 23.60
C VAL B 292 4.44 6.21 23.89
N PHE B 293 4.79 5.96 25.15
CA PHE B 293 5.25 4.63 25.59
C PHE B 293 4.15 3.59 25.43
N ASP B 294 4.48 2.51 24.73
CA ASP B 294 3.58 1.40 24.49
C ASP B 294 3.97 0.30 25.48
N ALA B 295 3.21 0.19 26.58
CA ALA B 295 3.60 -0.72 27.65
C ALA B 295 3.51 -2.19 27.22
N LYS B 296 2.44 -2.56 26.53
CA LYS B 296 2.29 -3.97 26.12
C LYS B 296 3.25 -4.43 25.01
N ALA B 297 3.77 -3.51 24.20
CA ALA B 297 4.64 -3.91 23.08
C ALA B 297 6.06 -4.28 23.49
N GLY B 298 6.54 -3.65 24.56
CA GLY B 298 7.94 -3.86 24.96
C GLY B 298 8.21 -5.22 25.54
N ILE B 299 9.48 -5.59 25.62
CA ILE B 299 9.85 -6.89 26.17
C ILE B 299 11.19 -6.82 26.92
N ALA B 300 11.27 -7.52 28.05
CA ALA B 300 12.51 -7.64 28.80
C ALA B 300 13.11 -9.02 28.58
N LEU B 301 14.39 -9.09 28.28
CA LEU B 301 15.08 -10.36 28.39
C LEU B 301 15.32 -10.64 29.88
N ASN B 302 15.81 -9.62 30.59
CA ASN B 302 16.09 -9.74 32.02
C ASN B 302 15.95 -8.39 32.74
N ASP B 303 16.30 -8.33 34.02
CA ASP B 303 16.16 -7.09 34.78
C ASP B 303 17.08 -5.98 34.25
N ASN B 304 18.04 -6.32 33.39
CA ASN B 304 19.02 -5.33 32.93
C ASN B 304 19.11 -5.16 31.41
N PHE B 305 18.32 -5.93 30.67
CA PHE B 305 18.36 -5.89 29.21
C PHE B 305 16.93 -5.89 28.67
N VAL B 306 16.54 -4.79 28.04
CA VAL B 306 15.12 -4.56 27.71
C VAL B 306 14.90 -3.83 26.40
N LYS B 307 13.78 -4.14 25.75
CA LYS B 307 13.39 -3.53 24.50
C LYS B 307 12.17 -2.68 24.79
N LEU B 308 12.27 -1.40 24.46
CA LEU B 308 11.21 -0.48 24.79
C LEU B 308 10.64 0.13 23.54
N VAL B 309 9.32 0.32 23.53
CA VAL B 309 8.61 0.77 22.33
C VAL B 309 7.89 2.07 22.59
N SER B 310 8.11 3.05 21.72
CA SER B 310 7.45 4.34 21.85
C SER B 310 7.05 4.92 20.48
N TRP B 311 5.79 5.35 20.38
CA TRP B 311 5.20 5.89 19.16
C TRP B 311 5.30 7.40 19.04
N TYR B 312 5.29 7.88 17.80
CA TYR B 312 5.22 9.30 17.49
C TYR B 312 4.61 9.56 16.12
N ASP B 313 3.70 10.53 16.08
CA ASP B 313 3.24 11.06 14.82
C ASP B 313 4.36 12.01 14.40
N ASN B 314 5.21 11.54 13.49
CA ASN B 314 6.36 12.32 12.99
C ASN B 314 5.99 13.70 12.43
N GLU B 315 4.74 13.84 11.94
CA GLU B 315 4.27 15.14 11.46
C GLU B 315 3.74 16.01 12.59
N THR B 316 2.78 15.49 13.35
CA THR B 316 1.99 16.30 14.28
C THR B 316 2.72 16.58 15.58
N GLY B 317 3.36 15.56 16.15
CA GLY B 317 4.08 15.72 17.39
C GLY B 317 5.19 16.74 17.24
N TYR B 318 6.04 16.50 16.24
CA TYR B 318 7.15 17.40 15.93
C TYR B 318 6.69 18.83 15.64
N SER B 319 5.67 18.98 14.80
CA SER B 319 5.13 20.30 14.47
C SER B 319 4.66 21.06 15.70
N ASN B 320 4.03 20.36 16.64
CA ASN B 320 3.58 20.98 17.87
C ASN B 320 4.74 21.46 18.73
N LYS B 321 5.82 20.67 18.76
CA LYS B 321 7.00 21.05 19.55
C LYS B 321 7.85 22.13 18.89
N VAL B 322 7.76 22.23 17.56
CA VAL B 322 8.32 23.38 16.86
C VAL B 322 7.67 24.66 17.37
N LEU B 323 6.35 24.64 17.55
CA LEU B 323 5.61 25.77 18.09
C LEU B 323 5.93 26.01 19.56
N ASP B 324 6.04 24.92 20.33
CA ASP B 324 6.53 25.00 21.72
C ASP B 324 7.90 25.67 21.81
N LEU B 325 8.85 25.25 20.98
CA LEU B 325 10.17 25.90 20.92
C LEU B 325 10.09 27.39 20.56
N ILE B 326 9.25 27.74 19.59
CA ILE B 326 9.03 29.14 19.22
C ILE B 326 8.55 29.96 20.45
N ALA B 327 7.54 29.45 21.14
CA ALA B 327 7.03 30.08 22.35
C ALA B 327 8.13 30.21 23.41
N HIS B 328 8.89 29.13 23.62
CA HIS B 328 9.93 29.08 24.65
C HIS B 328 11.06 30.09 24.43
N ILE B 329 11.59 30.17 23.21
CA ILE B 329 12.64 31.16 22.89
C ILE B 329 12.16 32.61 22.87
N SER B 330 10.85 32.81 22.90
CA SER B 330 10.29 34.15 22.91
C SER B 330 9.95 34.65 24.31
N LYS B 331 10.07 33.78 25.31
CA LYS B 331 9.67 34.10 26.68
C LYS B 331 10.51 35.23 27.27
N THR C 2 23.53 -5.39 -36.47
CA THR C 2 22.54 -5.01 -35.42
C THR C 2 22.34 -3.49 -35.40
N ILE C 3 21.19 -3.06 -34.90
CA ILE C 3 20.90 -1.64 -34.74
C ILE C 3 21.54 -1.19 -33.44
N LYS C 4 22.41 -0.18 -33.50
CA LYS C 4 23.08 0.30 -32.30
C LYS C 4 22.20 1.37 -31.65
N VAL C 5 21.88 1.17 -30.38
CA VAL C 5 20.95 2.08 -29.70
C VAL C 5 21.57 2.79 -28.51
N GLY C 6 21.21 4.07 -28.36
CA GLY C 6 21.55 4.83 -27.16
C GLY C 6 20.28 5.21 -26.43
N ILE C 7 20.33 5.12 -25.09
CA ILE C 7 19.19 5.53 -24.24
C ILE C 7 19.48 6.88 -23.58
N ASN C 8 18.56 7.82 -23.73
CA ASN C 8 18.64 9.06 -22.96
C ASN C 8 17.59 9.00 -21.87
N GLY C 9 18.03 9.04 -20.61
CA GLY C 9 17.14 8.88 -19.47
C GLY C 9 17.00 7.41 -19.07
N PHE C 10 17.73 7.02 -18.04
CA PHE C 10 17.73 5.64 -17.54
C PHE C 10 16.74 5.53 -16.37
N GLY C 11 15.49 5.90 -16.64
CA GLY C 11 14.42 5.84 -15.67
C GLY C 11 13.69 4.52 -15.83
N ARG C 12 12.43 4.47 -15.42
CA ARG C 12 11.61 3.27 -15.54
C ARG C 12 11.59 2.74 -16.97
N ILE C 13 11.29 3.62 -17.93
CA ILE C 13 11.23 3.23 -19.34
C ILE C 13 12.64 2.95 -19.86
N GLY C 14 13.58 3.87 -19.67
CA GLY C 14 14.98 3.65 -20.04
C GLY C 14 15.53 2.28 -19.64
N ARG C 15 15.43 1.98 -18.34
CA ARG C 15 15.89 0.70 -17.75
C ARG C 15 15.12 -0.53 -18.22
N ILE C 16 13.82 -0.39 -18.47
CA ILE C 16 13.02 -1.56 -18.85
C ILE C 16 13.22 -1.83 -20.35
N VAL C 17 13.42 -0.76 -21.11
CA VAL C 17 13.86 -0.87 -22.50
C VAL C 17 15.21 -1.59 -22.52
N PHE C 18 16.12 -1.17 -21.64
CA PHE C 18 17.42 -1.81 -21.58
C PHE C 18 17.33 -3.33 -21.34
N ARG C 19 16.43 -3.74 -20.46
CA ARG C 19 16.27 -5.16 -20.13
C ARG C 19 15.70 -5.93 -21.31
N ALA C 20 14.68 -5.36 -21.96
CA ALA C 20 14.00 -6.01 -23.07
C ALA C 20 14.88 -6.12 -24.31
N ALA C 21 15.81 -5.17 -24.44
CA ALA C 21 16.81 -5.19 -25.52
C ALA C 21 17.78 -6.37 -25.49
N GLN C 22 18.11 -6.85 -24.28
CA GLN C 22 19.04 -7.98 -24.12
C GLN C 22 18.48 -9.27 -24.73
N LYS C 23 17.17 -9.37 -24.80
CA LYS C 23 16.50 -10.54 -25.38
C LYS C 23 16.47 -10.51 -26.90
N ARG C 24 16.81 -9.37 -27.49
CA ARG C 24 16.69 -9.14 -28.92
C ARG C 24 18.01 -9.33 -29.67
N SER C 25 17.92 -9.95 -30.85
CA SER C 25 19.12 -10.19 -31.67
C SER C 25 19.38 -9.06 -32.66
N ASP C 26 18.34 -8.28 -32.94
CA ASP C 26 18.41 -7.18 -33.90
C ASP C 26 18.91 -5.86 -33.30
N ILE C 27 18.87 -5.75 -31.98
CA ILE C 27 19.16 -4.49 -31.29
C ILE C 27 20.21 -4.65 -30.19
N GLU C 28 21.16 -3.71 -30.14
CA GLU C 28 22.18 -3.65 -29.10
C GLU C 28 22.27 -2.25 -28.53
N ILE C 29 22.17 -2.15 -27.21
CA ILE C 29 22.34 -0.89 -26.50
C ILE C 29 23.82 -0.69 -26.27
N VAL C 30 24.37 0.40 -26.80
CA VAL C 30 25.80 0.65 -26.70
C VAL C 30 26.15 1.81 -25.77
N ALA C 31 25.16 2.67 -25.49
CA ALA C 31 25.38 3.84 -24.62
C ALA C 31 24.12 4.26 -23.86
N ILE C 32 24.32 4.78 -22.65
CA ILE C 32 23.22 5.35 -21.88
C ILE C 32 23.61 6.73 -21.35
N ASN C 33 22.66 7.65 -21.39
CA ASN C 33 22.84 8.96 -20.77
C ASN C 33 21.81 9.26 -19.68
N ASP C 34 22.30 9.76 -18.55
CA ASP C 34 21.45 10.23 -17.46
C ASP C 34 22.29 11.16 -16.59
N LEU C 35 21.78 11.50 -15.42
CA LEU C 35 22.47 12.38 -14.49
C LEU C 35 23.10 11.53 -13.38
N LEU C 36 23.56 10.33 -13.74
CA LEU C 36 23.97 9.32 -12.79
C LEU C 36 25.37 8.81 -13.03
N ASP C 37 26.06 8.45 -11.95
CA ASP C 37 27.33 7.77 -12.00
C ASP C 37 27.12 6.35 -12.54
N ALA C 38 28.16 5.79 -13.16
CA ALA C 38 28.10 4.43 -13.69
C ALA C 38 27.72 3.39 -12.65
N ASP C 39 28.30 3.51 -11.45
CA ASP C 39 28.04 2.59 -10.34
C ASP C 39 26.60 2.61 -9.88
N TYR C 40 26.03 3.80 -9.81
CA TYR C 40 24.63 3.97 -9.49
C TYR C 40 23.74 3.37 -10.60
N MET C 41 24.07 3.63 -11.86
CA MET C 41 23.35 3.06 -12.98
C MET C 41 23.35 1.53 -12.93
N ALA C 42 24.51 0.96 -12.60
CA ALA C 42 24.67 -0.47 -12.39
C ALA C 42 23.70 -0.94 -11.30
N TYR C 43 23.68 -0.21 -10.18
CA TYR C 43 22.77 -0.49 -9.08
C TYR C 43 21.31 -0.47 -9.52
N MET C 44 20.93 0.53 -10.31
CA MET C 44 19.54 0.72 -10.69
C MET C 44 19.08 -0.34 -11.67
N LEU C 45 20.02 -0.81 -12.48
CA LEU C 45 19.75 -1.86 -13.45
C LEU C 45 19.63 -3.24 -12.79
N LYS C 46 20.54 -3.53 -11.86
CA LYS C 46 20.66 -4.83 -11.22
C LYS C 46 19.44 -5.15 -10.37
N TYR C 47 19.01 -4.18 -9.57
CA TYR C 47 17.92 -4.35 -8.62
C TYR C 47 16.70 -3.58 -9.04
N ASP C 48 15.55 -4.25 -9.07
CA ASP C 48 14.32 -3.60 -9.46
C ASP C 48 13.18 -4.07 -8.54
N SER C 49 12.54 -3.12 -7.87
CA SER C 49 11.43 -3.43 -6.94
C SER C 49 10.27 -4.13 -7.62
N THR C 50 9.99 -3.73 -8.86
CA THR C 50 8.83 -4.23 -9.58
C THR C 50 9.13 -5.51 -10.36
N HIS C 51 10.31 -5.57 -10.96
CA HIS C 51 10.61 -6.63 -11.91
C HIS C 51 11.69 -7.58 -11.46
N GLY C 52 12.19 -7.40 -10.25
CA GLY C 52 13.14 -8.34 -9.69
C GLY C 52 14.54 -8.11 -10.21
N ARG C 53 15.44 -9.04 -9.90
CA ARG C 53 16.83 -8.87 -10.24
C ARG C 53 17.06 -9.02 -11.73
N PHE C 54 18.06 -8.30 -12.22
CA PHE C 54 18.46 -8.37 -13.61
C PHE C 54 18.94 -9.77 -13.93
N ASP C 55 18.34 -10.37 -14.96
CA ASP C 55 18.74 -11.68 -15.42
C ASP C 55 20.00 -11.55 -16.29
N GLY C 56 21.15 -11.62 -15.66
CA GLY C 56 22.42 -11.43 -16.35
C GLY C 56 23.48 -10.85 -15.44
N THR C 57 24.60 -10.47 -16.04
CA THR C 57 25.75 -9.95 -15.31
C THR C 57 25.87 -8.45 -15.51
N VAL C 58 26.18 -7.74 -14.44
CA VAL C 58 26.51 -6.32 -14.54
C VAL C 58 27.70 -5.99 -13.64
N GLU C 59 28.65 -5.26 -14.23
CA GLU C 59 29.90 -4.94 -13.56
C GLU C 59 30.28 -3.51 -13.92
N VAL C 60 31.00 -2.86 -13.01
CA VAL C 60 31.67 -1.60 -13.32
C VAL C 60 33.16 -1.87 -13.15
N LYS C 61 33.86 -1.97 -14.27
CA LYS C 61 35.26 -2.38 -14.25
C LYS C 61 36.16 -1.21 -14.66
N ASP C 62 36.81 -0.63 -13.67
CA ASP C 62 37.72 0.53 -13.82
C ASP C 62 37.05 1.92 -13.70
N GLY C 63 36.62 2.58 -14.78
CA GLY C 63 35.80 1.99 -15.82
C GLY C 63 34.39 2.45 -15.43
N HIS C 64 33.29 1.91 -15.99
CA HIS C 64 33.13 1.22 -17.28
C HIS C 64 32.01 0.22 -17.00
N LEU C 65 30.81 0.55 -17.48
CA LEU C 65 29.67 -0.35 -17.33
C LEU C 65 29.81 -1.56 -18.27
N ILE C 66 29.97 -2.74 -17.68
CA ILE C 66 30.00 -4.00 -18.42
C ILE C 66 28.73 -4.80 -18.14
N VAL C 67 27.85 -4.90 -19.14
CA VAL C 67 26.62 -5.66 -18.99
C VAL C 67 26.62 -6.84 -19.96
N ASN C 68 26.46 -8.05 -19.40
CA ASN C 68 26.50 -9.29 -20.18
C ASN C 68 27.75 -9.38 -21.05
N GLY C 69 28.89 -9.02 -20.47
CA GLY C 69 30.16 -9.02 -21.19
C GLY C 69 30.36 -7.81 -22.10
N LYS C 70 29.33 -6.99 -22.26
CA LYS C 70 29.35 -5.89 -23.22
C LYS C 70 29.55 -4.51 -22.59
N LYS C 71 30.53 -3.77 -23.11
CA LYS C 71 30.83 -2.42 -22.64
C LYS C 71 29.71 -1.46 -23.05
N ILE C 72 29.21 -0.70 -22.07
CA ILE C 72 28.21 0.34 -22.31
C ILE C 72 28.82 1.68 -21.95
N ARG C 73 28.79 2.63 -22.89
CA ARG C 73 29.23 3.98 -22.59
C ARG C 73 28.20 4.68 -21.70
N VAL C 74 28.69 5.26 -20.61
CA VAL C 74 27.85 6.02 -19.69
C VAL C 74 28.28 7.48 -19.68
N THR C 75 27.34 8.37 -20.00
CA THR C 75 27.57 9.81 -19.95
C THR C 75 26.58 10.50 -19.03
N ALA C 76 26.91 11.72 -18.61
CA ALA C 76 26.05 12.53 -17.73
C ALA C 76 25.84 13.95 -18.26
N GLU C 77 25.39 14.04 -19.51
CA GLU C 77 25.12 15.32 -20.16
C GLU C 77 23.65 15.73 -19.99
N ARG C 78 23.44 16.85 -19.31
CA ARG C 78 22.11 17.43 -19.14
C ARG C 78 21.52 17.83 -20.48
N ASP C 79 22.41 18.20 -21.40
CA ASP C 79 22.04 18.71 -22.71
C ASP C 79 22.34 17.69 -23.81
N PRO C 80 21.29 17.20 -24.51
CA PRO C 80 21.39 16.16 -25.54
C PRO C 80 22.33 16.50 -26.69
N ALA C 81 22.48 17.79 -27.00
CA ALA C 81 23.37 18.24 -28.08
C ALA C 81 24.83 17.84 -27.84
N ASN C 82 25.19 17.69 -26.56
CA ASN C 82 26.56 17.38 -26.15
C ASN C 82 26.86 15.88 -26.09
N LEU C 83 25.99 15.06 -26.64
CA LEU C 83 26.05 13.62 -26.42
C LEU C 83 27.11 12.82 -27.19
N LYS C 84 27.46 13.28 -28.40
CA LYS C 84 28.47 12.59 -29.23
C LYS C 84 28.07 11.13 -29.47
N TRP C 85 26.84 10.92 -29.90
CA TRP C 85 26.34 9.58 -30.19
C TRP C 85 27.21 8.82 -31.19
N ASP C 86 27.57 9.51 -32.28
CA ASP C 86 28.40 8.94 -33.33
C ASP C 86 29.73 8.33 -32.85
N GLU C 87 30.24 8.85 -31.73
CA GLU C 87 31.52 8.42 -31.16
C GLU C 87 31.49 6.96 -30.69
N VAL C 88 30.28 6.44 -30.50
CA VAL C 88 30.09 5.04 -30.14
C VAL C 88 29.18 4.34 -31.18
N GLY C 89 28.87 5.07 -32.25
CA GLY C 89 28.23 4.50 -33.45
C GLY C 89 26.74 4.23 -33.32
N VAL C 90 26.05 5.12 -32.62
CA VAL C 90 24.62 4.97 -32.36
C VAL C 90 23.77 5.34 -33.59
N ASP C 91 22.91 4.40 -33.98
CA ASP C 91 21.94 4.64 -35.04
C ASP C 91 20.73 5.37 -34.50
N VAL C 92 20.12 4.80 -33.46
CA VAL C 92 18.84 5.30 -32.95
C VAL C 92 18.95 5.62 -31.46
N VAL C 93 18.31 6.73 -31.08
CA VAL C 93 18.25 7.14 -29.69
C VAL C 93 16.85 6.93 -29.14
N ALA C 94 16.76 6.15 -28.06
CA ALA C 94 15.54 6.06 -27.27
C ALA C 94 15.55 7.22 -26.28
N GLU C 95 14.68 8.19 -26.55
CA GLU C 95 14.62 9.42 -25.76
C GLU C 95 13.56 9.24 -24.66
N ALA C 96 14.04 8.97 -23.45
CA ALA C 96 13.20 8.50 -22.35
C ALA C 96 13.24 9.39 -21.10
N THR C 97 13.58 10.67 -21.27
CA THR C 97 13.64 11.60 -20.15
C THR C 97 12.28 12.22 -19.80
N GLY C 98 11.38 12.28 -20.78
CA GLY C 98 10.14 13.04 -20.64
C GLY C 98 10.32 14.54 -20.86
N LEU C 99 11.56 14.96 -21.11
CA LEU C 99 11.90 16.39 -21.22
C LEU C 99 12.04 16.90 -22.65
N PHE C 100 12.23 15.98 -23.60
CA PHE C 100 12.57 16.36 -24.98
C PHE C 100 11.60 15.75 -26.00
N LEU C 101 10.36 16.24 -25.97
CA LEU C 101 9.25 15.65 -26.71
C LEU C 101 8.75 16.52 -27.87
N THR C 102 9.61 17.39 -28.37
CA THR C 102 9.34 18.14 -29.59
C THR C 102 10.48 17.89 -30.56
N ASP C 103 10.24 18.12 -31.85
CA ASP C 103 11.29 17.99 -32.87
C ASP C 103 12.49 18.87 -32.49
N GLU C 104 12.22 20.11 -32.10
CA GLU C 104 13.26 21.05 -31.70
CA GLU C 104 13.25 21.06 -31.67
C GLU C 104 14.22 20.42 -30.70
N THR C 105 13.67 19.88 -29.62
CA THR C 105 14.46 19.28 -28.54
C THR C 105 15.06 17.93 -28.92
N ALA C 106 14.23 17.04 -29.47
CA ALA C 106 14.68 15.69 -29.83
C ALA C 106 15.74 15.68 -30.94
N ARG C 107 15.73 16.71 -31.78
CA ARG C 107 16.68 16.82 -32.90
C ARG C 107 18.12 17.05 -32.45
N LYS C 108 18.28 17.49 -31.20
CA LYS C 108 19.61 17.61 -30.60
C LYS C 108 20.40 16.30 -30.64
N HIS C 109 19.71 15.17 -30.56
CA HIS C 109 20.34 13.86 -30.71
C HIS C 109 20.93 13.68 -32.11
N ILE C 110 20.19 14.14 -33.12
CA ILE C 110 20.66 14.03 -34.51
C ILE C 110 21.86 14.94 -34.76
N THR C 111 21.82 16.17 -34.25
CA THR C 111 23.00 17.03 -34.30
C THR C 111 24.16 16.51 -33.43
N ALA C 112 23.85 15.62 -32.48
CA ALA C 112 24.88 14.97 -31.65
C ALA C 112 25.39 13.64 -32.27
N GLY C 113 24.94 13.32 -33.47
CA GLY C 113 25.53 12.24 -34.26
C GLY C 113 24.66 11.02 -34.52
N ALA C 114 23.48 10.98 -33.90
CA ALA C 114 22.56 9.87 -34.08
C ALA C 114 21.72 10.09 -35.34
N LYS C 115 21.27 9.00 -35.95
CA LYS C 115 20.49 9.08 -37.18
C LYS C 115 19.02 9.40 -36.95
N LYS C 116 18.41 8.70 -35.99
CA LYS C 116 16.98 8.82 -35.72
C LYS C 116 16.69 8.84 -34.22
N VAL C 117 15.48 9.26 -33.86
CA VAL C 117 15.07 9.33 -32.46
C VAL C 117 13.67 8.77 -32.30
N VAL C 118 13.50 7.88 -31.33
CA VAL C 118 12.20 7.46 -30.87
C VAL C 118 11.94 8.06 -29.49
N MET C 119 10.95 8.95 -29.43
CA MET C 119 10.48 9.51 -28.17
C MET C 119 9.66 8.45 -27.47
N THR C 120 9.92 8.26 -26.17
CA THR C 120 9.20 7.25 -25.40
C THR C 120 8.01 7.87 -24.66
N GLY C 121 7.30 8.76 -25.33
CA GLY C 121 6.09 9.39 -24.82
C GLY C 121 5.43 10.19 -25.93
N PRO C 122 4.17 10.63 -25.74
CA PRO C 122 3.47 11.39 -26.79
C PRO C 122 4.16 12.72 -27.01
N SER C 123 4.34 13.08 -28.27
CA SER C 123 5.03 14.31 -28.64
C SER C 123 4.18 15.52 -28.29
N LYS C 124 4.85 16.61 -27.91
CA LYS C 124 4.16 17.84 -27.54
C LYS C 124 4.04 18.81 -28.72
N ASP C 125 4.53 18.38 -29.88
CA ASP C 125 4.33 19.11 -31.13
C ASP C 125 3.69 18.22 -32.22
N ASN C 126 4.09 18.43 -33.47
N ASN C 126 4.06 18.43 -33.48
CA ASN C 126 3.54 17.71 -34.63
CA ASN C 126 3.49 17.65 -34.58
C ASN C 126 4.34 16.44 -34.98
C ASN C 126 4.22 16.35 -34.90
N THR C 127 5.24 16.03 -34.09
CA THR C 127 6.04 14.80 -34.27
C THR C 127 5.10 13.60 -34.41
N PRO C 128 5.22 12.85 -35.52
CA PRO C 128 4.28 11.77 -35.78
C PRO C 128 4.39 10.65 -34.75
N MET C 129 3.24 10.09 -34.39
CA MET C 129 3.19 8.99 -33.43
C MET C 129 2.85 7.69 -34.15
N PHE C 130 3.47 6.62 -33.68
CA PHE C 130 3.20 5.30 -34.22
C PHE C 130 2.93 4.34 -33.09
N VAL C 131 1.85 3.57 -33.25
CA VAL C 131 1.45 2.55 -32.31
C VAL C 131 1.42 1.22 -33.05
N LYS C 132 2.21 0.27 -32.55
CA LYS C 132 2.29 -1.04 -33.17
C LYS C 132 0.92 -1.70 -33.13
N GLY C 133 0.50 -2.22 -34.28
CA GLY C 133 -0.81 -2.83 -34.41
C GLY C 133 -1.84 -1.84 -34.90
N ALA C 134 -1.51 -0.55 -34.84
CA ALA C 134 -2.37 0.50 -35.37
C ALA C 134 -1.86 1.13 -36.68
N ASN C 135 -0.64 1.67 -36.67
CA ASN C 135 -0.18 2.46 -37.81
C ASN C 135 1.33 2.45 -38.06
N PHE C 136 2.02 1.36 -37.66
CA PHE C 136 3.45 1.23 -37.93
C PHE C 136 3.71 1.39 -39.43
N ASP C 137 2.86 0.76 -40.24
CA ASP C 137 3.00 0.79 -41.70
C ASP C 137 2.79 2.18 -42.32
N LYS C 138 2.35 3.15 -41.54
CA LYS C 138 2.27 4.54 -42.02
C LYS C 138 3.59 5.30 -41.86
N TYR C 139 4.59 4.67 -41.25
CA TYR C 139 5.92 5.26 -41.13
C TYR C 139 6.50 5.53 -42.52
N ALA C 140 7.00 6.74 -42.74
CA ALA C 140 7.48 7.17 -44.05
C ALA C 140 8.91 7.74 -44.05
N GLY C 141 9.82 7.06 -43.35
CA GLY C 141 11.23 7.47 -43.31
C GLY C 141 11.58 8.66 -42.43
N GLN C 142 10.63 9.15 -41.62
CA GLN C 142 10.86 10.28 -40.71
C GLN C 142 12.01 9.99 -39.74
N ASP C 143 12.79 11.01 -39.41
CA ASP C 143 13.95 10.80 -38.55
C ASP C 143 13.65 10.91 -37.05
N ILE C 144 12.49 11.49 -36.72
CA ILE C 144 12.05 11.62 -35.33
C ILE C 144 10.60 11.19 -35.22
N VAL C 145 10.35 10.18 -34.41
CA VAL C 145 8.99 9.68 -34.19
C VAL C 145 8.72 9.47 -32.69
N SER C 146 7.45 9.35 -32.35
CA SER C 146 7.01 9.08 -30.99
C SER C 146 6.26 7.74 -30.94
N ASN C 147 6.53 6.93 -29.92
CA ASN C 147 5.81 5.69 -29.67
C ASN C 147 4.48 5.90 -28.91
N ALA C 148 4.04 7.16 -28.85
CA ALA C 148 2.82 7.57 -28.13
C ALA C 148 2.92 7.27 -26.62
N SER C 149 1.78 7.01 -25.97
CA SER C 149 1.76 6.69 -24.52
C SER C 149 1.43 5.22 -24.27
N THR C 151 -0.97 4.06 -22.42
CA THR C 151 -2.44 3.93 -22.51
C THR C 151 -2.93 3.89 -23.98
N THR C 152 -2.37 4.76 -24.82
CA THR C 152 -2.66 4.75 -26.26
C THR C 152 -2.29 3.40 -26.85
N ASN C 153 -1.13 2.87 -26.46
CA ASN C 153 -0.70 1.56 -26.91
C ASN C 153 -1.67 0.45 -26.50
N CYS C 154 -2.43 0.68 -25.44
CA CYS C 154 -3.42 -0.30 -25.01
C CYS C 154 -4.72 -0.11 -25.77
N LEU C 155 -5.17 1.15 -25.86
CA LEU C 155 -6.49 1.44 -26.42
C LEU C 155 -6.51 1.32 -27.94
N ALA C 156 -5.49 1.84 -28.60
CA ALA C 156 -5.46 1.86 -30.07
C ALA C 156 -5.70 0.49 -30.72
N PRO C 157 -4.90 -0.54 -30.36
CA PRO C 157 -5.11 -1.85 -30.99
C PRO C 157 -6.51 -2.41 -30.79
N LEU C 158 -7.04 -2.26 -29.59
CA LEU C 158 -8.40 -2.70 -29.29
C LEU C 158 -9.42 -1.90 -30.12
N ALA C 159 -9.30 -0.57 -30.07
CA ALA C 159 -10.19 0.33 -30.80
C ALA C 159 -10.25 -0.05 -32.29
N LYS C 160 -9.08 -0.26 -32.88
CA LYS C 160 -8.98 -0.66 -34.28
C LYS C 160 -9.79 -1.92 -34.59
N VAL C 161 -9.59 -2.98 -33.79
CA VAL C 161 -10.32 -4.24 -33.98
C VAL C 161 -11.83 -4.05 -33.83
N ILE C 162 -12.24 -3.31 -32.81
CA ILE C 162 -13.66 -3.02 -32.58
C ILE C 162 -14.24 -2.12 -33.69
N ASN C 163 -13.49 -1.10 -34.08
CA ASN C 163 -13.92 -0.24 -35.17
C ASN C 163 -14.01 -0.95 -36.53
N ASP C 164 -12.97 -1.72 -36.88
CA ASP C 164 -12.91 -2.47 -38.15
C ASP C 164 -14.09 -3.41 -38.29
N ASN C 165 -14.43 -4.09 -37.20
CA ASN C 165 -15.49 -5.10 -37.20
C ASN C 165 -16.91 -4.58 -37.01
N PHE C 166 -17.09 -3.52 -36.21
CA PHE C 166 -18.44 -3.12 -35.80
C PHE C 166 -18.73 -1.64 -35.95
N GLY C 167 -17.69 -0.85 -36.18
CA GLY C 167 -17.84 0.61 -36.32
C GLY C 167 -18.07 1.28 -34.99
N ILE C 168 -17.08 2.04 -34.53
CA ILE C 168 -17.23 2.81 -33.32
C ILE C 168 -17.87 4.15 -33.67
N ILE C 169 -19.10 4.35 -33.21
CA ILE C 169 -19.74 5.65 -33.31
C ILE C 169 -19.03 6.64 -32.38
N GLU C 170 -18.89 6.23 -31.12
CA GLU C 170 -18.32 7.06 -30.08
C GLU C 170 -17.96 6.20 -28.86
N GLY C 171 -16.94 6.62 -28.13
CA GLY C 171 -16.49 5.89 -26.96
C GLY C 171 -15.88 6.79 -25.91
N LEU C 172 -16.01 6.36 -24.66
CA LEU C 172 -15.42 7.06 -23.54
C LEU C 172 -14.59 6.09 -22.74
N MET C 173 -13.36 6.50 -22.42
CA MET C 173 -12.39 5.61 -21.79
C MET C 173 -12.02 6.05 -20.37
N THR C 174 -11.85 5.06 -19.51
CA THR C 174 -11.13 5.30 -18.25
C THR C 174 -9.96 4.34 -18.18
N THR C 175 -8.79 4.86 -17.81
CA THR C 175 -7.73 3.97 -17.40
C THR C 175 -7.59 3.97 -15.88
N VAL C 176 -7.69 2.79 -15.27
CA VAL C 176 -7.32 2.66 -13.88
C VAL C 176 -5.84 2.31 -13.90
N HIS C 177 -5.02 3.25 -13.43
CA HIS C 177 -3.62 3.28 -13.76
C HIS C 177 -2.74 3.23 -12.51
N ALA C 178 -1.64 2.48 -12.61
CA ALA C 178 -0.65 2.39 -11.54
C ALA C 178 0.04 3.73 -11.32
N THR C 179 0.57 3.95 -10.11
CA THR C 179 1.32 5.17 -9.84
C THR C 179 2.63 5.15 -10.61
N THR C 180 3.15 6.33 -10.91
CA THR C 180 4.36 6.48 -11.70
C THR C 180 5.32 7.45 -11.03
N ALA C 181 6.46 7.68 -11.68
CA ALA C 181 7.51 8.54 -11.16
C ALA C 181 7.11 10.00 -10.95
N THR C 182 6.10 10.49 -11.69
CA THR C 182 5.70 11.89 -11.57
C THR C 182 4.91 12.17 -10.29
N GLN C 183 4.49 11.11 -9.60
CA GLN C 183 3.68 11.28 -8.39
C GLN C 183 4.51 11.43 -7.12
N LYS C 184 3.82 11.67 -6.00
CA LYS C 184 4.47 11.93 -4.70
C LYS C 184 4.11 10.90 -3.64
N THR C 185 5.07 10.60 -2.77
CA THR C 185 4.85 9.62 -1.68
C THR C 185 3.86 10.14 -0.62
N VAL C 186 3.94 11.45 -0.36
CA VAL C 186 3.02 12.15 0.54
C VAL C 186 2.57 13.44 -0.16
N ASP C 187 1.47 14.05 0.31
CA ASP C 187 0.98 15.32 -0.26
C ASP C 187 2.12 16.32 -0.51
N GLY C 188 2.45 16.52 -1.79
CA GLY C 188 3.52 17.42 -2.18
C GLY C 188 3.22 18.28 -3.41
N PRO C 189 4.16 19.13 -3.80
CA PRO C 189 3.86 20.12 -4.84
C PRO C 189 3.86 19.56 -6.25
N SER C 190 2.75 19.77 -6.96
CA SER C 190 2.64 19.43 -8.36
C SER C 190 1.84 20.51 -9.06
N HIS C 191 2.47 21.66 -9.32
CA HIS C 191 1.73 22.89 -9.66
C HIS C 191 0.89 22.82 -10.93
N LYS C 192 1.30 21.97 -11.87
CA LYS C 192 0.58 21.76 -13.14
C LYS C 192 -0.53 20.70 -13.06
N ASP C 193 -0.53 19.95 -11.95
CA ASP C 193 -1.49 18.88 -11.72
C ASP C 193 -1.66 18.72 -10.22
N TRP C 194 -2.51 19.55 -9.63
CA TRP C 194 -2.77 19.57 -8.18
C TRP C 194 -3.10 18.18 -7.64
N ARG C 195 -4.05 17.50 -8.28
CA ARG C 195 -4.46 16.18 -7.80
C ARG C 195 -3.27 15.21 -7.76
N GLY C 196 -2.41 15.27 -8.78
CA GLY C 196 -1.25 14.40 -8.88
C GLY C 196 -0.14 14.64 -7.86
N GLY C 197 -0.27 15.70 -7.05
CA GLY C 197 0.68 15.96 -5.96
C GLY C 197 0.33 15.19 -4.69
N ARG C 198 -0.92 14.76 -4.60
CA ARG C 198 -1.44 14.09 -3.41
C ARG C 198 -0.84 12.69 -3.21
N GLY C 199 -0.66 12.31 -1.95
CA GLY C 199 -0.04 11.03 -1.58
C GLY C 199 -0.49 9.89 -2.45
N ALA C 200 0.45 9.35 -3.24
CA ALA C 200 0.11 8.30 -4.22
C ALA C 200 -0.47 7.04 -3.60
N SER C 201 0.10 6.61 -2.47
CA SER C 201 -0.27 5.35 -1.82
C SER C 201 -1.56 5.44 -1.00
N GLN C 202 -2.07 6.67 -0.81
CA GLN C 202 -3.25 6.89 0.03
C GLN C 202 -4.56 7.02 -0.74
N ASN C 203 -4.44 7.28 -2.05
CA ASN C 203 -5.53 7.89 -2.83
C ASN C 203 -5.87 7.21 -4.15
N ILE C 204 -7.13 7.31 -4.52
CA ILE C 204 -7.56 7.24 -5.91
C ILE C 204 -7.48 8.67 -6.43
N ILE C 205 -6.66 8.90 -7.45
CA ILE C 205 -6.40 10.24 -7.95
C ILE C 205 -6.89 10.41 -9.39
N PRO C 206 -7.99 11.19 -9.58
CA PRO C 206 -8.42 11.52 -10.95
C PRO C 206 -7.33 12.27 -11.71
N SER C 207 -7.21 11.98 -13.00
CA SER C 207 -6.15 12.53 -13.82
C SER C 207 -6.65 12.70 -15.23
N SER C 208 -6.24 13.80 -15.86
CA SER C 208 -6.49 14.04 -17.28
C SER C 208 -5.61 13.09 -18.10
N THR C 209 -6.08 12.77 -19.30
CA THR C 209 -5.27 12.00 -20.24
C THR C 209 -5.57 12.43 -21.68
N GLY C 210 -4.58 12.28 -22.54
CA GLY C 210 -4.74 12.58 -23.95
C GLY C 210 -4.73 11.33 -24.79
N ALA C 211 -4.71 10.17 -24.13
CA ALA C 211 -4.54 8.87 -24.80
C ALA C 211 -5.68 8.48 -25.73
N ALA C 212 -6.92 8.80 -25.34
CA ALA C 212 -8.07 8.41 -26.15
C ALA C 212 -8.20 9.29 -27.39
N LYS C 213 -7.97 10.60 -27.22
CA LYS C 213 -7.89 11.52 -28.36
C LYS C 213 -6.73 11.16 -29.29
N ALA C 214 -5.60 10.74 -28.70
CA ALA C 214 -4.40 10.39 -29.48
C ALA C 214 -4.61 9.15 -30.35
N VAL C 215 -5.64 8.38 -30.03
CA VAL C 215 -6.07 7.25 -30.86
C VAL C 215 -6.52 7.79 -32.20
N GLY C 216 -7.21 8.93 -32.19
CA GLY C 216 -7.67 9.59 -33.40
C GLY C 216 -6.55 10.05 -34.32
N LYS C 217 -5.35 10.23 -33.75
CA LYS C 217 -4.17 10.57 -34.53
C LYS C 217 -3.55 9.37 -35.26
N VAL C 218 -3.40 8.24 -34.54
CA VAL C 218 -2.82 7.03 -35.13
C VAL C 218 -3.84 6.26 -35.97
N LEU C 219 -5.13 6.44 -35.62
CA LEU C 219 -6.24 5.92 -36.42
C LEU C 219 -7.16 7.10 -36.77
N PRO C 220 -6.82 7.83 -37.86
CA PRO C 220 -7.54 9.05 -38.27
C PRO C 220 -9.04 8.84 -38.44
N GLU C 221 -9.46 7.63 -38.77
CA GLU C 221 -10.87 7.32 -38.91
C GLU C 221 -11.63 7.49 -37.59
N LEU C 222 -10.90 7.59 -36.48
CA LEU C 222 -11.49 7.75 -35.16
C LEU C 222 -11.27 9.13 -34.54
N ASN C 223 -10.82 10.10 -35.34
CA ASN C 223 -10.64 11.47 -34.85
C ASN C 223 -11.94 12.01 -34.27
N GLY C 224 -11.88 12.63 -33.09
CA GLY C 224 -13.05 13.20 -32.44
C GLY C 224 -14.09 12.22 -31.93
N LYS C 225 -13.78 10.92 -31.98
CA LYS C 225 -14.74 9.86 -31.58
C LYS C 225 -14.53 9.26 -30.17
N LEU C 226 -13.34 9.49 -29.59
CA LEU C 226 -13.03 8.95 -28.27
C LEU C 226 -12.38 10.01 -27.41
N THR C 227 -12.76 10.04 -26.14
CA THR C 227 -11.98 10.75 -25.15
C THR C 227 -12.05 9.94 -23.85
N GLY C 228 -11.47 10.46 -22.78
CA GLY C 228 -11.55 9.74 -21.54
C GLY C 228 -10.75 10.42 -20.47
N MET C 229 -10.42 9.62 -19.45
CA MET C 229 -9.65 10.11 -18.32
C MET C 229 -9.03 8.95 -17.55
N ALA C 230 -8.38 9.28 -16.43
CA ALA C 230 -7.65 8.29 -15.66
C ALA C 230 -7.96 8.41 -14.17
N PHE C 231 -7.80 7.29 -13.47
CA PHE C 231 -7.73 7.26 -12.02
C PHE C 231 -6.38 6.64 -11.67
N ARG C 232 -5.51 7.40 -11.00
CA ARG C 232 -4.27 6.84 -10.51
C ARG C 232 -4.51 6.15 -9.16
N VAL C 233 -4.12 4.89 -9.06
CA VAL C 233 -4.32 4.11 -7.83
C VAL C 233 -3.00 3.56 -7.27
N PRO C 234 -2.98 3.14 -5.97
CA PRO C 234 -1.78 2.72 -5.25
C PRO C 234 -1.26 1.33 -5.62
N THR C 235 -0.93 1.13 -6.89
CA THR C 235 -0.23 -0.09 -7.31
C THR C 235 1.02 0.41 -8.02
N PRO C 236 2.13 -0.36 -7.93
CA PRO C 236 3.41 0.11 -8.49
C PRO C 236 3.55 -0.02 -10.01
N ASN C 237 2.72 -0.87 -10.61
CA ASN C 237 2.83 -1.18 -12.04
C ASN C 237 1.62 -1.96 -12.50
N VAL C 238 1.34 -1.88 -13.81
CA VAL C 238 0.20 -2.48 -14.50
C VAL C 238 -1.04 -1.58 -14.38
N SER C 239 -1.70 -1.39 -15.52
CA SER C 239 -2.84 -0.50 -15.61
C SER C 239 -3.89 -1.20 -16.43
N VAL C 240 -5.11 -0.68 -16.42
CA VAL C 240 -6.19 -1.32 -17.17
C VAL C 240 -7.07 -0.27 -17.86
N VAL C 241 -7.44 -0.55 -19.10
CA VAL C 241 -8.31 0.32 -19.88
C VAL C 241 -9.76 -0.18 -19.78
N ASP C 242 -10.65 0.76 -19.49
CA ASP C 242 -12.07 0.52 -19.36
C ASP C 242 -12.75 1.36 -20.46
N LEU C 243 -13.09 0.71 -21.58
CA LEU C 243 -13.63 1.42 -22.76
C LEU C 243 -15.11 1.20 -22.95
N THR C 244 -15.88 2.29 -22.86
CA THR C 244 -17.30 2.24 -23.07
C THR C 244 -17.59 2.73 -24.49
N VAL C 245 -18.11 1.84 -25.34
CA VAL C 245 -18.31 2.18 -26.75
C VAL C 245 -19.71 1.98 -27.26
N ARG C 246 -20.14 2.90 -28.11
CA ARG C 246 -21.35 2.73 -28.93
C ARG C 246 -20.97 2.19 -30.31
N LEU C 247 -21.58 1.08 -30.67
CA LEU C 247 -21.29 0.38 -31.92
C LEU C 247 -22.32 0.62 -33.00
N GLU C 248 -21.84 0.77 -34.23
CA GLU C 248 -22.72 0.99 -35.39
C GLU C 248 -23.46 -0.29 -35.76
N LYS C 249 -22.69 -1.36 -35.93
CA LYS C 249 -23.25 -2.66 -36.28
CA LYS C 249 -23.24 -2.67 -36.28
C LYS C 249 -23.46 -3.45 -34.98
N ALA C 250 -24.64 -4.05 -34.85
CA ALA C 250 -24.99 -4.82 -33.67
C ALA C 250 -24.04 -6.01 -33.52
N ALA C 251 -23.60 -6.24 -32.30
CA ALA C 251 -22.67 -7.34 -32.00
C ALA C 251 -22.91 -7.91 -30.62
N THR C 252 -23.14 -9.22 -30.55
CA THR C 252 -23.21 -9.92 -29.27
C THR C 252 -21.84 -9.87 -28.63
N TYR C 253 -21.77 -10.12 -27.33
CA TYR C 253 -20.49 -10.17 -26.64
C TYR C 253 -19.63 -11.34 -27.16
N GLU C 254 -20.28 -12.43 -27.55
CA GLU C 254 -19.58 -13.59 -28.13
CA GLU C 254 -19.60 -13.60 -28.15
C GLU C 254 -18.89 -13.21 -29.46
N GLN C 255 -19.54 -12.38 -30.28
CA GLN C 255 -18.94 -11.92 -31.53
C GLN C 255 -17.81 -10.91 -31.29
N ILE C 256 -17.94 -10.10 -30.24
CA ILE C 256 -16.85 -9.22 -29.82
C ILE C 256 -15.63 -10.04 -29.40
N LYS C 257 -15.86 -11.06 -28.58
CA LYS C 257 -14.79 -11.94 -28.10
C LYS C 257 -14.08 -12.61 -29.26
N ALA C 258 -14.86 -13.19 -30.16
CA ALA C 258 -14.31 -13.92 -31.31
C ALA C 258 -13.46 -13.02 -32.21
N ALA C 259 -13.91 -11.79 -32.39
CA ALA C 259 -13.18 -10.79 -33.17
C ALA C 259 -11.83 -10.42 -32.52
N VAL C 260 -11.84 -10.19 -31.21
CA VAL C 260 -10.60 -9.86 -30.47
C VAL C 260 -9.62 -11.06 -30.47
N LYS C 261 -10.14 -12.24 -30.16
CA LYS C 261 -9.33 -13.46 -30.18
C LYS C 261 -8.67 -13.70 -31.56
N ALA C 262 -9.45 -13.56 -32.64
CA ALA C 262 -8.93 -13.70 -34.00
C ALA C 262 -7.80 -12.72 -34.32
N ALA C 263 -7.95 -11.46 -33.92
CA ALA C 263 -6.89 -10.48 -34.13
C ALA C 263 -5.66 -10.80 -33.29
N ALA C 264 -5.89 -11.27 -32.05
CA ALA C 264 -4.81 -11.67 -31.14
C ALA C 264 -4.01 -12.86 -31.67
N GLU C 265 -4.69 -13.78 -32.36
CA GLU C 265 -4.02 -14.93 -32.94
C GLU C 265 -3.55 -14.62 -34.36
N GLY C 266 -4.02 -13.50 -34.89
CA GLY C 266 -3.80 -13.15 -36.28
C GLY C 266 -2.88 -11.97 -36.45
N GLU C 267 -3.41 -10.92 -37.08
CA GLU C 267 -2.61 -9.77 -37.50
C GLU C 267 -2.02 -8.95 -36.35
N MET C 268 -2.58 -9.09 -35.14
CA MET C 268 -2.12 -8.33 -33.97
C MET C 268 -1.43 -9.20 -32.91
N LYS C 269 -0.95 -10.37 -33.31
CA LYS C 269 -0.21 -11.27 -32.43
C LYS C 269 0.98 -10.55 -31.79
N GLY C 270 1.13 -10.70 -30.48
CA GLY C 270 2.24 -10.05 -29.75
C GLY C 270 1.94 -8.62 -29.31
N VAL C 271 0.86 -8.07 -29.86
CA VAL C 271 0.38 -6.72 -29.53
C VAL C 271 -0.88 -6.83 -28.69
N LEU C 272 -1.92 -7.41 -29.29
CA LEU C 272 -3.20 -7.62 -28.68
C LEU C 272 -3.25 -9.04 -28.11
N GLY C 273 -3.66 -9.15 -26.85
CA GLY C 273 -3.79 -10.44 -26.20
C GLY C 273 -5.25 -10.69 -25.88
N TYR C 274 -5.54 -11.93 -25.51
CA TYR C 274 -6.90 -12.31 -25.16
C TYR C 274 -6.85 -13.34 -24.04
N THR C 275 -7.62 -13.11 -22.99
CA THR C 275 -7.76 -14.08 -21.89
C THR C 275 -9.20 -14.22 -21.44
N GLU C 276 -9.52 -15.40 -20.90
CA GLU C 276 -10.80 -15.66 -20.25
C GLU C 276 -10.58 -16.08 -18.78
N ASP C 277 -9.37 -15.91 -18.30
CA ASP C 277 -9.05 -16.29 -16.92
C ASP C 277 -9.47 -15.19 -15.94
N ASP C 278 -9.51 -15.57 -14.67
CA ASP C 278 -9.90 -14.68 -13.59
C ASP C 278 -8.70 -13.89 -13.12
N VAL C 279 -8.19 -13.04 -14.02
CA VAL C 279 -6.95 -12.33 -13.83
C VAL C 279 -7.09 -11.07 -12.99
N VAL C 280 -5.98 -10.64 -12.41
CA VAL C 280 -5.90 -9.38 -11.69
C VAL C 280 -4.62 -8.71 -12.19
N SER C 281 -4.34 -7.50 -11.72
CA SER C 281 -3.26 -6.71 -12.30
C SER C 281 -1.88 -7.35 -12.24
N THR C 282 -1.51 -7.95 -11.11
CA THR C 282 -0.15 -8.52 -10.96
C THR C 282 0.11 -9.65 -11.96
N ASP C 283 -0.96 -10.22 -12.51
CA ASP C 283 -0.86 -11.28 -13.51
C ASP C 283 -0.30 -10.79 -14.83
N PHE C 284 -0.19 -9.46 -14.98
CA PHE C 284 0.36 -8.87 -16.18
C PHE C 284 1.64 -8.10 -15.91
N ASN C 285 2.20 -8.28 -14.73
CA ASN C 285 3.48 -7.66 -14.42
C ASN C 285 4.55 -8.43 -15.18
N GLY C 286 5.12 -7.78 -16.21
CA GLY C 286 6.06 -8.45 -17.10
C GLY C 286 5.45 -8.77 -18.47
N GLU C 287 4.20 -8.35 -18.69
CA GLU C 287 3.47 -8.68 -19.91
C GLU C 287 3.97 -7.87 -21.10
N VAL C 288 4.33 -8.57 -22.18
CA VAL C 288 4.90 -7.95 -23.38
CA VAL C 288 4.90 -7.97 -23.40
C VAL C 288 3.82 -7.38 -24.31
N THR C 290 0.78 -5.26 -25.54
CA THR C 290 0.43 -3.91 -25.10
C THR C 290 -1.04 -3.74 -24.73
N SER C 291 -1.84 -4.75 -24.99
CA SER C 291 -3.27 -4.69 -24.78
C SER C 291 -3.80 -6.10 -24.60
N VAL C 292 -4.07 -6.52 -23.36
CA VAL C 292 -4.64 -7.86 -23.14
C VAL C 292 -6.12 -7.77 -22.76
N PHE C 293 -6.97 -8.19 -23.69
CA PHE C 293 -8.41 -8.14 -23.55
C PHE C 293 -8.88 -9.14 -22.48
N ASP C 294 -9.69 -8.64 -21.55
CA ASP C 294 -10.18 -9.43 -20.43
C ASP C 294 -11.62 -9.76 -20.74
N ALA C 295 -11.86 -10.96 -21.23
CA ALA C 295 -13.18 -11.37 -21.69
C ALA C 295 -14.22 -11.37 -20.58
N LYS C 296 -13.89 -11.97 -19.43
CA LYS C 296 -14.83 -12.09 -18.32
C LYS C 296 -15.19 -10.77 -17.65
N ALA C 297 -14.26 -9.81 -17.69
CA ALA C 297 -14.42 -8.53 -17.01
C ALA C 297 -15.40 -7.58 -17.72
N GLY C 298 -15.41 -7.62 -19.06
CA GLY C 298 -16.27 -6.73 -19.86
C GLY C 298 -17.75 -7.01 -19.68
N ILE C 299 -18.58 -6.05 -20.05
CA ILE C 299 -20.03 -6.21 -19.93
C ILE C 299 -20.76 -5.44 -21.03
N ALA C 300 -21.80 -6.07 -21.57
CA ALA C 300 -22.65 -5.43 -22.56
C ALA C 300 -24.00 -5.10 -21.97
N LEU C 301 -24.44 -3.86 -22.18
CA LEU C 301 -25.82 -3.50 -21.90
C LEU C 301 -26.72 -4.11 -23.00
N ASN C 302 -26.29 -3.94 -24.25
CA ASN C 302 -26.99 -4.48 -25.40
C ASN C 302 -26.01 -4.72 -26.57
N ASP C 303 -26.54 -5.01 -27.76
CA ASP C 303 -25.72 -5.34 -28.93
C ASP C 303 -24.99 -4.12 -29.51
N ASN C 304 -25.33 -2.92 -29.01
CA ASN C 304 -24.71 -1.70 -29.50
C ASN C 304 -23.99 -0.84 -28.42
N PHE C 305 -23.99 -1.31 -27.19
CA PHE C 305 -23.45 -0.51 -26.09
C PHE C 305 -22.76 -1.41 -25.07
N VAL C 306 -21.43 -1.32 -25.04
CA VAL C 306 -20.62 -2.30 -24.32
C VAL C 306 -19.43 -1.66 -23.62
N LYS C 307 -19.01 -2.28 -22.53
CA LYS C 307 -17.84 -1.87 -21.77
C LYS C 307 -16.76 -2.93 -21.95
N LEU C 308 -15.63 -2.52 -22.52
CA LEU C 308 -14.53 -3.46 -22.75
C LEU C 308 -13.33 -3.18 -21.85
N VAL C 309 -12.68 -4.26 -21.41
CA VAL C 309 -11.57 -4.17 -20.43
C VAL C 309 -10.28 -4.76 -20.99
N SER C 310 -9.21 -3.97 -20.96
CA SER C 310 -7.93 -4.46 -21.47
C SER C 310 -6.76 -4.04 -20.59
N TRP C 311 -5.88 -5.00 -20.33
CA TRP C 311 -4.77 -4.82 -19.43
C TRP C 311 -3.51 -4.39 -20.17
N TYR C 312 -2.63 -3.70 -19.45
CA TYR C 312 -1.29 -3.43 -19.96
C TYR C 312 -0.30 -3.16 -18.84
N ASP C 313 0.86 -3.77 -18.98
CA ASP C 313 1.99 -3.42 -18.15
C ASP C 313 2.56 -2.14 -18.74
N ASN C 314 2.17 -1.00 -18.16
CA ASN C 314 2.59 0.31 -18.63
C ASN C 314 4.09 0.48 -18.75
N GLU C 315 4.86 -0.31 -17.99
CA GLU C 315 6.31 -0.28 -18.08
C GLU C 315 6.82 -1.22 -19.16
N THR C 316 6.49 -2.51 -19.05
CA THR C 316 7.06 -3.56 -19.92
C THR C 316 6.51 -3.55 -21.34
N GLY C 317 5.18 -3.49 -21.48
CA GLY C 317 4.57 -3.51 -22.81
C GLY C 317 5.08 -2.35 -23.63
N TYR C 318 5.00 -1.15 -23.08
CA TYR C 318 5.48 0.02 -23.77
C TYR C 318 6.93 -0.09 -24.19
N SER C 319 7.78 -0.54 -23.26
CA SER C 319 9.23 -0.64 -23.49
C SER C 319 9.60 -1.59 -24.63
N ASN C 320 8.86 -2.70 -24.72
CA ASN C 320 9.03 -3.65 -25.81
C ASN C 320 8.63 -3.03 -27.14
N LYS C 321 7.55 -2.26 -27.15
CA LYS C 321 7.10 -1.60 -28.37
C LYS C 321 8.00 -0.43 -28.79
N VAL C 322 8.67 0.21 -27.84
CA VAL C 322 9.70 1.21 -28.19
C VAL C 322 10.76 0.51 -29.05
N LEU C 323 11.19 -0.66 -28.60
CA LEU C 323 12.17 -1.44 -29.35
C LEU C 323 11.62 -1.95 -30.68
N ASP C 324 10.35 -2.35 -30.70
CA ASP C 324 9.70 -2.74 -31.97
C ASP C 324 9.68 -1.57 -32.97
N LEU C 325 9.47 -0.36 -32.47
CA LEU C 325 9.50 0.83 -33.31
C LEU C 325 10.93 1.17 -33.74
N ILE C 326 11.89 0.97 -32.86
CA ILE C 326 13.29 1.16 -33.23
C ILE C 326 13.63 0.24 -34.42
N ALA C 327 13.23 -1.04 -34.31
CA ALA C 327 13.45 -2.03 -35.36
C ALA C 327 12.76 -1.64 -36.66
N HIS C 328 11.50 -1.24 -36.56
CA HIS C 328 10.68 -0.93 -37.74
C HIS C 328 11.22 0.24 -38.56
N ILE C 329 11.57 1.34 -37.88
CA ILE C 329 11.98 2.54 -38.56
C ILE C 329 13.33 2.39 -39.26
N SER C 330 14.10 1.38 -38.86
CA SER C 330 15.41 1.16 -39.46
C SER C 330 15.46 -0.03 -40.43
N LYS C 331 14.30 -0.62 -40.72
CA LYS C 331 14.17 -1.71 -41.70
C LYS C 331 14.71 -1.31 -43.08
N MET D 1 14.12 -40.12 -5.31
CA MET D 1 12.90 -40.95 -5.20
CA MET D 1 12.86 -40.90 -5.24
C MET D 1 12.02 -40.62 -3.98
N VAL D 2 12.24 -39.46 -3.37
CA VAL D 2 11.30 -39.01 -2.32
C VAL D 2 9.98 -38.71 -3.00
N LYS D 3 8.89 -39.04 -2.34
CA LYS D 3 7.55 -38.69 -2.80
C LYS D 3 6.91 -37.78 -1.74
N VAL D 4 6.31 -36.68 -2.17
CA VAL D 4 5.70 -35.76 -1.20
C VAL D 4 4.20 -35.51 -1.37
N GLY D 5 3.53 -35.44 -0.22
CA GLY D 5 2.14 -35.02 -0.16
C GLY D 5 2.07 -33.69 0.57
N ILE D 6 1.22 -32.80 0.11
CA ILE D 6 1.10 -31.48 0.73
C ILE D 6 -0.29 -31.34 1.33
N ASN D 7 -0.33 -31.05 2.63
CA ASN D 7 -1.59 -30.74 3.29
C ASN D 7 -1.74 -29.24 3.50
N GLY D 8 -2.72 -28.66 2.83
CA GLY D 8 -2.92 -27.21 2.86
C GLY D 8 -2.25 -26.56 1.67
N PHE D 9 -3.06 -26.16 0.68
CA PHE D 9 -2.56 -25.53 -0.53
C PHE D 9 -2.57 -24.01 -0.45
N GLY D 10 -1.94 -23.47 0.59
CA GLY D 10 -1.90 -22.02 0.83
C GLY D 10 -0.63 -21.39 0.31
N ARG D 11 -0.23 -20.28 0.92
CA ARG D 11 1.02 -19.63 0.54
C ARG D 11 2.18 -20.61 0.60
N ILE D 12 2.32 -21.28 1.73
CA ILE D 12 3.43 -22.21 1.92
C ILE D 12 3.26 -23.47 1.07
N GLY D 13 2.06 -24.08 1.12
CA GLY D 13 1.78 -25.28 0.31
C GLY D 13 2.00 -25.10 -1.18
N ARG D 14 1.51 -23.99 -1.74
CA ARG D 14 1.67 -23.75 -3.19
C ARG D 14 3.12 -23.51 -3.55
N LEU D 15 3.85 -22.78 -2.71
CA LEU D 15 5.24 -22.46 -3.02
C LEU D 15 6.17 -23.62 -2.71
N VAL D 16 5.79 -24.47 -1.76
CA VAL D 16 6.46 -25.75 -1.56
C VAL D 16 6.31 -26.60 -2.82
N LEU D 17 5.12 -26.65 -3.40
CA LEU D 17 4.96 -27.34 -4.69
C LEU D 17 5.85 -26.71 -5.75
N ARG D 18 5.87 -25.38 -5.84
CA ARG D 18 6.76 -24.70 -6.81
C ARG D 18 8.21 -25.11 -6.65
N VAL D 19 8.72 -25.10 -5.42
CA VAL D 19 10.11 -25.47 -5.17
C VAL D 19 10.35 -26.94 -5.52
N CYS D 20 9.42 -27.81 -5.16
CA CYS D 20 9.48 -29.22 -5.57
C CYS D 20 9.59 -29.40 -7.08
N MET D 21 8.81 -28.63 -7.84
CA MET D 21 8.87 -28.70 -9.31
C MET D 21 10.25 -28.28 -9.83
N GLU D 22 10.80 -27.25 -9.19
CA GLU D 22 12.09 -26.67 -9.56
C GLU D 22 13.25 -27.64 -9.30
N LYS D 23 13.08 -28.51 -8.30
CA LYS D 23 14.12 -29.42 -7.85
C LYS D 23 13.90 -30.87 -8.27
N GLY D 24 12.80 -31.15 -8.98
CA GLY D 24 12.52 -32.51 -9.43
C GLY D 24 12.07 -33.45 -8.30
N VAL D 25 11.58 -32.86 -7.23
CA VAL D 25 10.98 -33.63 -6.15
C VAL D 25 9.52 -33.89 -6.54
N ARG D 26 9.17 -35.16 -6.61
CA ARG D 26 7.83 -35.59 -7.00
C ARG D 26 6.79 -35.38 -5.90
N VAL D 27 5.85 -34.48 -6.18
CA VAL D 27 4.68 -34.29 -5.34
C VAL D 27 3.60 -35.18 -5.94
N VAL D 28 3.08 -36.09 -5.13
CA VAL D 28 2.11 -37.08 -5.59
C VAL D 28 0.67 -36.67 -5.30
N ALA D 29 0.46 -35.86 -4.27
CA ALA D 29 -0.88 -35.40 -3.91
C ALA D 29 -0.93 -34.12 -3.09
N VAL D 30 -2.01 -33.38 -3.30
CA VAL D 30 -2.33 -32.22 -2.48
C VAL D 30 -3.70 -32.42 -1.83
N ASN D 31 -3.75 -32.24 -0.51
CA ASN D 31 -5.03 -32.19 0.18
C ASN D 31 -5.35 -30.79 0.67
N ASP D 32 -6.56 -30.35 0.34
CA ASP D 32 -7.11 -29.10 0.86
C ASP D 32 -8.61 -29.16 0.60
N PRO D 33 -9.41 -29.32 1.66
CA PRO D 33 -10.86 -29.45 1.51
C PRO D 33 -11.55 -28.13 1.12
N PHE D 34 -10.80 -27.04 1.01
CA PHE D 34 -11.37 -25.73 0.71
C PHE D 34 -11.07 -25.25 -0.70
N ILE D 35 -10.28 -26.04 -1.44
CA ILE D 35 -9.88 -25.67 -2.79
C ILE D 35 -10.04 -26.89 -3.69
N ASP D 36 -10.97 -26.82 -4.64
CA ASP D 36 -11.16 -27.95 -5.54
C ASP D 36 -10.10 -27.97 -6.66
N PRO D 37 -9.98 -29.09 -7.39
CA PRO D 37 -8.87 -29.22 -8.36
C PRO D 37 -8.77 -28.06 -9.33
N GLU D 38 -9.91 -27.64 -9.88
CA GLU D 38 -9.96 -26.51 -10.82
C GLU D 38 -9.51 -25.20 -10.18
N TYR D 39 -9.92 -24.98 -8.94
CA TYR D 39 -9.54 -23.79 -8.20
C TYR D 39 -8.02 -23.84 -7.86
N MET D 40 -7.53 -25.04 -7.59
CA MET D 40 -6.10 -25.27 -7.34
C MET D 40 -5.26 -24.88 -8.55
N VAL D 41 -5.75 -25.23 -9.73
CA VAL D 41 -5.12 -24.81 -10.99
C VAL D 41 -4.97 -23.27 -11.03
N TYR D 42 -6.05 -22.56 -10.73
CA TYR D 42 -6.04 -21.09 -10.71
C TYR D 42 -5.05 -20.52 -9.68
N MET D 43 -5.11 -21.01 -8.44
CA MET D 43 -4.30 -20.45 -7.35
C MET D 43 -2.81 -20.66 -7.55
N PHE D 44 -2.46 -21.78 -8.18
CA PHE D 44 -1.07 -22.14 -8.42
C PHE D 44 -0.51 -21.44 -9.67
N LYS D 45 -1.34 -21.31 -10.69
CA LYS D 45 -0.95 -20.68 -11.97
C LYS D 45 -0.67 -19.19 -11.84
N TYR D 46 -1.48 -18.49 -11.04
CA TYR D 46 -1.32 -17.06 -10.86
C TYR D 46 -0.92 -16.71 -9.43
N ASP D 47 0.13 -15.90 -9.28
CA ASP D 47 0.56 -15.50 -7.94
C ASP D 47 0.89 -14.02 -7.93
N SER D 48 0.21 -13.26 -7.06
CA SER D 48 0.45 -11.82 -6.97
C SER D 48 1.88 -11.47 -6.59
N THR D 49 2.47 -12.26 -5.71
CA THR D 49 3.81 -12.01 -5.18
C THR D 49 4.93 -12.60 -6.05
N HIS D 50 4.77 -13.85 -6.47
CA HIS D 50 5.87 -14.56 -7.13
C HIS D 50 5.69 -14.75 -8.64
N GLY D 51 4.63 -14.15 -9.19
CA GLY D 51 4.44 -14.14 -10.62
C GLY D 51 3.77 -15.41 -11.10
N ARG D 52 3.40 -15.43 -12.38
CA ARG D 52 2.76 -16.59 -12.98
C ARG D 52 3.66 -17.79 -12.86
N TYR D 53 3.07 -18.94 -12.65
CA TYR D 53 3.88 -20.14 -12.63
C TYR D 53 4.53 -20.30 -14.02
N LYS D 54 5.85 -20.50 -14.02
CA LYS D 54 6.62 -20.61 -15.26
C LYS D 54 6.65 -22.08 -15.70
N GLY D 55 5.62 -22.43 -16.46
CA GLY D 55 5.34 -23.81 -16.83
C GLY D 55 3.86 -23.93 -17.10
N THR D 56 3.32 -25.15 -17.13
CA THR D 56 1.91 -25.34 -17.46
C THR D 56 1.16 -25.85 -16.25
N VAL D 57 -0.08 -25.40 -16.11
CA VAL D 57 -0.95 -25.86 -15.04
C VAL D 57 -2.34 -26.12 -15.62
N GLU D 58 -2.82 -27.35 -15.51
CA GLU D 58 -4.13 -27.74 -16.03
C GLU D 58 -4.83 -28.68 -15.05
N HIS D 59 -6.16 -28.80 -15.16
CA HIS D 59 -6.85 -29.86 -14.44
C HIS D 59 -7.33 -30.95 -15.38
N LYS D 60 -7.19 -32.20 -14.96
CA LYS D 60 -7.58 -33.31 -15.79
C LYS D 60 -8.07 -34.44 -14.88
N ASN D 61 -9.34 -34.79 -15.02
CA ASN D 61 -9.94 -35.90 -14.28
C ASN D 61 -9.83 -35.78 -12.75
N GLY D 62 -9.98 -34.56 -12.24
CA GLY D 62 -9.92 -34.30 -10.80
C GLY D 62 -8.48 -34.26 -10.28
N ARG D 63 -7.53 -34.09 -11.19
CA ARG D 63 -6.13 -34.02 -10.83
C ARG D 63 -5.57 -32.69 -11.20
N LEU D 64 -4.58 -32.25 -10.43
CA LEU D 64 -3.81 -31.07 -10.75
C LEU D 64 -2.64 -31.53 -11.61
N VAL D 65 -2.49 -30.92 -12.79
CA VAL D 65 -1.41 -31.34 -13.69
C VAL D 65 -0.45 -30.17 -13.90
N VAL D 66 0.77 -30.34 -13.42
CA VAL D 66 1.79 -29.29 -13.49
C VAL D 66 2.98 -29.76 -14.32
N ASP D 67 3.27 -29.06 -15.40
CA ASP D 67 4.31 -29.46 -16.36
C ASP D 67 4.14 -30.93 -16.77
N ASN D 68 2.88 -31.29 -17.08
CA ASN D 68 2.48 -32.64 -17.48
C ASN D 68 2.53 -33.70 -16.38
N LEU D 69 2.92 -33.30 -15.18
CA LEU D 69 2.95 -34.21 -14.03
C LEU D 69 1.63 -34.18 -13.26
N GLU D 70 1.00 -35.34 -13.13
CA GLU D 70 -0.31 -35.46 -12.53
C GLU D 70 -0.20 -35.58 -11.02
N ILE D 71 -0.97 -34.76 -10.33
CA ILE D 71 -0.97 -34.72 -8.87
C ILE D 71 -2.38 -35.02 -8.40
N ASN D 72 -2.53 -36.04 -7.56
CA ASN D 72 -3.83 -36.37 -7.01
C ASN D 72 -4.27 -35.25 -6.10
N VAL D 73 -5.56 -34.96 -6.12
CA VAL D 73 -6.12 -33.93 -5.27
C VAL D 73 -7.08 -34.59 -4.29
N PHE D 74 -6.87 -34.32 -3.01
CA PHE D 74 -7.77 -34.81 -2.00
C PHE D 74 -8.54 -33.63 -1.41
N GLN D 75 -9.66 -33.93 -0.77
CA GLN D 75 -10.56 -32.92 -0.26
C GLN D 75 -11.02 -33.28 1.15
N LYS D 77 -10.98 -33.17 5.41
CA LYS D 77 -10.80 -32.28 6.57
C LYS D 77 -9.75 -32.80 7.55
N GLU D 78 -9.78 -34.12 7.79
N GLU D 78 -9.79 -34.10 7.82
CA GLU D 78 -8.97 -34.76 8.82
CA GLU D 78 -8.96 -34.70 8.86
C GLU D 78 -7.77 -35.49 8.23
C GLU D 78 -7.79 -35.49 8.28
N PRO D 79 -6.57 -35.21 8.77
CA PRO D 79 -5.34 -35.91 8.37
C PRO D 79 -5.48 -37.44 8.33
N LYS D 80 -6.13 -38.02 9.34
CA LYS D 80 -6.26 -39.48 9.42
C LYS D 80 -7.21 -40.08 8.37
N GLU D 81 -7.89 -39.22 7.62
CA GLU D 81 -8.83 -39.66 6.60
CA GLU D 81 -8.83 -39.66 6.60
C GLU D 81 -8.30 -39.47 5.18
N ILE D 82 -7.18 -38.75 5.05
CA ILE D 82 -6.55 -38.51 3.75
C ILE D 82 -5.92 -39.82 3.25
N PRO D 83 -6.24 -40.22 2.01
CA PRO D 83 -5.77 -41.48 1.45
C PRO D 83 -4.30 -41.47 1.03
N TRP D 84 -3.39 -41.16 1.96
CA TRP D 84 -1.96 -41.10 1.61
C TRP D 84 -1.49 -42.45 1.05
N SER D 85 -2.10 -43.52 1.55
CA SER D 85 -1.86 -44.89 1.10
C SER D 85 -2.11 -45.10 -0.38
N SER D 86 -3.08 -44.37 -0.93
CA SER D 86 -3.44 -44.53 -2.33
C SER D 86 -2.43 -43.88 -3.29
N VAL D 87 -1.54 -43.04 -2.73
CA VAL D 87 -0.51 -42.36 -3.52
C VAL D 87 0.91 -42.70 -3.08
N GLY D 88 1.07 -43.90 -2.53
CA GLY D 88 2.40 -44.47 -2.32
C GLY D 88 3.08 -44.05 -1.02
N ASN D 89 2.27 -43.62 -0.06
CA ASN D 89 2.75 -43.35 1.30
C ASN D 89 3.91 -42.33 1.35
N PRO D 90 3.64 -41.10 0.89
CA PRO D 90 4.70 -40.09 0.78
C PRO D 90 5.09 -39.49 2.14
N TYR D 91 6.15 -38.67 2.14
CA TYR D 91 6.38 -37.72 3.22
C TYR D 91 5.29 -36.66 3.12
N VAL D 92 4.79 -36.18 4.25
CA VAL D 92 3.72 -35.17 4.21
C VAL D 92 4.19 -33.83 4.75
N VAL D 93 4.01 -32.80 3.92
CA VAL D 93 4.28 -31.42 4.32
C VAL D 93 2.97 -30.89 4.90
N GLU D 94 2.97 -30.67 6.21
CA GLU D 94 1.78 -30.22 6.92
C GLU D 94 1.77 -28.68 7.00
N ALA D 95 1.04 -28.07 6.07
CA ALA D 95 1.07 -26.62 5.86
C ALA D 95 -0.29 -25.93 6.03
N THR D 96 -1.13 -26.45 6.91
CA THR D 96 -2.43 -25.87 7.17
C THR D 96 -2.37 -24.84 8.31
N GLY D 97 -1.40 -24.99 9.20
CA GLY D 97 -1.38 -24.21 10.44
C GLY D 97 -2.39 -24.70 11.48
N VAL D 98 -3.04 -25.81 11.20
CA VAL D 98 -4.10 -26.32 12.07
C VAL D 98 -3.63 -27.53 12.87
N TYR D 99 -2.71 -28.31 12.31
CA TYR D 99 -2.28 -29.57 12.93
C TYR D 99 -0.81 -29.47 13.30
N LEU D 100 -0.54 -28.96 14.49
CA LEU D 100 0.79 -28.47 14.85
C LEU D 100 1.56 -29.39 15.80
N SER D 101 0.83 -30.03 16.71
CA SER D 101 1.42 -30.92 17.71
C SER D 101 1.75 -32.27 17.09
N ILE D 102 2.64 -33.01 17.75
CA ILE D 102 2.94 -34.38 17.36
C ILE D 102 1.65 -35.20 17.20
N GLU D 103 0.75 -35.08 18.17
CA GLU D 103 -0.53 -35.80 18.14
C GLU D 103 -1.41 -35.44 16.96
N ALA D 104 -1.62 -34.15 16.73
CA ALA D 104 -2.43 -33.70 15.61
C ALA D 104 -1.79 -34.09 14.25
N ALA D 105 -0.50 -33.83 14.10
CA ALA D 105 0.22 -34.15 12.85
C ALA D 105 0.35 -35.65 12.58
N SER D 106 0.42 -36.43 13.66
CA SER D 106 0.48 -37.90 13.56
C SER D 106 -0.73 -38.54 12.89
N GLY D 107 -1.84 -37.81 12.81
CA GLY D 107 -3.00 -38.25 12.02
C GLY D 107 -2.58 -38.68 10.61
N HIS D 108 -1.61 -37.98 10.04
CA HIS D 108 -1.09 -38.33 8.69
C HIS D 108 -0.39 -39.68 8.69
N ILE D 109 0.33 -40.00 9.76
CA ILE D 109 1.02 -41.28 9.89
C ILE D 109 0.01 -42.45 9.83
N SER D 110 -1.07 -42.34 10.59
CA SER D 110 -2.17 -43.33 10.55
C SER D 110 -2.57 -43.70 9.13
N SER D 111 -2.81 -42.68 8.32
CA SER D 111 -3.29 -42.85 6.96
C SER D 111 -2.18 -43.08 5.91
N GLY D 112 -0.95 -43.23 6.37
CA GLY D 112 0.13 -43.73 5.51
C GLY D 112 1.33 -42.84 5.26
N ALA D 113 1.30 -41.61 5.77
CA ALA D 113 2.50 -40.75 5.66
C ALA D 113 3.67 -41.45 6.32
N ARG D 114 4.85 -41.41 5.70
CA ARG D 114 6.04 -42.02 6.30
C ARG D 114 6.71 -41.10 7.32
N ARG D 115 6.72 -39.79 7.00
CA ARG D 115 7.16 -38.73 7.89
C ARG D 115 6.26 -37.52 7.66
N VAL D 116 6.18 -36.64 8.66
CA VAL D 116 5.47 -35.36 8.54
C VAL D 116 6.39 -34.19 8.90
N ILE D 117 6.42 -33.17 8.04
CA ILE D 117 7.09 -31.91 8.35
C ILE D 117 6.03 -30.84 8.56
N VAL D 118 5.94 -30.33 9.79
CA VAL D 118 5.04 -29.24 10.13
C VAL D 118 5.76 -27.95 9.70
N THR D 119 5.11 -27.17 8.85
CA THR D 119 5.71 -25.94 8.28
C THR D 119 5.54 -24.76 9.22
N ALA D 120 5.73 -25.02 10.51
CA ALA D 120 5.57 -24.00 11.53
C ALA D 120 6.20 -24.51 12.82
N PRO D 121 6.37 -23.60 13.81
CA PRO D 121 6.68 -24.02 15.17
C PRO D 121 5.61 -24.98 15.70
N SER D 122 6.03 -25.96 16.48
CA SER D 122 5.13 -26.93 17.09
C SER D 122 5.30 -26.87 18.61
N PRO D 123 4.21 -27.08 19.37
CA PRO D 123 4.42 -27.14 20.83
C PRO D 123 5.37 -28.26 21.28
N ASP D 124 5.45 -29.35 20.51
CA ASP D 124 6.24 -30.51 20.97
C ASP D 124 7.13 -31.20 19.94
N ALA D 125 6.84 -31.05 18.65
CA ALA D 125 7.66 -31.70 17.62
C ALA D 125 9.06 -31.10 17.56
N PRO D 126 10.09 -31.95 17.34
CA PRO D 126 11.47 -31.42 17.30
C PRO D 126 11.65 -30.39 16.20
N MET D 127 12.23 -29.25 16.54
CA MET D 127 12.56 -28.22 15.56
C MET D 127 13.89 -28.51 14.92
N LEU D 128 13.90 -28.41 13.60
CA LEU D 128 15.09 -28.63 12.80
C LEU D 128 15.20 -27.46 11.85
N VAL D 129 16.36 -26.80 11.90
CA VAL D 129 16.66 -25.66 11.09
C VAL D 129 17.87 -26.05 10.25
N MET D 130 17.70 -26.12 8.92
CA MET D 130 18.78 -26.49 8.02
C MET D 130 19.94 -25.53 8.21
N GLY D 131 21.15 -26.09 8.30
CA GLY D 131 22.36 -25.28 8.51
C GLY D 131 22.67 -25.07 9.98
N VAL D 132 21.75 -25.49 10.85
CA VAL D 132 21.90 -25.20 12.27
C VAL D 132 21.92 -26.49 13.11
N ASN D 133 20.89 -27.31 12.97
CA ASN D 133 20.78 -28.52 13.77
C ASN D 133 20.07 -29.68 13.06
N GLU D 134 20.09 -29.72 11.73
CA GLU D 134 19.36 -30.79 11.05
C GLU D 134 19.86 -32.20 11.43
N LYS D 135 21.14 -32.32 11.77
CA LYS D 135 21.72 -33.60 12.20
C LYS D 135 21.10 -34.13 13.48
N ASP D 136 20.39 -33.24 14.20
CA ASP D 136 19.56 -33.61 15.34
C ASP D 136 18.45 -34.58 14.95
N TYR D 137 18.12 -34.62 13.66
CA TYR D 137 17.08 -35.54 13.19
C TYR D 137 17.50 -36.97 13.47
N ASN D 138 16.57 -37.69 14.10
CA ASN D 138 16.75 -39.09 14.48
C ASN D 138 15.61 -39.87 13.82
N PRO D 139 15.89 -40.52 12.68
CA PRO D 139 14.82 -41.21 11.96
C PRO D 139 14.25 -42.38 12.76
N GLY D 140 15.04 -42.88 13.72
CA GLY D 140 14.60 -43.99 14.56
C GLY D 140 13.50 -43.63 15.53
N SER D 141 13.36 -42.34 15.82
CA SER D 141 12.39 -41.90 16.82
C SER D 141 11.50 -40.74 16.39
N MET D 142 11.79 -40.13 15.25
CA MET D 142 11.08 -38.92 14.83
C MET D 142 10.30 -39.13 13.54
N THR D 143 8.99 -39.28 13.67
CA THR D 143 8.13 -39.33 12.48
C THR D 143 7.49 -37.97 12.20
N VAL D 144 7.45 -37.10 13.21
CA VAL D 144 6.89 -35.75 13.08
C VAL D 144 7.93 -34.73 13.53
N VAL D 145 8.33 -33.86 12.62
CA VAL D 145 9.28 -32.78 12.92
C VAL D 145 8.69 -31.41 12.54
N SER D 146 9.29 -30.36 13.07
CA SER D 146 8.94 -28.99 12.74
C SER D 146 10.11 -28.37 12.02
N ASN D 147 9.80 -27.58 11.00
CA ASN D 147 10.83 -26.83 10.27
C ASN D 147 10.95 -25.43 10.88
N ALA D 148 10.33 -25.25 12.05
CA ALA D 148 10.40 -23.99 12.80
C ALA D 148 9.67 -22.85 12.07
N SER D 149 9.84 -21.61 12.50
CA SER D 149 9.25 -20.46 11.81
C SER D 149 10.18 -19.89 10.75
N THR D 151 11.09 -16.74 10.66
CA THR D 151 11.99 -15.89 11.44
C THR D 151 13.12 -16.65 12.13
N THR D 152 12.78 -17.82 12.69
CA THR D 152 13.76 -18.67 13.31
C THR D 152 14.80 -19.14 12.30
N ASN D 153 14.35 -19.44 11.08
CA ASN D 153 15.26 -19.81 9.99
C ASN D 153 16.17 -18.68 9.52
N CYS D 154 15.75 -17.45 9.75
CA CYS D 154 16.60 -16.29 9.49
C CYS D 154 17.60 -16.06 10.63
N LEU D 155 17.07 -16.05 11.85
CA LEU D 155 17.84 -15.66 13.02
C LEU D 155 18.88 -16.72 13.41
N ALA D 156 18.47 -17.99 13.38
CA ALA D 156 19.32 -19.06 13.91
C ALA D 156 20.67 -19.21 13.20
N PRO D 157 20.70 -19.28 11.85
CA PRO D 157 22.00 -19.38 11.17
C PRO D 157 22.93 -18.20 11.49
N LEU D 158 22.38 -16.98 11.56
CA LEU D 158 23.18 -15.83 11.93
C LEU D 158 23.64 -15.95 13.38
N ALA D 159 22.72 -16.27 14.28
CA ALA D 159 23.03 -16.46 15.68
C ALA D 159 24.13 -17.50 15.90
N LYS D 160 24.06 -18.61 15.16
CA LYS D 160 25.07 -19.65 15.23
C LYS D 160 26.47 -19.10 14.90
N VAL D 161 26.57 -18.38 13.79
CA VAL D 161 27.85 -17.81 13.32
C VAL D 161 28.42 -16.84 14.34
N ILE D 162 27.59 -15.88 14.75
CA ILE D 162 28.00 -14.88 15.73
C ILE D 162 28.36 -15.50 17.07
N HIS D 163 27.54 -16.44 17.54
CA HIS D 163 27.78 -17.04 18.85
C HIS D 163 29.06 -17.87 18.85
N GLU D 164 29.25 -18.67 17.81
CA GLU D 164 30.43 -19.53 17.73
C GLU D 164 31.73 -18.73 17.65
N ARG D 165 31.73 -17.65 16.86
CA ARG D 165 32.94 -16.86 16.68
C ARG D 165 33.19 -15.89 17.84
N PHE D 166 32.13 -15.30 18.40
CA PHE D 166 32.31 -14.26 19.40
C PHE D 166 31.67 -14.52 20.75
N GLY D 167 30.66 -15.40 20.77
CA GLY D 167 29.86 -15.62 21.96
C GLY D 167 28.77 -14.56 22.10
N ILE D 168 27.52 -14.98 22.04
CA ILE D 168 26.41 -14.07 22.34
C ILE D 168 26.09 -14.18 23.82
N VAL D 169 26.21 -13.07 24.55
CA VAL D 169 25.95 -13.03 25.98
C VAL D 169 24.45 -12.91 26.19
N GLU D 170 23.85 -12.01 25.43
CA GLU D 170 22.41 -11.80 25.41
C GLU D 170 22.04 -11.07 24.13
N GLY D 171 20.78 -11.22 23.73
CA GLY D 171 20.31 -10.63 22.49
C GLY D 171 18.82 -10.36 22.57
N LEU D 172 18.41 -9.25 21.95
CA LEU D 172 17.01 -8.95 21.78
C LEU D 172 16.76 -8.70 20.29
N MET D 173 15.76 -9.37 19.74
CA MET D 173 15.46 -9.34 18.32
C MET D 173 14.16 -8.60 18.01
N THR D 174 14.17 -7.82 16.94
CA THR D 174 12.93 -7.38 16.31
C THR D 174 12.92 -7.93 14.89
N THR D 175 11.77 -8.41 14.44
CA THR D 175 11.61 -8.66 13.01
C THR D 175 10.57 -7.71 12.43
N VAL D 176 10.96 -6.98 11.39
CA VAL D 176 10.02 -6.14 10.68
C VAL D 176 9.48 -7.02 9.57
N HIS D 177 8.20 -7.35 9.66
CA HIS D 177 7.66 -8.51 8.96
C HIS D 177 6.53 -8.13 8.01
N ALA D 178 6.58 -8.70 6.82
CA ALA D 178 5.50 -8.63 5.84
C ALA D 178 4.19 -9.17 6.43
N TYR D 179 3.06 -8.65 5.95
CA TYR D 179 1.76 -9.18 6.37
C TYR D 179 1.52 -10.58 5.76
N THR D 180 0.62 -11.35 6.37
CA THR D 180 0.34 -12.73 5.98
C THR D 180 -1.17 -12.98 5.99
N ALA D 181 -1.58 -14.22 5.71
CA ALA D 181 -2.99 -14.59 5.59
C ALA D 181 -3.79 -14.51 6.90
N THR D 182 -3.11 -14.45 8.04
CA THR D 182 -3.80 -14.34 9.34
C THR D 182 -4.26 -12.93 9.60
N GLN D 183 -3.80 -11.98 8.80
CA GLN D 183 -4.14 -10.57 9.00
C GLN D 183 -5.40 -10.18 8.23
N LYS D 184 -5.84 -8.93 8.40
CA LYS D 184 -7.12 -8.44 7.89
C LYS D 184 -6.91 -7.27 6.92
N THR D 185 -7.74 -7.18 5.89
CA THR D 185 -7.61 -6.08 4.91
C THR D 185 -8.06 -4.75 5.50
N VAL D 186 -9.07 -4.80 6.37
CA VAL D 186 -9.57 -3.63 7.09
C VAL D 186 -9.78 -4.08 8.56
N ASP D 187 -9.80 -3.15 9.52
CA ASP D 187 -9.97 -3.54 10.93
C ASP D 187 -11.04 -4.60 11.06
N GLY D 188 -10.65 -5.77 11.54
CA GLY D 188 -11.60 -6.85 11.71
C GLY D 188 -11.25 -7.73 12.87
N PRO D 189 -12.06 -8.78 13.11
CA PRO D 189 -11.97 -9.65 14.30
C PRO D 189 -10.76 -10.59 14.33
N SER D 190 -9.98 -10.46 15.40
CA SER D 190 -8.84 -11.29 15.70
C SER D 190 -8.81 -11.44 17.22
N LYS D 191 -9.73 -12.27 17.74
CA LYS D 191 -10.02 -12.41 19.17
C LYS D 191 -8.79 -12.66 20.01
N LYS D 192 -7.84 -13.38 19.44
CA LYS D 192 -6.65 -13.84 20.15
C LYS D 192 -5.43 -12.93 19.94
N ASP D 193 -5.59 -11.89 19.13
CA ASP D 193 -4.48 -11.00 18.82
C ASP D 193 -5.12 -9.74 18.27
N TRP D 194 -5.51 -8.85 19.17
CA TRP D 194 -6.29 -7.68 18.82
C TRP D 194 -5.58 -6.81 17.79
N ARG D 195 -4.29 -6.54 18.02
CA ARG D 195 -3.50 -5.73 17.10
C ARG D 195 -3.51 -6.34 15.70
N GLY D 196 -3.42 -7.67 15.63
CA GLY D 196 -3.38 -8.40 14.37
C GLY D 196 -4.67 -8.36 13.59
N GLY D 197 -5.73 -7.86 14.21
CA GLY D 197 -7.00 -7.65 13.49
C GLY D 197 -7.06 -6.32 12.76
N ARG D 198 -6.20 -5.38 13.13
CA ARG D 198 -6.21 -4.05 12.51
C ARG D 198 -5.73 -4.09 11.04
N GLY D 199 -6.32 -3.24 10.20
CA GLY D 199 -6.06 -3.24 8.76
C GLY D 199 -4.57 -3.35 8.43
N ALA D 200 -4.21 -4.41 7.72
CA ALA D 200 -2.81 -4.79 7.48
C ALA D 200 -2.06 -3.75 6.64
N HIS D 201 -2.79 -3.08 5.76
CA HIS D 201 -2.21 -2.16 4.77
C HIS D 201 -2.14 -0.71 5.28
N GLN D 202 -2.79 -0.46 6.41
CA GLN D 202 -2.81 0.88 6.98
C GLN D 202 -1.79 1.10 8.09
N ASN D 203 -1.24 0.00 8.63
CA ASN D 203 -0.63 0.04 9.94
C ASN D 203 0.75 -0.60 10.07
N ILE D 204 1.55 -0.03 10.97
CA ILE D 204 2.61 -0.76 11.65
C ILE D 204 1.95 -1.39 12.87
N ILE D 205 2.12 -2.70 13.02
CA ILE D 205 1.40 -3.48 14.03
C ILE D 205 2.39 -4.29 14.88
N PRO D 206 2.57 -3.92 16.17
CA PRO D 206 3.37 -4.73 17.07
C PRO D 206 2.78 -6.13 17.20
N SER D 207 3.65 -7.13 17.20
CA SER D 207 3.22 -8.51 17.11
C SER D 207 4.20 -9.37 17.91
N SER D 208 3.70 -10.46 18.47
CA SER D 208 4.54 -11.37 19.26
C SER D 208 5.17 -12.42 18.37
N THR D 209 6.41 -12.78 18.70
CA THR D 209 7.15 -13.89 18.08
C THR D 209 7.74 -14.72 19.21
N GLY D 210 7.92 -16.01 18.96
CA GLY D 210 8.73 -16.85 19.83
C GLY D 210 10.01 -17.31 19.14
N ALA D 211 10.30 -16.74 17.98
CA ALA D 211 11.46 -17.13 17.17
C ALA D 211 12.80 -17.01 17.90
N ALA D 212 12.96 -15.93 18.65
CA ALA D 212 14.24 -15.67 19.32
C ALA D 212 14.48 -16.67 20.46
N LYS D 213 13.42 -16.98 21.20
CA LYS D 213 13.45 -18.06 22.17
C LYS D 213 13.65 -19.44 21.51
N ALA D 214 12.97 -19.68 20.38
CA ALA D 214 13.12 -20.94 19.64
C ALA D 214 14.56 -21.21 19.17
N VAL D 215 15.32 -20.14 18.91
CA VAL D 215 16.73 -20.27 18.57
C VAL D 215 17.50 -20.97 19.73
N GLY D 216 17.09 -20.73 20.96
CA GLY D 216 17.68 -21.37 22.14
C GLY D 216 17.38 -22.85 22.24
N LYS D 217 16.39 -23.31 21.47
CA LYS D 217 16.09 -24.73 21.37
C LYS D 217 16.98 -25.42 20.35
N VAL D 218 17.20 -24.78 19.20
CA VAL D 218 17.99 -25.42 18.15
C VAL D 218 19.51 -25.18 18.35
N ILE D 219 19.84 -24.12 19.10
CA ILE D 219 21.21 -23.83 19.58
C ILE D 219 21.12 -23.74 21.11
N PRO D 220 21.29 -24.89 21.80
CA PRO D 220 21.04 -24.98 23.25
C PRO D 220 21.87 -24.04 24.12
N GLU D 221 23.08 -23.69 23.67
CA GLU D 221 23.93 -22.74 24.39
C GLU D 221 23.29 -21.34 24.48
N LEU D 222 22.37 -21.06 23.55
CA LEU D 222 21.66 -19.78 23.50
C LEU D 222 20.34 -19.79 24.24
N ASN D 223 19.99 -20.93 24.82
CA ASN D 223 18.76 -21.03 25.62
C ASN D 223 18.73 -20.02 26.76
N GLY D 224 17.71 -19.18 26.78
CA GLY D 224 17.55 -18.15 27.84
C GLY D 224 18.26 -16.84 27.54
N LYS D 225 18.95 -16.78 26.41
CA LYS D 225 19.81 -15.63 26.11
C LYS D 225 19.26 -14.74 25.01
N LEU D 226 18.11 -15.11 24.44
CA LEU D 226 17.47 -14.33 23.39
C LEU D 226 15.99 -14.25 23.60
N THR D 227 15.43 -13.07 23.38
CA THR D 227 14.01 -12.96 23.14
C THR D 227 13.75 -11.85 22.11
N GLY D 228 12.50 -11.56 21.81
CA GLY D 228 12.23 -10.52 20.84
C GLY D 228 10.78 -10.33 20.51
N MET D 229 10.55 -9.58 19.44
CA MET D 229 9.19 -9.31 18.97
C MET D 229 9.18 -8.94 17.49
N ALA D 230 8.02 -8.52 17.00
CA ALA D 230 7.83 -8.25 15.59
C ALA D 230 7.05 -6.97 15.38
N PHE D 231 7.25 -6.37 14.21
CA PHE D 231 6.31 -5.37 13.69
C PHE D 231 5.81 -5.86 12.35
N ARG D 232 4.50 -6.03 12.22
CA ARG D 232 3.88 -6.32 10.94
C ARG D 232 3.68 -5.02 10.14
N VAL D 233 4.15 -4.99 8.90
CA VAL D 233 4.07 -3.78 8.08
C VAL D 233 3.42 -4.04 6.73
N PRO D 234 2.96 -2.97 6.04
CA PRO D 234 2.22 -3.15 4.78
C PRO D 234 3.04 -3.58 3.56
N THR D 235 3.82 -4.65 3.70
CA THR D 235 4.44 -5.30 2.54
C THR D 235 3.93 -6.73 2.42
N PRO D 236 3.83 -7.26 1.19
CA PRO D 236 3.21 -8.57 0.94
C PRO D 236 4.12 -9.78 1.13
N ASN D 237 5.42 -9.55 1.08
CA ASN D 237 6.39 -10.61 1.28
C ASN D 237 7.74 -10.00 1.59
N VAL D 238 8.58 -10.80 2.26
CA VAL D 238 9.95 -10.45 2.66
C VAL D 238 9.96 -9.73 3.97
N SER D 239 10.79 -10.22 4.88
CA SER D 239 10.91 -9.66 6.20
C SER D 239 12.39 -9.48 6.52
N VAL D 240 12.67 -8.93 7.68
CA VAL D 240 14.04 -8.62 8.06
C VAL D 240 14.17 -8.78 9.57
N VAL D 241 15.22 -9.46 10.04
CA VAL D 241 15.49 -9.44 11.47
C VAL D 241 16.54 -8.40 11.83
N ASP D 242 16.33 -7.84 13.00
CA ASP D 242 17.11 -6.76 13.54
C ASP D 242 17.52 -7.28 14.92
N LEU D 243 18.74 -7.81 14.99
CA LEU D 243 19.27 -8.43 16.21
C LEU D 243 20.25 -7.55 16.95
N THR D 244 19.87 -7.14 18.15
CA THR D 244 20.72 -6.36 19.04
C THR D 244 21.36 -7.29 20.08
N CYS D 245 22.66 -7.50 20.00
CA CYS D 245 23.31 -8.42 20.93
C CYS D 245 24.60 -7.92 21.58
N ARG D 246 24.85 -8.43 22.79
CA ARG D 246 26.07 -8.21 23.53
C ARG D 246 26.98 -9.39 23.29
N LEU D 247 28.21 -9.12 22.88
CA LEU D 247 29.16 -10.19 22.59
C LEU D 247 30.15 -10.42 23.75
N ALA D 248 30.52 -11.67 23.99
CA ALA D 248 31.47 -12.01 25.06
C ALA D 248 32.89 -11.57 24.69
N GLN D 249 33.30 -11.87 23.46
N GLN D 249 33.30 -11.84 23.46
CA GLN D 249 34.60 -11.44 22.92
CA GLN D 249 34.61 -11.43 22.97
C GLN D 249 34.42 -10.16 22.11
C GLN D 249 34.46 -10.18 22.09
N PRO D 250 35.33 -9.17 22.31
CA PRO D 250 35.36 -7.96 21.50
C PRO D 250 35.41 -8.29 20.02
N ALA D 251 34.60 -7.61 19.23
CA ALA D 251 34.51 -7.89 17.81
C ALA D 251 34.23 -6.63 17.02
N SER D 252 35.23 -6.20 16.24
CA SER D 252 35.06 -5.09 15.31
C SER D 252 34.00 -5.47 14.30
N TYR D 253 33.39 -4.48 13.67
CA TYR D 253 32.37 -4.80 12.69
C TYR D 253 32.96 -5.52 11.47
N THR D 254 34.25 -5.27 11.20
CA THR D 254 34.96 -5.98 10.14
C THR D 254 35.14 -7.47 10.48
N ALA D 255 35.47 -7.75 11.73
CA ALA D 255 35.58 -9.15 12.16
C ALA D 255 34.22 -9.85 11.98
N ILE D 256 33.15 -9.21 12.44
CA ILE D 256 31.79 -9.74 12.29
C ILE D 256 31.50 -10.07 10.83
N LYS D 257 31.72 -9.09 9.96
CA LYS D 257 31.52 -9.23 8.52
C LYS D 257 32.31 -10.39 7.90
N GLU D 258 33.55 -10.57 8.35
CA GLU D 258 34.38 -11.66 7.84
C GLU D 258 33.89 -13.03 8.31
N ALA D 259 33.42 -13.11 9.55
CA ALA D 259 32.84 -14.36 10.05
C ALA D 259 31.58 -14.75 9.24
N VAL D 260 30.74 -13.78 8.92
CA VAL D 260 29.50 -14.09 8.20
C VAL D 260 29.81 -14.54 6.77
N LYS D 261 30.70 -13.80 6.11
CA LYS D 261 31.20 -14.12 4.76
C LYS D 261 31.74 -15.54 4.66
N ALA D 262 32.62 -15.90 5.59
CA ALA D 262 33.20 -17.25 5.63
C ALA D 262 32.12 -18.31 5.76
N ALA D 263 31.20 -18.13 6.70
CA ALA D 263 30.10 -19.11 6.87
C ALA D 263 29.28 -19.22 5.59
N ALA D 264 28.96 -18.05 5.02
CA ALA D 264 28.18 -17.96 3.78
C ALA D 264 28.84 -18.64 2.58
N LYS D 265 30.16 -18.50 2.48
CA LYS D 265 30.93 -19.07 1.38
C LYS D 265 31.18 -20.56 1.59
N GLY D 266 31.16 -20.97 2.86
CA GLY D 266 31.50 -22.35 3.22
C GLY D 266 30.37 -23.24 3.72
N PRO D 267 30.34 -23.52 5.04
CA PRO D 267 29.43 -24.50 5.61
C PRO D 267 27.93 -24.12 5.57
N MET D 268 27.63 -22.84 5.34
CA MET D 268 26.23 -22.39 5.33
C MET D 268 25.78 -21.91 3.95
N ALA D 269 26.55 -22.27 2.93
CA ALA D 269 26.21 -21.90 1.55
C ALA D 269 24.78 -22.33 1.23
N GLY D 270 24.02 -21.43 0.61
CA GLY D 270 22.61 -21.71 0.27
C GLY D 270 21.64 -21.44 1.41
N ILE D 271 22.17 -21.31 2.63
CA ILE D 271 21.38 -21.01 3.82
C ILE D 271 21.59 -19.57 4.26
N LEU D 272 22.84 -19.23 4.57
CA LEU D 272 23.22 -17.87 4.95
C LEU D 272 23.92 -17.22 3.78
N ALA D 273 23.49 -16.01 3.42
CA ALA D 273 24.13 -15.25 2.38
C ALA D 273 24.65 -13.94 2.98
N TYR D 274 25.48 -13.26 2.21
CA TYR D 274 26.13 -12.06 2.68
C TYR D 274 26.10 -11.05 1.55
N THR D 275 25.70 -9.81 1.86
CA THR D 275 25.67 -8.75 0.87
C THR D 275 26.21 -7.46 1.46
N GLU D 276 26.79 -6.62 0.60
CA GLU D 276 27.20 -5.26 0.98
C GLU D 276 26.47 -4.25 0.11
N ASP D 277 25.53 -4.72 -0.70
CA ASP D 277 24.81 -3.83 -1.59
C ASP D 277 23.73 -3.04 -0.86
N GLN D 278 23.27 -1.98 -1.52
CA GLN D 278 22.26 -1.08 -0.99
C GLN D 278 20.86 -1.64 -1.25
N VAL D 279 20.61 -2.80 -0.65
CA VAL D 279 19.40 -3.57 -0.93
C VAL D 279 18.18 -3.08 -0.15
N VAL D 280 17.01 -3.45 -0.65
CA VAL D 280 15.74 -3.24 0.03
C VAL D 280 14.97 -4.57 0.01
N SER D 281 13.79 -4.61 0.63
CA SER D 281 13.06 -5.88 0.78
C SER D 281 12.76 -6.61 -0.53
N THR D 282 12.32 -5.88 -1.55
CA THR D 282 11.97 -6.52 -2.83
C THR D 282 13.17 -7.18 -3.51
N ASP D 283 14.38 -6.81 -3.09
CA ASP D 283 15.58 -7.45 -3.60
C ASP D 283 15.69 -8.93 -3.18
N PHE D 284 14.88 -9.33 -2.20
CA PHE D 284 14.90 -10.71 -1.75
C PHE D 284 13.60 -11.47 -1.95
N ASN D 285 12.67 -10.85 -2.68
CA ASN D 285 11.47 -11.55 -3.12
C ASN D 285 11.93 -12.65 -4.10
N GLY D 286 11.74 -13.90 -3.71
CA GLY D 286 12.13 -15.03 -4.56
C GLY D 286 13.54 -15.50 -4.28
N ASP D 287 14.11 -15.02 -3.17
CA ASP D 287 15.44 -15.48 -2.78
C ASP D 287 15.32 -16.76 -1.96
N SER D 288 16.09 -17.78 -2.37
CA SER D 288 16.08 -19.11 -1.71
C SER D 288 16.80 -19.22 -0.36
N HIS D 289 17.60 -18.21 0.01
CA HIS D 289 18.33 -18.25 1.29
C HIS D 289 17.43 -18.10 2.54
N SER D 290 17.86 -18.71 3.63
CA SER D 290 17.19 -18.53 4.92
C SER D 290 17.46 -17.17 5.54
N SER D 291 18.62 -16.60 5.23
CA SER D 291 19.12 -15.43 5.94
C SER D 291 20.12 -14.76 5.00
N ILE D 292 19.88 -13.50 4.66
CA ILE D 292 20.85 -12.73 3.87
C ILE D 292 21.32 -11.56 4.73
N PHE D 293 22.56 -11.66 5.22
CA PHE D 293 23.13 -10.64 6.10
C PHE D 293 23.36 -9.34 5.34
N ASP D 294 22.84 -8.25 5.88
CA ASP D 294 22.93 -6.94 5.26
C ASP D 294 24.04 -6.16 5.98
N ALA D 295 25.24 -6.17 5.40
CA ALA D 295 26.43 -5.67 6.09
C ALA D 295 26.35 -4.17 6.34
N LYS D 296 25.83 -3.42 5.37
CA LYS D 296 25.78 -1.96 5.46
C LYS D 296 24.61 -1.41 6.28
N ALA D 297 23.57 -2.20 6.52
CA ALA D 297 22.43 -1.75 7.31
C ALA D 297 22.69 -1.85 8.82
N GLY D 298 23.58 -2.76 9.21
CA GLY D 298 23.92 -2.96 10.62
C GLY D 298 24.75 -1.84 11.23
N ILE D 299 24.82 -1.80 12.55
CA ILE D 299 25.59 -0.76 13.25
C ILE D 299 26.09 -1.27 14.59
N ALA D 300 27.32 -0.94 14.93
CA ALA D 300 27.90 -1.24 16.24
C ALA D 300 28.07 0.03 17.08
N LEU D 301 27.76 -0.07 18.37
CA LEU D 301 28.10 1.02 19.30
C LEU D 301 29.54 0.84 19.77
N ASN D 302 29.93 -0.40 20.04
CA ASN D 302 31.30 -0.74 20.45
C ASN D 302 31.62 -2.18 20.06
N ASP D 303 32.80 -2.67 20.45
CA ASP D 303 33.18 -4.04 20.08
C ASP D 303 32.37 -5.17 20.75
N ASN D 304 31.45 -4.79 21.62
CA ASN D 304 30.65 -5.79 22.34
C ASN D 304 29.14 -5.58 22.24
N PHE D 305 28.71 -4.54 21.51
CA PHE D 305 27.30 -4.17 21.46
C PHE D 305 26.92 -3.71 20.06
N VAL D 306 26.25 -4.62 19.33
CA VAL D 306 26.04 -4.48 17.89
C VAL D 306 24.58 -4.79 17.49
N LYS D 307 24.15 -4.16 16.41
CA LYS D 307 22.86 -4.42 15.81
C LYS D 307 23.13 -5.01 14.44
N LEU D 308 22.64 -6.23 14.23
CA LEU D 308 22.83 -6.96 12.97
C LEU D 308 21.50 -7.09 12.22
N VAL D 309 21.58 -7.07 10.89
CA VAL D 309 20.39 -7.03 10.03
C VAL D 309 20.50 -8.14 8.99
N SER D 310 19.46 -8.97 8.90
CA SER D 310 19.43 -10.06 7.94
C SER D 310 18.05 -10.20 7.32
N TRP D 311 18.02 -10.40 6.01
CA TRP D 311 16.77 -10.46 5.27
C TRP D 311 16.30 -11.88 5.06
N TYR D 312 15.00 -12.05 4.82
CA TYR D 312 14.45 -13.36 4.47
C TYR D 312 13.13 -13.26 3.75
N ASP D 313 13.01 -14.05 2.69
CA ASP D 313 11.76 -14.26 1.99
C ASP D 313 11.00 -15.29 2.84
N ASN D 314 10.08 -14.78 3.65
CA ASN D 314 9.34 -15.62 4.60
C ASN D 314 8.47 -16.68 3.92
N GLU D 315 8.16 -16.49 2.64
CA GLU D 315 7.30 -17.41 1.88
C GLU D 315 8.12 -18.43 1.10
N TYR D 316 8.95 -17.92 0.20
CA TYR D 316 9.67 -18.75 -0.78
C TYR D 316 11.00 -19.28 -0.23
N GLY D 317 11.73 -18.48 0.54
CA GLY D 317 12.92 -18.93 1.26
C GLY D 317 12.58 -20.05 2.24
N TYR D 318 11.50 -19.86 2.98
CA TYR D 318 11.05 -20.89 3.92
C TYR D 318 10.61 -22.18 3.21
N SER D 319 9.92 -22.04 2.09
CA SER D 319 9.51 -23.20 1.30
C SER D 319 10.71 -24.01 0.77
N HIS D 320 11.78 -23.31 0.37
CA HIS D 320 13.03 -23.96 -0.01
C HIS D 320 13.57 -24.81 1.14
N ARG D 321 13.45 -24.30 2.34
CA ARG D 321 13.92 -25.00 3.51
C ARG D 321 13.05 -26.20 3.89
N VAL D 322 11.75 -26.09 3.70
CA VAL D 322 10.86 -27.25 3.85
C VAL D 322 11.34 -28.38 2.94
N VAL D 323 11.58 -28.05 1.67
CA VAL D 323 12.02 -29.03 0.67
C VAL D 323 13.42 -29.56 0.97
N ASP D 324 14.35 -28.68 1.36
CA ASP D 324 15.69 -29.11 1.77
C ASP D 324 15.63 -30.13 2.92
N LEU D 325 14.76 -29.85 3.89
CA LEU D 325 14.60 -30.70 5.08
C LEU D 325 14.01 -32.07 4.76
N LEU D 326 12.95 -32.10 3.96
CA LEU D 326 12.39 -33.40 3.59
C LEU D 326 13.39 -34.24 2.74
N ARG D 327 14.15 -33.58 1.87
CA ARG D 327 15.21 -34.26 1.11
C ARG D 327 16.33 -34.79 2.03
N TYR D 328 16.70 -34.00 3.03
CA TYR D 328 17.69 -34.44 4.01
C TYR D 328 17.18 -35.62 4.82
N MET D 329 15.92 -35.53 5.27
CA MET D 329 15.29 -36.58 6.05
C MET D 329 15.23 -37.87 5.24
N PHE D 330 14.85 -37.77 3.97
CA PHE D 330 14.82 -38.93 3.08
C PHE D 330 16.21 -39.56 2.91
N SER D 331 17.24 -38.71 2.83
CA SER D 331 18.62 -39.20 2.74
C SER D 331 19.04 -39.99 3.98
N ARG D 332 18.35 -39.77 5.09
CA ARG D 332 18.66 -40.47 6.35
C ARG D 332 17.90 -41.79 6.57
N GLU D 333 17.01 -42.18 5.66
CA GLU D 333 16.30 -43.47 5.81
C GLU D 333 17.32 -44.62 5.86
N LYS D 334 17.20 -45.50 6.85
CA LYS D 334 18.15 -46.62 7.01
C LYS D 334 17.89 -47.75 6.01
#